data_3PVZ
#
_entry.id   3PVZ
#
_cell.length_a   69.920
_cell.length_b   74.837
_cell.length_c   88.789
_cell.angle_alpha   102.710
_cell.angle_beta   95.150
_cell.angle_gamma   100.350
#
_symmetry.space_group_name_H-M   'P 1'
#
loop_
_entity.id
_entity.type
_entity.pdbx_description
1 polymer 'UDP-N-acetylglucosamine 4,6-dehydratase'
2 non-polymer NICOTINAMIDE-ADENINE-DINUCLEOTIDE
3 non-polymer 'THIOCYANATE ION'
4 non-polymer 'SODIUM ION'
5 water water
#
_entity_poly.entity_id   1
_entity_poly.type   'polypeptide(L)'
_entity_poly.pdbx_seq_one_letter_code
;SNA(MSE)NSILSLIGRDTELFHQDINANEKELQSVVSQSRFLVLGGAGSIGQAVTKEIFKRNPQKLHVVDISENN
(MSE)VELVRDIRSSFGYINGDFQTFALDIGSIEYDAFIKADGQYDYVLNLSALKHVRSEKDPFTL(MSE)R(MSE)IDV
NVFNTDKTIQQSIDAGAKKYFCVSTDKAANPVN(MSE)(MSE)GASKRI(MSE)E(MSE)FL(MSE)RKSEEIAISTARF
ANVAFSDGSLLHGFNQRIQKNQPIVAPNDIKRYFVTPQESGELCL(MSE)SCIFGENRDIFFPKLSEALHLISFADIAVK
YLKQLGYEPHLCESEDEARELAKTLPAQGKWPCLFTSSDTTGEKDFEEFFTDKETLD(MSE)ARFDNLGIIKNDSLYQQE
LLELFEQKIGQ(MSE)KTDRQWTKEEIVQLFFI(MSE)IPDFGHKETGKYLDSK(MSE)
;
_entity_poly.pdbx_strand_id   A,B,C,D
#
loop_
_chem_comp.id
_chem_comp.type
_chem_comp.name
_chem_comp.formula
NA non-polymer 'SODIUM ION' 'Na 1'
NAD non-polymer NICOTINAMIDE-ADENINE-DINUCLEOTIDE 'C21 H27 N7 O14 P2'
SCN non-polymer 'THIOCYANATE ION' 'C N S -1'
#
# COMPACT_ATOMS: atom_id res chain seq x y z
N SER A 6 4.11 -18.79 28.03
CA SER A 6 4.75 -18.15 29.22
C SER A 6 3.76 -17.36 30.05
N ILE A 7 3.01 -16.46 29.41
CA ILE A 7 1.88 -15.83 30.10
C ILE A 7 0.94 -16.94 30.59
N LEU A 8 0.67 -17.94 29.73
CA LEU A 8 -0.17 -19.07 30.08
C LEU A 8 0.29 -19.75 31.35
N SER A 9 1.55 -20.17 31.39
CA SER A 9 2.05 -20.79 32.61
C SER A 9 1.84 -19.86 33.81
N LEU A 10 1.99 -18.55 33.65
CA LEU A 10 1.73 -17.63 34.77
C LEU A 10 0.29 -17.64 35.25
N ILE A 11 -0.67 -17.83 34.35
CA ILE A 11 -2.06 -17.82 34.77
C ILE A 11 -2.59 -19.23 34.97
N GLY A 12 -1.69 -20.15 35.34
CA GLY A 12 -2.09 -21.48 35.82
C GLY A 12 -2.77 -22.36 34.81
N ARG A 13 -2.40 -22.19 33.54
CA ARG A 13 -2.95 -22.96 32.43
C ARG A 13 -1.79 -23.33 31.53
N ASP A 14 -2.03 -24.24 30.59
CA ASP A 14 -0.98 -24.69 29.68
C ASP A 14 -1.46 -24.68 28.20
N THR A 15 -2.75 -24.44 27.98
CA THR A 15 -3.34 -24.47 26.64
C THR A 15 -4.26 -23.25 26.36
N GLU A 16 -4.28 -22.81 25.10
CA GLU A 16 -5.14 -21.71 24.66
C GLU A 16 -6.61 -22.03 24.92
N LEU A 17 -7.43 -20.99 25.11
CA LEU A 17 -8.87 -21.16 25.31
C LEU A 17 -9.68 -21.57 24.09
N PHE A 18 -9.37 -21.00 22.92
CA PHE A 18 -10.27 -21.12 21.77
C PHE A 18 -9.67 -21.94 20.61
N HIS A 19 -8.67 -22.73 20.92
CA HIS A 19 -8.00 -23.53 19.91
C HIS A 19 -8.99 -24.31 19.02
N GLN A 20 -10.04 -24.84 19.60
CA GLN A 20 -11.03 -25.59 18.81
C GLN A 20 -11.91 -24.71 17.90
N ASP A 21 -12.45 -23.61 18.44
CA ASP A 21 -13.26 -22.69 17.65
C ASP A 21 -12.48 -21.94 16.60
N ILE A 22 -11.28 -21.52 16.93
CA ILE A 22 -10.44 -20.87 15.97
C ILE A 22 -10.06 -21.83 14.82
N ASN A 23 -9.55 -23.02 15.16
CA ASN A 23 -9.17 -24.00 14.16
C ASN A 23 -10.33 -24.39 13.29
N ALA A 24 -11.48 -24.61 13.88
CA ALA A 24 -12.69 -24.97 13.13
C ALA A 24 -13.15 -23.88 12.15
N ASN A 25 -12.81 -22.61 12.41
CA ASN A 25 -13.32 -21.48 11.61
C ASN A 25 -12.23 -20.75 10.85
N GLU A 26 -11.01 -21.29 10.90
CA GLU A 26 -9.84 -20.61 10.38
C GLU A 26 -10.01 -20.32 8.90
N LYS A 27 -10.53 -21.29 8.15
CA LYS A 27 -10.58 -21.15 6.72
C LYS A 27 -11.51 -20.00 6.37
N GLU A 28 -12.64 -19.95 7.07
CA GLU A 28 -13.65 -18.91 6.81
C GLU A 28 -13.15 -17.59 7.32
N LEU A 29 -12.44 -17.59 8.44
CA LEU A 29 -11.83 -16.33 8.92
C LEU A 29 -10.91 -15.73 7.82
N GLN A 30 -10.11 -16.60 7.21
CA GLN A 30 -9.12 -16.17 6.24
C GLN A 30 -9.77 -15.69 4.96
N SER A 31 -10.83 -16.36 4.54
CA SER A 31 -11.63 -15.92 3.41
C SER A 31 -12.22 -14.56 3.67
N VAL A 32 -12.84 -14.32 4.84
CA VAL A 32 -13.48 -13.04 5.13
C VAL A 32 -12.46 -11.89 5.25
N VAL A 33 -11.41 -12.08 6.02
CA VAL A 33 -10.43 -11.05 6.26
C VAL A 33 -9.74 -10.62 4.96
N SER A 34 -9.42 -11.61 4.13
CA SER A 34 -8.76 -11.33 2.86
C SER A 34 -9.62 -10.47 1.87
N GLN A 35 -10.94 -10.46 2.03
CA GLN A 35 -11.79 -9.62 1.18
C GLN A 35 -12.48 -8.49 1.93
N SER A 36 -11.98 -8.14 3.10
CA SER A 36 -12.67 -7.10 3.86
C SER A 36 -11.73 -6.03 4.33
N ARG A 37 -12.35 -4.89 4.57
CA ARG A 37 -11.73 -3.69 5.07
C ARG A 37 -12.03 -3.48 6.55
N PHE A 38 -11.01 -3.15 7.33
CA PHE A 38 -11.14 -3.01 8.77
C PHE A 38 -10.63 -1.68 9.27
N LEU A 39 -11.37 -1.13 10.22
CA LEU A 39 -10.99 0.01 11.00
C LEU A 39 -10.93 -0.41 12.48
N VAL A 40 -9.81 -0.22 13.18
CA VAL A 40 -9.70 -0.53 14.59
C VAL A 40 -9.39 0.72 15.34
N LEU A 41 -10.35 1.13 16.15
CA LEU A 41 -10.23 2.26 17.02
C LEU A 41 -9.74 1.81 18.38
N GLY A 42 -8.89 2.61 18.97
CA GLY A 42 -8.17 2.22 20.17
C GLY A 42 -7.28 1.04 19.88
N GLY A 43 -6.79 1.00 18.65
CA GLY A 43 -6.04 -0.16 18.21
C GLY A 43 -4.63 -0.22 18.73
N ALA A 44 -4.12 0.83 19.37
CA ALA A 44 -2.81 0.74 20.06
C ALA A 44 -2.93 0.25 21.51
N GLY A 45 -4.14 -0.01 21.96
CA GLY A 45 -4.38 -0.38 23.35
C GLY A 45 -4.15 -1.87 23.49
N SER A 46 -4.36 -2.39 24.69
CA SER A 46 -4.03 -3.80 24.95
C SER A 46 -4.91 -4.75 24.17
N ILE A 47 -6.23 -4.66 24.28
CA ILE A 47 -7.06 -5.52 23.42
C ILE A 47 -6.99 -5.06 21.92
N GLY A 48 -6.91 -3.75 21.69
CA GLY A 48 -6.80 -3.20 20.34
C GLY A 48 -5.68 -3.82 19.55
N GLN A 49 -4.49 -3.81 20.10
CA GLN A 49 -3.36 -4.38 19.40
C GLN A 49 -3.59 -5.84 19.16
N ALA A 50 -4.16 -6.54 20.10
CA ALA A 50 -4.27 -7.98 19.95
C ALA A 50 -5.18 -8.29 18.80
N VAL A 51 -6.29 -7.57 18.69
CA VAL A 51 -7.23 -7.89 17.63
C VAL A 51 -6.67 -7.40 16.28
N THR A 52 -5.85 -6.36 16.31
CA THR A 52 -5.21 -5.83 15.09
C THR A 52 -4.24 -6.87 14.52
N LYS A 53 -3.51 -7.51 15.41
CA LYS A 53 -2.61 -8.61 15.01
C LYS A 53 -3.45 -9.79 14.51
N GLU A 54 -4.51 -10.17 15.21
CA GLU A 54 -5.34 -11.22 14.67
C GLU A 54 -5.82 -10.96 13.26
N ILE A 55 -6.09 -9.72 12.93
CA ILE A 55 -6.55 -9.36 11.59
C ILE A 55 -5.34 -9.39 10.64
N PHE A 56 -4.28 -8.70 11.02
CA PHE A 56 -3.12 -8.56 10.17
C PHE A 56 -2.56 -9.91 9.67
N LYS A 57 -2.47 -10.90 10.54
CA LYS A 57 -1.84 -12.19 10.20
C LYS A 57 -2.70 -12.98 9.22
N ARG A 58 -3.97 -12.58 9.07
CA ARG A 58 -4.88 -13.23 8.11
C ARG A 58 -5.04 -12.42 6.80
N ASN A 59 -4.08 -11.50 6.60
CA ASN A 59 -3.82 -10.83 5.33
C ASN A 59 -5.01 -10.03 4.77
N PRO A 60 -5.44 -8.99 5.49
CA PRO A 60 -6.63 -8.22 5.21
C PRO A 60 -6.48 -7.27 4.00
N GLN A 61 -7.60 -6.91 3.36
CA GLN A 61 -7.55 -6.06 2.17
C GLN A 61 -7.15 -4.67 2.61
N LYS A 62 -7.66 -4.28 3.76
CA LYS A 62 -7.55 -2.93 4.30
C LYS A 62 -7.63 -3.05 5.83
N LEU A 63 -6.65 -2.43 6.50
CA LEU A 63 -6.60 -2.35 7.92
C LEU A 63 -6.01 -1.02 8.39
N HIS A 64 -6.88 -0.21 8.97
CA HIS A 64 -6.52 1.10 9.47
C HIS A 64 -6.67 1.11 10.97
N VAL A 65 -5.58 1.52 11.66
CA VAL A 65 -5.53 1.57 13.11
C VAL A 65 -5.52 3.02 13.60
N VAL A 66 -6.35 3.36 14.56
CA VAL A 66 -6.43 4.74 15.09
C VAL A 66 -6.35 4.79 16.61
N ASP A 67 -5.48 5.61 17.18
CA ASP A 67 -5.33 5.67 18.63
C ASP A 67 -4.59 6.93 18.96
N ILE A 68 -4.83 7.47 20.13
CA ILE A 68 -4.19 8.72 20.48
C ILE A 68 -2.76 8.50 20.85
N SER A 69 -2.37 7.28 21.24
CA SER A 69 -0.99 7.05 21.64
C SER A 69 -0.08 6.80 20.43
N GLU A 70 0.74 7.78 20.04
CA GLU A 70 1.72 7.58 18.95
C GLU A 70 2.80 6.65 19.39
N ASN A 71 3.19 6.74 20.67
CA ASN A 71 4.19 5.80 21.23
C ASN A 71 3.78 4.34 21.18
N ASN A 72 2.60 3.98 21.64
CA ASN A 72 2.15 2.59 21.58
C ASN A 72 1.87 2.12 20.15
N MSE A 73 1.47 3.05 19.30
CA MSE A 73 1.39 2.69 17.88
C MSE A 73 2.75 2.25 17.27
O MSE A 73 2.85 1.28 16.51
CB MSE A 73 0.80 3.84 17.08
CG MSE A 73 0.39 3.43 15.75
SE MSE A 73 -1.35 2.58 15.85
CE MSE A 73 -2.35 4.25 15.90
N VAL A 74 3.81 2.97 17.60
CA VAL A 74 5.13 2.57 17.14
C VAL A 74 5.44 1.17 17.62
N GLU A 75 5.14 0.87 18.88
CA GLU A 75 5.30 -0.49 19.36
C GLU A 75 4.44 -1.54 18.60
N LEU A 76 3.20 -1.20 18.25
CA LEU A 76 2.34 -2.13 17.53
C LEU A 76 2.92 -2.46 16.18
N VAL A 77 3.34 -1.43 15.48
CA VAL A 77 3.97 -1.65 14.16
C VAL A 77 5.28 -2.48 14.27
N ARG A 78 6.17 -2.16 15.22
CA ARG A 78 7.41 -2.94 15.38
CA ARG A 78 7.42 -2.95 15.45
C ARG A 78 7.12 -4.41 15.68
N ASP A 79 6.21 -4.68 16.59
CA ASP A 79 5.74 -6.02 16.86
C ASP A 79 5.17 -6.72 15.59
N ILE A 80 4.34 -6.01 14.83
CA ILE A 80 3.76 -6.58 13.63
C ILE A 80 4.89 -6.87 12.62
N ARG A 81 5.83 -5.95 12.48
CA ARG A 81 6.91 -6.15 11.51
C ARG A 81 7.72 -7.40 11.85
N SER A 82 8.04 -7.60 13.12
CA SER A 82 8.88 -8.75 13.45
C SER A 82 8.10 -10.06 13.54
N SER A 83 6.85 -10.01 13.95
CA SER A 83 6.03 -11.19 13.97
C SER A 83 5.58 -11.64 12.58
N PHE A 84 5.12 -10.71 11.74
CA PHE A 84 4.39 -11.09 10.51
C PHE A 84 4.97 -10.53 9.26
N GLY A 85 5.69 -9.43 9.35
CA GLY A 85 6.26 -8.83 8.16
C GLY A 85 5.26 -7.86 7.51
N TYR A 86 5.05 -8.02 6.21
CA TYR A 86 4.31 -7.06 5.39
C TYR A 86 3.24 -7.77 4.60
N ILE A 87 2.21 -7.00 4.24
CA ILE A 87 1.12 -7.45 3.41
C ILE A 87 0.95 -6.52 2.22
N ASN A 88 0.16 -6.95 1.23
CA ASN A 88 0.00 -6.15 -0.02
C ASN A 88 -1.07 -5.09 0.17
N GLY A 89 -1.95 -5.34 1.12
CA GLY A 89 -3.16 -4.53 1.37
C GLY A 89 -2.85 -3.24 2.08
N ASP A 90 -3.91 -2.50 2.38
CA ASP A 90 -3.79 -1.13 2.75
C ASP A 90 -3.73 -1.09 4.28
N PHE A 91 -2.51 -1.18 4.81
CA PHE A 91 -2.25 -1.10 6.25
C PHE A 91 -1.69 0.28 6.61
N GLN A 92 -2.40 1.01 7.47
CA GLN A 92 -1.97 2.34 7.90
C GLN A 92 -2.44 2.63 9.32
N THR A 93 -1.65 3.45 10.01
CA THR A 93 -1.92 3.83 11.35
C THR A 93 -2.02 5.37 11.43
N PHE A 94 -2.82 5.88 12.35
CA PHE A 94 -3.19 7.27 12.45
C PHE A 94 -3.33 7.56 13.92
N ALA A 95 -2.50 8.47 14.43
CA ALA A 95 -2.50 8.79 15.87
C ALA A 95 -3.51 9.89 16.14
N LEU A 96 -4.78 9.56 16.02
CA LEU A 96 -5.85 10.53 16.10
C LEU A 96 -6.74 10.23 17.33
N ASP A 97 -7.30 11.29 17.89
CA ASP A 97 -8.29 11.24 18.89
C ASP A 97 -9.65 11.19 18.18
N ILE A 98 -10.45 10.21 18.52
CA ILE A 98 -11.71 9.94 17.81
C ILE A 98 -12.72 11.11 17.98
N GLY A 99 -12.61 11.86 19.06
CA GLY A 99 -13.45 13.03 19.29
C GLY A 99 -13.13 14.29 18.49
N SER A 100 -12.14 14.26 17.61
CA SER A 100 -11.61 15.49 17.05
C SER A 100 -12.05 15.78 15.62
N ILE A 101 -11.86 17.04 15.23
CA ILE A 101 -12.05 17.52 13.84
CA ILE A 101 -12.10 17.45 13.84
C ILE A 101 -11.16 16.71 12.89
N GLU A 102 -9.92 16.42 13.35
CA GLU A 102 -8.99 15.67 12.56
C GLU A 102 -9.57 14.29 12.20
N TYR A 103 -10.09 13.59 13.20
CA TYR A 103 -10.68 12.29 13.01
C TYR A 103 -11.93 12.40 12.09
N ASP A 104 -12.69 13.46 12.23
CA ASP A 104 -13.92 13.61 11.43
C ASP A 104 -13.58 13.89 9.96
N ALA A 105 -12.46 14.58 9.76
CA ALA A 105 -11.98 14.88 8.42
C ALA A 105 -11.36 13.61 7.81
N PHE A 106 -10.77 12.75 8.64
CA PHE A 106 -10.27 11.43 8.20
C PHE A 106 -11.44 10.57 7.72
N ILE A 107 -12.54 10.58 8.44
CA ILE A 107 -13.74 9.81 8.03
C ILE A 107 -14.39 10.42 6.83
N LYS A 108 -14.49 11.73 6.76
CA LYS A 108 -15.10 12.37 5.57
C LYS A 108 -14.30 12.07 4.27
N ALA A 109 -12.96 12.05 4.37
CA ALA A 109 -12.16 11.78 3.21
C ALA A 109 -12.27 10.31 2.80
N ASP A 110 -12.48 9.42 3.75
CA ASP A 110 -12.46 7.98 3.48
C ASP A 110 -13.60 7.33 4.10
N GLY A 111 -13.42 6.77 5.31
CA GLY A 111 -14.51 6.07 6.02
C GLY A 111 -15.08 4.77 5.45
N GLN A 112 -14.50 4.27 4.40
CA GLN A 112 -14.99 3.09 3.69
C GLN A 112 -14.40 1.84 4.30
N TYR A 113 -15.19 1.19 5.16
CA TYR A 113 -14.78 -0.01 5.91
C TYR A 113 -15.92 -1.00 5.93
N ASP A 114 -15.62 -2.29 6.04
CA ASP A 114 -16.68 -3.30 6.16
C ASP A 114 -16.93 -3.55 7.65
N TYR A 115 -15.85 -3.53 8.44
CA TYR A 115 -15.90 -3.86 9.83
C TYR A 115 -15.18 -2.79 10.62
N VAL A 116 -15.88 -2.25 11.61
CA VAL A 116 -15.33 -1.19 12.46
C VAL A 116 -15.30 -1.74 13.89
N LEU A 117 -14.12 -1.77 14.51
CA LEU A 117 -13.92 -2.32 15.85
C LEU A 117 -13.48 -1.20 16.78
N ASN A 118 -14.18 -1.01 17.88
CA ASN A 118 -13.87 0.05 18.84
C ASN A 118 -13.41 -0.55 20.15
N LEU A 119 -12.10 -0.50 20.38
CA LEU A 119 -11.51 -0.96 21.61
C LEU A 119 -10.95 0.26 22.33
N SER A 120 -11.50 1.44 22.07
CA SER A 120 -11.04 2.64 22.75
C SER A 120 -11.94 2.86 23.97
N ALA A 121 -11.39 3.47 25.00
CA ALA A 121 -12.10 3.70 26.30
C ALA A 121 -11.23 4.44 27.26
N LEU A 122 -11.90 5.01 28.26
CA LEU A 122 -11.32 5.26 29.56
C LEU A 122 -11.87 4.17 30.46
N LYS A 123 -10.97 3.45 31.14
CA LYS A 123 -11.37 2.23 31.84
C LYS A 123 -11.05 2.19 33.33
N HIS A 124 -10.23 3.13 33.85
CA HIS A 124 -9.84 3.11 35.27
C HIS A 124 -10.91 3.66 36.16
N VAL A 125 -11.32 2.86 37.12
CA VAL A 125 -12.40 3.20 38.05
C VAL A 125 -12.18 4.59 38.71
N ARG A 126 -10.92 4.88 39.00
CA ARG A 126 -10.50 6.13 39.62
CA ARG A 126 -10.53 6.14 39.63
C ARG A 126 -10.69 7.34 38.69
N SER A 127 -10.97 7.09 37.41
CA SER A 127 -11.24 8.19 36.50
C SER A 127 -12.54 8.89 36.89
N GLU A 128 -13.19 8.37 37.92
CA GLU A 128 -14.30 9.02 38.60
C GLU A 128 -13.98 10.16 39.54
N LYS A 129 -12.72 10.29 39.93
CA LYS A 129 -12.29 11.23 41.00
C LYS A 129 -13.00 12.54 40.91
N ASP A 130 -12.90 13.13 39.72
CA ASP A 130 -13.17 14.54 39.53
C ASP A 130 -14.14 14.70 38.40
N PRO A 131 -14.80 15.85 38.33
CA PRO A 131 -15.83 15.92 37.33
C PRO A 131 -15.27 16.07 35.89
N PHE A 132 -13.99 16.38 35.74
CA PHE A 132 -13.44 16.67 34.42
C PHE A 132 -13.03 15.36 33.75
N THR A 133 -12.32 14.51 34.47
CA THR A 133 -12.02 13.18 33.97
C THR A 133 -13.30 12.36 33.72
N LEU A 134 -14.29 12.53 34.58
CA LEU A 134 -15.57 11.84 34.45
C LEU A 134 -16.29 12.24 33.19
N MSE A 135 -16.24 13.52 32.86
CA MSE A 135 -16.88 14.01 31.63
C MSE A 135 -16.14 13.44 30.45
O MSE A 135 -16.77 13.02 29.49
CB MSE A 135 -16.89 15.53 31.55
CG MSE A 135 -17.49 16.13 30.31
SE MSE A 135 -19.33 15.66 30.12
CE MSE A 135 -20.06 17.20 31.14
N ARG A 136 -14.82 13.38 30.52
CA ARG A 136 -14.07 12.81 29.42
C ARG A 136 -14.42 11.33 29.18
N MSE A 137 -14.65 10.60 30.26
CA MSE A 137 -14.97 9.19 30.20
C MSE A 137 -16.32 9.02 29.54
O MSE A 137 -16.54 8.09 28.83
CB MSE A 137 -14.97 8.61 31.67
CG MSE A 137 -15.94 7.46 31.92
SE MSE A 137 -15.94 6.78 33.77
CE MSE A 137 -14.34 5.68 33.32
N ILE A 138 -17.22 9.94 29.81
CA ILE A 138 -18.53 9.93 29.16
C ILE A 138 -18.37 10.20 27.66
N ASP A 139 -17.46 11.11 27.30
CA ASP A 139 -17.26 11.51 25.90
C ASP A 139 -16.63 10.37 25.13
N VAL A 140 -15.59 9.79 25.73
CA VAL A 140 -14.88 8.66 25.12
C VAL A 140 -15.73 7.39 25.13
N ASN A 141 -16.43 7.08 26.24
CA ASN A 141 -17.06 5.79 26.28
C ASN A 141 -18.47 5.88 25.66
N VAL A 142 -19.20 6.98 25.81
CA VAL A 142 -20.58 7.06 25.25
C VAL A 142 -20.63 7.76 23.87
N PHE A 143 -20.29 9.05 23.85
CA PHE A 143 -20.49 9.88 22.67
C PHE A 143 -19.61 9.58 21.47
N ASN A 144 -18.34 9.23 21.69
CA ASN A 144 -17.48 8.82 20.60
C ASN A 144 -17.98 7.53 20.00
N THR A 145 -18.51 6.67 20.84
CA THR A 145 -18.97 5.38 20.36
C THR A 145 -20.19 5.60 19.49
N ASP A 146 -21.17 6.38 19.97
CA ASP A 146 -22.40 6.66 19.22
C ASP A 146 -22.05 7.35 17.89
N LYS A 147 -21.17 8.36 17.90
CA LYS A 147 -20.77 9.03 16.65
C LYS A 147 -20.08 8.09 15.64
N THR A 148 -19.13 7.27 16.08
CA THR A 148 -18.38 6.41 15.14
C THR A 148 -19.36 5.31 14.60
N ILE A 149 -20.31 4.89 15.40
CA ILE A 149 -21.36 4.02 14.84
C ILE A 149 -22.16 4.75 13.72
N GLN A 150 -22.55 5.99 13.96
CA GLN A 150 -23.31 6.77 12.95
C GLN A 150 -22.47 6.95 11.68
N GLN A 151 -21.15 7.20 11.85
CA GLN A 151 -20.29 7.35 10.72
C GLN A 151 -20.14 6.02 9.98
N SER A 152 -20.20 4.93 10.70
CA SER A 152 -20.16 3.62 10.07
C SER A 152 -21.46 3.31 9.28
N ILE A 153 -22.63 3.64 9.82
CA ILE A 153 -23.91 3.53 9.08
C ILE A 153 -23.85 4.37 7.81
N ASP A 154 -23.38 5.59 7.92
CA ASP A 154 -23.31 6.52 6.78
C ASP A 154 -22.43 6.00 5.64
N ALA A 155 -21.40 5.23 5.98
CA ALA A 155 -20.51 4.73 4.95
C ALA A 155 -20.92 3.34 4.48
N GLY A 156 -22.04 2.81 4.99
CA GLY A 156 -22.44 1.44 4.62
C GLY A 156 -21.60 0.28 5.18
N ALA A 157 -20.84 0.47 6.28
CA ALA A 157 -20.21 -0.66 7.01
C ALA A 157 -21.22 -1.75 7.31
N LYS A 158 -20.78 -2.98 7.39
CA LYS A 158 -21.73 -4.03 7.65
C LYS A 158 -21.82 -4.43 9.10
N LYS A 159 -20.81 -4.04 9.89
CA LYS A 159 -20.68 -4.51 11.26
C LYS A 159 -19.83 -3.59 12.11
N TYR A 160 -20.36 -3.29 13.28
CA TYR A 160 -19.63 -2.54 14.28
C TYR A 160 -19.47 -3.46 15.50
N PHE A 161 -18.29 -3.45 16.08
CA PHE A 161 -17.95 -4.27 17.20
C PHE A 161 -17.41 -3.37 18.27
N CYS A 162 -17.84 -3.64 19.50
CA CYS A 162 -17.24 -2.96 20.63
C CYS A 162 -17.42 -3.79 21.89
N VAL A 163 -16.96 -3.29 23.02
CA VAL A 163 -16.93 -4.08 24.25
CA VAL A 163 -16.93 -4.10 24.22
C VAL A 163 -18.20 -3.92 25.04
N SER A 164 -18.57 -4.96 25.78
CA SER A 164 -19.67 -4.87 26.73
C SER A 164 -19.18 -4.54 28.12
N THR A 165 -20.13 -4.19 28.99
CA THR A 165 -19.93 -4.14 30.44
C THR A 165 -19.26 -5.41 30.91
N ASP A 166 -18.30 -5.29 31.82
CA ASP A 166 -17.53 -6.47 32.29
C ASP A 166 -18.44 -7.54 32.91
N LYS A 167 -19.57 -7.13 33.49
CA LYS A 167 -20.47 -8.06 34.15
C LYS A 167 -21.94 -7.78 33.85
N ALA A 168 -22.74 -8.84 33.95
CA ALA A 168 -24.16 -8.75 33.67
C ALA A 168 -24.89 -7.98 34.79
N ALA A 169 -24.31 -8.01 35.99
CA ALA A 169 -24.93 -7.39 37.19
C ALA A 169 -24.94 -5.89 37.07
N ASN A 170 -25.83 -5.24 37.80
CA ASN A 170 -25.84 -3.79 37.91
C ASN A 170 -24.48 -3.19 38.18
N PRO A 171 -24.23 -2.00 37.59
CA PRO A 171 -22.96 -1.34 37.86
C PRO A 171 -22.93 -0.82 39.26
N VAL A 172 -21.73 -0.71 39.79
CA VAL A 172 -21.51 -0.26 41.15
C VAL A 172 -20.68 1.03 41.20
N ASN A 173 -20.03 1.38 40.08
CA ASN A 173 -19.23 2.60 39.97
C ASN A 173 -19.58 3.35 38.64
N MSE A 174 -19.06 4.55 38.43
CA MSE A 174 -19.45 5.40 37.27
C MSE A 174 -18.93 4.84 35.93
O MSE A 174 -19.51 5.09 34.88
CB MSE A 174 -18.99 6.85 37.44
CG MSE A 174 -19.48 7.56 38.71
SE MSE A 174 -21.36 7.73 38.64
CE MSE A 174 -21.47 9.27 37.42
N MSE A 175 -17.80 4.15 35.99
CA MSE A 175 -17.25 3.41 34.86
C MSE A 175 -18.27 2.47 34.25
O MSE A 175 -18.59 2.55 33.06
CB MSE A 175 -16.08 2.55 35.34
CG MSE A 175 -14.79 2.96 34.85
SE MSE A 175 -14.81 2.60 32.97
CE MSE A 175 -14.95 0.64 33.19
N GLY A 176 -18.76 1.57 35.10
CA GLY A 176 -19.71 0.58 34.70
C GLY A 176 -21.00 1.23 34.31
N ALA A 177 -21.40 2.28 35.01
CA ALA A 177 -22.59 3.03 34.59
C ALA A 177 -22.37 3.63 33.18
N SER A 178 -21.16 4.12 32.90
CA SER A 178 -20.91 4.74 31.60
C SER A 178 -21.03 3.69 30.51
N LYS A 179 -20.44 2.52 30.73
CA LYS A 179 -20.58 1.41 29.77
C LYS A 179 -22.05 0.95 29.69
N ARG A 180 -22.79 1.04 30.78
CA ARG A 180 -24.20 0.65 30.76
CA ARG A 180 -24.21 0.64 30.75
C ARG A 180 -25.03 1.66 29.96
N ILE A 181 -24.69 2.94 30.08
CA ILE A 181 -25.38 3.97 29.32
CA ILE A 181 -25.36 3.98 29.31
C ILE A 181 -25.01 3.81 27.85
N MSE A 182 -23.75 3.52 27.58
CA MSE A 182 -23.30 3.27 26.20
C MSE A 182 -24.14 2.20 25.49
O MSE A 182 -24.51 2.38 24.33
CB MSE A 182 -21.86 2.81 26.18
CG MSE A 182 -21.33 2.57 24.77
SE MSE A 182 -20.13 1.06 24.76
CE MSE A 182 -18.72 1.91 25.53
N GLU A 183 -24.38 1.09 26.19
CA GLU A 183 -25.19 -0.04 25.70
C GLU A 183 -26.60 0.42 25.28
N MSE A 184 -27.16 1.37 25.98
CA MSE A 184 -28.47 1.93 25.58
C MSE A 184 -28.35 2.60 24.20
O MSE A 184 -29.18 2.37 23.30
CB MSE A 184 -28.94 2.97 26.59
CG MSE A 184 -29.20 2.42 27.96
SE MSE A 184 -29.65 3.86 29.22
CE MSE A 184 -29.79 2.82 30.85
N PHE A 185 -27.31 3.41 24.02
CA PHE A 185 -27.05 4.06 22.74
C PHE A 185 -26.80 3.04 21.66
N LEU A 186 -26.06 1.99 22.02
CA LEU A 186 -25.75 0.88 21.12
C LEU A 186 -27.06 0.16 20.69
N MSE A 187 -27.97 -0.04 21.62
CA MSE A 187 -29.20 -0.70 21.29
C MSE A 187 -29.96 0.12 20.28
O MSE A 187 -30.54 -0.45 19.38
CB MSE A 187 -30.06 -1.00 22.54
CG MSE A 187 -29.59 -2.14 23.44
SE MSE A 187 -28.96 -3.83 22.59
CE MSE A 187 -27.01 -3.45 22.54
N ARG A 188 -29.95 1.45 20.37
CA ARG A 188 -30.67 2.28 19.40
C ARG A 188 -30.03 2.13 18.04
N LYS A 189 -28.70 2.21 18.01
CA LYS A 189 -27.94 2.06 16.75
C LYS A 189 -28.04 0.68 16.09
N SER A 190 -28.28 -0.34 16.89
CA SER A 190 -28.45 -1.68 16.39
C SER A 190 -29.75 -1.90 15.63
N GLU A 191 -30.68 -0.95 15.70
CA GLU A 191 -31.85 -0.94 14.78
C GLU A 191 -31.46 -0.49 13.34
N GLU A 192 -30.21 -0.04 13.12
CA GLU A 192 -29.76 0.38 11.79
C GLU A 192 -28.52 -0.32 11.26
N ILE A 193 -27.72 -0.93 12.12
CA ILE A 193 -26.55 -1.69 11.71
C ILE A 193 -26.36 -2.80 12.71
N ALA A 194 -25.88 -3.94 12.22
CA ALA A 194 -25.43 -5.04 13.04
C ALA A 194 -24.29 -4.63 14.02
N ILE A 195 -24.56 -4.78 15.32
CA ILE A 195 -23.60 -4.52 16.38
C ILE A 195 -23.41 -5.77 17.22
N SER A 196 -22.19 -6.20 17.44
CA SER A 196 -21.94 -7.29 18.37
C SER A 196 -20.83 -6.89 19.34
N THR A 197 -20.78 -7.51 20.52
CA THR A 197 -19.77 -7.15 21.51
C THR A 197 -19.06 -8.39 22.08
N ALA A 198 -18.14 -8.13 23.01
CA ALA A 198 -17.53 -9.14 23.82
C ALA A 198 -17.51 -8.74 25.27
N ARG A 199 -17.53 -9.72 26.15
CA ARG A 199 -17.33 -9.50 27.58
C ARG A 199 -16.10 -10.31 28.00
N PHE A 200 -15.13 -9.63 28.59
CA PHE A 200 -13.82 -10.25 28.87
C PHE A 200 -13.59 -10.52 30.38
N ALA A 201 -12.85 -11.58 30.66
CA ALA A 201 -12.12 -11.78 31.91
C ALA A 201 -10.97 -10.76 32.00
N ASN A 202 -10.20 -10.81 33.06
CA ASN A 202 -9.00 -9.98 33.10
C ASN A 202 -7.99 -10.38 32.05
N VAL A 203 -7.56 -9.43 31.22
CA VAL A 203 -6.59 -9.73 30.18
C VAL A 203 -5.14 -9.59 30.70
N ALA A 204 -4.44 -10.72 30.87
CA ALA A 204 -3.16 -10.70 31.66
C ALA A 204 -2.20 -9.68 31.08
N PHE A 205 -1.70 -8.83 31.93
CA PHE A 205 -0.67 -7.86 31.60
C PHE A 205 -1.16 -6.72 30.73
N SER A 206 -2.47 -6.62 30.53
CA SER A 206 -2.99 -5.47 29.80
C SER A 206 -2.47 -4.18 30.46
N ASP A 207 -2.22 -3.20 29.61
CA ASP A 207 -1.72 -1.88 30.01
C ASP A 207 -2.54 -1.29 31.14
N GLY A 208 -1.88 -0.67 32.10
CA GLY A 208 -2.57 -0.11 33.24
C GLY A 208 -3.00 -1.09 34.35
N SER A 209 -2.94 -2.40 34.10
CA SER A 209 -3.37 -3.41 35.05
C SER A 209 -2.31 -3.61 36.14
N LEU A 210 -2.73 -4.19 37.25
CA LEU A 210 -1.82 -4.58 38.31
C LEU A 210 -0.66 -5.43 37.79
N LEU A 211 -0.96 -6.36 36.91
CA LEU A 211 0.05 -7.23 36.36
C LEU A 211 1.04 -6.44 35.54
N HIS A 212 0.56 -5.51 34.75
CA HIS A 212 1.44 -4.64 33.99
C HIS A 212 2.31 -3.86 34.98
N GLY A 213 1.71 -3.45 36.08
CA GLY A 213 2.46 -2.88 37.18
C GLY A 213 3.62 -3.74 37.68
N PHE A 214 3.44 -5.07 37.72
CA PHE A 214 4.53 -5.95 38.22
C PHE A 214 5.77 -5.77 37.36
N ASN A 215 5.60 -5.72 36.03
CA ASN A 215 6.73 -5.47 35.13
CA ASN A 215 6.77 -5.51 35.18
C ASN A 215 7.45 -4.17 35.48
N GLN A 216 6.66 -3.13 35.74
CA GLN A 216 7.24 -1.82 35.97
C GLN A 216 8.01 -1.85 37.26
N ARG A 217 7.39 -2.42 38.30
CA ARG A 217 8.06 -2.55 39.58
C ARG A 217 9.38 -3.30 39.41
N ILE A 218 9.38 -4.41 38.68
CA ILE A 218 10.63 -5.16 38.49
C ILE A 218 11.67 -4.32 37.78
N GLN A 219 11.23 -3.59 36.77
CA GLN A 219 12.10 -2.76 35.96
C GLN A 219 12.72 -1.58 36.75
N LYS A 220 12.00 -1.10 37.77
CA LYS A 220 12.41 0.08 38.51
C LYS A 220 12.92 -0.27 39.91
N ASN A 221 13.31 -1.53 40.11
CA ASN A 221 13.79 -2.01 41.39
C ASN A 221 12.92 -1.60 42.59
N GLN A 222 11.60 -1.73 42.41
CA GLN A 222 10.61 -1.38 43.44
C GLN A 222 9.81 -2.58 43.94
N PRO A 223 9.27 -2.49 45.16
CA PRO A 223 8.47 -3.59 45.70
C PRO A 223 7.25 -3.95 44.86
N ILE A 224 6.91 -5.25 44.82
CA ILE A 224 5.66 -5.68 44.24
C ILE A 224 4.59 -5.62 45.31
N VAL A 225 3.42 -5.11 44.91
CA VAL A 225 2.28 -4.92 45.79
C VAL A 225 1.08 -5.60 45.13
N ALA A 226 0.35 -6.43 45.86
CA ALA A 226 -0.74 -7.21 45.26
C ALA A 226 -1.70 -7.72 46.30
N PRO A 227 -3.01 -7.57 46.05
CA PRO A 227 -3.99 -8.15 46.95
C PRO A 227 -3.85 -9.67 47.04
N ASN A 228 -3.98 -10.22 48.25
CA ASN A 228 -3.98 -11.66 48.37
C ASN A 228 -5.37 -12.17 48.53
N ASP A 229 -6.36 -11.28 48.54
CA ASP A 229 -7.78 -11.68 48.79
C ASP A 229 -8.77 -11.38 47.64
N ILE A 230 -8.23 -11.09 46.47
CA ILE A 230 -9.02 -10.88 45.25
C ILE A 230 -8.55 -11.92 44.23
N LYS A 231 -9.48 -12.76 43.77
CA LYS A 231 -9.18 -13.75 42.74
C LYS A 231 -9.87 -13.37 41.44
N ARG A 232 -9.22 -13.63 40.33
CA ARG A 232 -9.87 -13.42 39.02
C ARG A 232 -9.58 -14.57 38.09
N TYR A 233 -10.38 -14.65 37.04
CA TYR A 233 -10.05 -15.35 35.82
C TYR A 233 -9.22 -14.51 34.88
N PHE A 234 -8.18 -15.11 34.32
CA PHE A 234 -7.27 -14.45 33.45
C PHE A 234 -7.18 -15.11 32.07
N VAL A 235 -7.08 -14.27 31.06
CA VAL A 235 -6.81 -14.72 29.69
C VAL A 235 -5.57 -14.01 29.19
N THR A 236 -5.01 -14.56 28.12
CA THR A 236 -3.92 -13.91 27.39
C THR A 236 -4.41 -12.81 26.42
N PRO A 237 -3.51 -11.87 26.15
CA PRO A 237 -3.77 -10.91 25.09
C PRO A 237 -4.28 -11.58 23.81
N GLN A 238 -3.62 -12.62 23.31
CA GLN A 238 -4.05 -13.24 22.06
C GLN A 238 -5.46 -13.76 22.16
N GLU A 239 -5.80 -14.27 23.32
CA GLU A 239 -7.12 -14.79 23.54
C GLU A 239 -8.15 -13.67 23.45
N SER A 240 -7.78 -12.49 23.98
CA SER A 240 -8.67 -11.31 23.89
C SER A 240 -8.87 -10.88 22.44
N GLY A 241 -7.81 -10.95 21.70
CA GLY A 241 -7.85 -10.60 20.29
C GLY A 241 -8.66 -11.58 19.51
N GLU A 242 -8.55 -12.86 19.85
CA GLU A 242 -9.29 -13.89 19.14
C GLU A 242 -10.80 -13.78 19.38
N LEU A 243 -11.17 -13.48 20.61
CA LEU A 243 -12.55 -13.27 20.96
C LEU A 243 -13.15 -12.05 20.26
N CYS A 244 -12.46 -10.90 20.25
CA CYS A 244 -12.88 -9.74 19.42
C CYS A 244 -13.19 -10.11 17.96
N LEU A 245 -12.28 -10.86 17.32
CA LEU A 245 -12.38 -11.15 15.90
C LEU A 245 -13.56 -12.11 15.63
N MSE A 246 -13.76 -13.08 16.52
CA MSE A 246 -14.85 -14.04 16.39
C MSE A 246 -16.19 -13.33 16.51
O MSE A 246 -17.07 -13.56 15.72
CB MSE A 246 -14.75 -15.14 17.43
CG MSE A 246 -13.62 -16.12 17.25
SE MSE A 246 -13.76 -17.19 15.67
CE MSE A 246 -15.44 -18.09 16.03
N SER A 247 -16.30 -12.43 17.50
CA SER A 247 -17.54 -11.69 17.66
C SER A 247 -17.70 -10.80 16.45
N CYS A 248 -16.62 -10.12 16.07
CA CYS A 248 -16.63 -9.29 14.84
C CYS A 248 -17.15 -9.98 13.59
N ILE A 249 -16.53 -11.10 13.21
CA ILE A 249 -16.84 -11.75 11.96
C ILE A 249 -18.12 -12.61 12.08
N PHE A 250 -18.26 -13.36 13.17
CA PHE A 250 -19.37 -14.32 13.36
C PHE A 250 -20.54 -13.86 14.26
N GLY A 251 -20.38 -12.78 14.99
CA GLY A 251 -21.44 -12.30 15.84
C GLY A 251 -22.66 -11.80 15.05
N GLU A 252 -23.85 -12.15 15.53
CA GLU A 252 -25.04 -11.58 14.95
C GLU A 252 -25.38 -10.30 15.69
N ASN A 253 -26.23 -9.48 15.08
CA ASN A 253 -26.73 -8.26 15.73
C ASN A 253 -27.14 -8.58 17.15
N ARG A 254 -26.53 -7.86 18.09
CA ARG A 254 -26.77 -7.97 19.54
C ARG A 254 -26.11 -9.14 20.29
N ASP A 255 -25.25 -9.92 19.65
CA ASP A 255 -24.61 -11.02 20.35
C ASP A 255 -23.46 -10.47 21.23
N ILE A 256 -23.39 -10.93 22.49
CA ILE A 256 -22.25 -10.69 23.36
C ILE A 256 -21.49 -12.02 23.48
N PHE A 257 -20.29 -12.05 22.91
CA PHE A 257 -19.44 -13.23 22.98
C PHE A 257 -18.67 -13.21 24.30
N PHE A 258 -18.44 -14.38 24.90
CA PHE A 258 -17.61 -14.48 26.13
C PHE A 258 -17.00 -15.85 26.27
N PRO A 259 -15.89 -15.95 27.02
CA PRO A 259 -15.26 -17.24 27.21
C PRO A 259 -16.00 -18.10 28.21
N LYS A 260 -16.32 -19.31 27.77
CA LYS A 260 -16.91 -20.30 28.64
C LYS A 260 -15.90 -20.63 29.75
N LEU A 261 -16.41 -20.90 30.95
CA LEU A 261 -15.55 -21.31 32.05
C LEU A 261 -15.27 -22.77 31.77
N SER A 262 -14.07 -23.06 31.29
CA SER A 262 -13.66 -24.42 31.04
C SER A 262 -13.00 -24.87 32.31
N GLU A 263 -12.69 -26.16 32.34
CA GLU A 263 -12.08 -26.80 33.50
CA GLU A 263 -12.11 -26.78 33.51
C GLU A 263 -10.68 -26.29 33.72
N ALA A 264 -10.07 -25.79 32.65
CA ALA A 264 -8.73 -25.22 32.71
C ALA A 264 -8.70 -23.86 33.45
N LEU A 265 -9.73 -23.04 33.26
CA LEU A 265 -9.76 -21.67 33.80
C LEU A 265 -10.02 -21.69 35.30
N HIS A 266 -9.02 -21.24 36.08
CA HIS A 266 -9.16 -21.22 37.52
C HIS A 266 -9.08 -19.80 38.01
N LEU A 267 -9.81 -19.51 39.08
CA LEU A 267 -9.64 -18.27 39.78
C LEU A 267 -8.26 -18.29 40.43
N ILE A 268 -7.52 -17.19 40.32
CA ILE A 268 -6.18 -17.08 40.86
C ILE A 268 -6.06 -15.70 41.47
N SER A 269 -5.36 -15.59 42.57
CA SER A 269 -5.22 -14.29 43.23
C SER A 269 -4.08 -13.51 42.59
N PHE A 270 -4.09 -12.21 42.77
CA PHE A 270 -3.06 -11.36 42.27
C PHE A 270 -1.73 -11.66 42.94
N ALA A 271 -1.74 -11.88 44.25
CA ALA A 271 -0.55 -12.28 44.98
C ALA A 271 0.05 -13.58 44.41
N ASP A 272 -0.83 -14.53 44.13
CA ASP A 272 -0.39 -15.79 43.60
C ASP A 272 0.26 -15.64 42.22
N ILE A 273 -0.28 -14.77 41.37
CA ILE A 273 0.36 -14.50 40.08
C ILE A 273 1.72 -13.86 40.31
N ALA A 274 1.81 -12.91 41.23
CA ALA A 274 3.11 -12.27 41.51
C ALA A 274 4.20 -13.29 41.91
N VAL A 275 3.89 -14.15 42.85
CA VAL A 275 4.83 -15.19 43.25
C VAL A 275 5.27 -16.03 42.02
N LYS A 276 4.30 -16.56 41.25
CA LYS A 276 4.66 -17.34 40.05
C LYS A 276 5.58 -16.57 39.14
N TYR A 277 5.32 -15.28 39.02
CA TYR A 277 5.99 -14.41 38.09
C TYR A 277 7.43 -14.11 38.55
N LEU A 278 7.60 -13.85 39.84
CA LEU A 278 8.93 -13.69 40.43
C LEU A 278 9.77 -14.95 40.32
N LYS A 279 9.17 -16.12 40.51
CA LYS A 279 9.92 -17.39 40.38
C LYS A 279 10.33 -17.62 38.93
N GLN A 280 9.45 -17.29 38.00
CA GLN A 280 9.78 -17.41 36.57
CA GLN A 280 9.77 -17.39 36.56
C GLN A 280 10.93 -16.44 36.20
N LEU A 281 11.05 -15.33 36.93
CA LEU A 281 12.17 -14.37 36.78
C LEU A 281 13.42 -14.76 37.60
N GLY A 282 13.32 -15.81 38.41
CA GLY A 282 14.44 -16.28 39.21
C GLY A 282 14.55 -15.61 40.56
N TYR A 283 13.46 -15.06 41.05
CA TYR A 283 13.44 -14.39 42.36
C TYR A 283 12.54 -15.14 43.37
N GLU A 284 12.93 -15.09 44.64
CA GLU A 284 12.09 -15.64 45.70
C GLU A 284 11.43 -14.47 46.43
N PRO A 285 10.10 -14.55 46.62
CA PRO A 285 9.38 -13.48 47.29
C PRO A 285 9.79 -13.33 48.75
N HIS A 286 10.00 -12.09 49.20
CA HIS A 286 10.17 -11.81 50.62
C HIS A 286 8.92 -11.10 51.08
N LEU A 287 8.17 -11.73 51.97
CA LEU A 287 6.96 -11.12 52.52
CA LEU A 287 6.96 -11.12 52.51
C LEU A 287 7.32 -10.02 53.52
N CYS A 288 7.02 -8.79 53.16
CA CYS A 288 7.20 -7.65 54.06
C CYS A 288 5.86 -7.32 54.67
N GLU A 289 5.89 -6.61 55.78
CA GLU A 289 4.68 -6.24 56.49
C GLU A 289 4.56 -4.73 56.59
N SER A 290 5.26 -3.99 55.72
CA SER A 290 5.21 -2.52 55.75
C SER A 290 5.73 -1.90 54.43
N GLU A 291 5.09 -0.82 53.99
CA GLU A 291 5.60 -0.03 52.85
C GLU A 291 7.02 0.42 53.12
N ASP A 292 7.20 1.08 54.27
CA ASP A 292 8.48 1.68 54.64
C ASP A 292 9.58 0.62 54.65
N GLU A 293 9.28 -0.51 55.25
CA GLU A 293 10.19 -1.66 55.28
C GLU A 293 10.56 -2.04 53.85
N ALA A 294 9.53 -2.39 53.07
CA ALA A 294 9.66 -2.77 51.65
C ALA A 294 10.59 -1.87 50.84
N ARG A 295 10.39 -0.55 50.97
CA ARG A 295 11.17 0.42 50.20
C ARG A 295 12.66 0.24 50.47
N GLU A 296 13.02 0.10 51.75
CA GLU A 296 14.40 -0.11 52.13
C GLU A 296 14.93 -1.47 51.67
N LEU A 297 14.11 -2.51 51.80
CA LEU A 297 14.57 -3.84 51.41
C LEU A 297 14.77 -3.98 49.90
N ALA A 298 14.04 -3.19 49.11
CA ALA A 298 14.15 -3.22 47.65
C ALA A 298 15.54 -2.80 47.10
N LYS A 299 16.29 -2.04 47.88
CA LYS A 299 17.63 -1.57 47.45
C LYS A 299 18.65 -2.70 47.39
N THR A 300 18.57 -3.62 48.35
CA THR A 300 19.60 -4.64 48.53
CA THR A 300 19.59 -4.65 48.59
C THR A 300 19.16 -6.09 48.21
N LEU A 301 17.86 -6.38 48.32
CA LEU A 301 17.38 -7.78 48.22
C LEU A 301 17.45 -8.43 46.83
N PRO A 302 17.12 -7.68 45.76
CA PRO A 302 17.22 -8.16 44.39
C PRO A 302 18.60 -8.65 43.95
N ALA A 303 19.66 -8.06 44.51
CA ALA A 303 21.03 -8.58 44.36
C ALA A 303 21.13 -10.04 44.81
N GLN A 304 20.68 -10.30 46.04
CA GLN A 304 20.63 -11.66 46.64
C GLN A 304 19.41 -12.48 46.16
N GLY A 305 18.92 -12.22 44.95
CA GLY A 305 17.81 -12.97 44.34
C GLY A 305 16.52 -13.16 45.15
N LYS A 306 16.19 -12.18 46.00
CA LYS A 306 14.89 -12.09 46.68
C LYS A 306 14.20 -10.79 46.20
N TRP A 307 12.86 -10.77 46.19
CA TRP A 307 12.09 -9.54 45.85
C TRP A 307 11.10 -9.20 46.96
N PRO A 308 11.12 -7.95 47.45
CA PRO A 308 10.20 -7.63 48.52
C PRO A 308 8.77 -7.56 48.03
N CYS A 309 7.87 -8.19 48.75
CA CYS A 309 6.49 -8.23 48.39
C CYS A 309 5.62 -7.78 49.54
N LEU A 310 4.55 -7.11 49.16
CA LEU A 310 3.60 -6.60 50.11
C LEU A 310 2.22 -7.06 49.67
N PHE A 311 1.79 -8.14 50.27
CA PHE A 311 0.53 -8.73 49.89
C PHE A 311 -0.55 -8.27 50.84
N THR A 312 -1.47 -7.50 50.30
CA THR A 312 -2.43 -6.73 51.07
CA THR A 312 -2.43 -6.73 51.08
C THR A 312 -3.78 -7.42 51.09
N SER A 313 -4.64 -7.00 52.00
CA SER A 313 -6.02 -7.47 52.05
C SER A 313 -6.90 -6.35 52.63
N SER A 314 -8.22 -6.45 52.50
CA SER A 314 -9.09 -5.39 52.96
C SER A 314 -10.38 -5.96 53.56
N GLU A 324 -19.40 -13.64 37.27
CA GLU A 324 -20.32 -14.20 36.28
C GLU A 324 -20.40 -13.38 35.00
N PHE A 325 -20.21 -14.05 33.86
CA PHE A 325 -20.39 -13.43 32.53
C PHE A 325 -21.87 -13.29 32.15
N PHE A 326 -22.71 -14.08 32.79
CA PHE A 326 -24.14 -14.09 32.48
C PHE A 326 -24.92 -14.37 33.76
N THR A 327 -25.97 -13.60 33.99
CA THR A 327 -26.92 -13.88 35.07
C THR A 327 -27.85 -15.00 34.60
N ASP A 328 -28.88 -15.26 35.38
CA ASP A 328 -29.79 -16.38 35.12
C ASP A 328 -30.96 -15.98 34.23
N LYS A 329 -31.32 -14.71 34.16
CA LYS A 329 -32.38 -14.31 33.22
C LYS A 329 -31.82 -13.81 31.87
N GLU A 330 -30.68 -14.34 31.44
CA GLU A 330 -30.16 -14.07 30.11
C GLU A 330 -30.39 -15.24 29.17
N THR A 331 -30.78 -14.92 27.93
CA THR A 331 -30.90 -15.91 26.86
C THR A 331 -29.51 -16.19 26.28
N LEU A 332 -29.11 -17.45 26.34
CA LEU A 332 -27.80 -17.87 25.92
C LEU A 332 -27.87 -18.73 24.65
N ASP A 333 -26.80 -18.72 23.87
CA ASP A 333 -26.54 -19.78 22.91
C ASP A 333 -25.18 -20.41 23.27
N MSE A 334 -25.23 -21.56 23.93
CA MSE A 334 -24.03 -22.31 24.30
C MSE A 334 -23.74 -23.45 23.34
O MSE A 334 -22.72 -24.14 23.49
CB MSE A 334 -24.16 -22.88 25.72
CG MSE A 334 -24.48 -21.86 26.80
SE MSE A 334 -23.19 -20.38 26.88
CE MSE A 334 -22.12 -21.06 28.37
N ALA A 335 -24.60 -23.60 22.32
CA ALA A 335 -24.48 -24.66 21.30
C ALA A 335 -23.61 -24.33 20.10
N ARG A 336 -23.60 -23.07 19.67
CA ARG A 336 -22.91 -22.68 18.42
C ARG A 336 -21.41 -22.92 18.45
N PHE A 337 -20.76 -22.61 19.56
CA PHE A 337 -19.33 -22.80 19.65
C PHE A 337 -18.99 -23.68 20.85
N ASP A 338 -17.86 -24.34 20.77
CA ASP A 338 -17.35 -25.18 21.84
C ASP A 338 -16.79 -24.38 23.01
N ASN A 339 -15.99 -23.35 22.70
CA ASN A 339 -15.23 -22.56 23.71
C ASN A 339 -15.86 -21.20 24.03
N LEU A 340 -16.77 -20.73 23.18
CA LEU A 340 -17.32 -19.39 23.23
C LEU A 340 -18.79 -19.43 23.50
N GLY A 341 -19.22 -18.60 24.45
CA GLY A 341 -20.64 -18.47 24.76
C GLY A 341 -21.18 -17.19 24.15
N ILE A 342 -22.48 -17.21 23.81
CA ILE A 342 -23.16 -16.07 23.26
C ILE A 342 -24.38 -15.70 24.13
N ILE A 343 -24.41 -14.45 24.55
CA ILE A 343 -25.62 -13.87 25.14
C ILE A 343 -26.32 -13.16 24.02
N LYS A 344 -27.59 -13.46 23.91
CA LYS A 344 -28.45 -12.80 22.96
C LYS A 344 -28.94 -11.56 23.67
N ASN A 345 -28.26 -10.44 23.53
CA ASN A 345 -28.65 -9.25 24.31
C ASN A 345 -30.06 -8.81 23.95
N ASP A 346 -30.88 -8.56 24.94
CA ASP A 346 -32.17 -7.90 24.72
C ASP A 346 -32.38 -6.67 25.64
N SER A 347 -31.30 -6.00 26.07
CA SER A 347 -31.38 -4.69 26.76
C SER A 347 -32.21 -3.74 25.93
N LEU A 348 -32.94 -2.83 26.59
CA LEU A 348 -33.82 -1.83 25.96
C LEU A 348 -33.26 -0.41 26.04
N TYR A 349 -33.74 0.48 25.18
CA TYR A 349 -33.62 1.93 25.42
C TYR A 349 -34.96 2.67 25.33
N GLN A 350 -34.99 3.86 25.92
CA GLN A 350 -36.06 4.81 25.73
CA GLN A 350 -36.08 4.83 25.75
C GLN A 350 -35.53 6.06 25.04
N GLN A 351 -36.16 6.47 23.94
CA GLN A 351 -35.71 7.62 23.16
C GLN A 351 -35.53 8.83 24.07
N GLU A 352 -36.53 9.05 24.92
CA GLU A 352 -36.53 10.21 25.81
C GLU A 352 -35.36 10.29 26.76
N LEU A 353 -34.89 9.15 27.28
CA LEU A 353 -33.76 9.17 28.21
C LEU A 353 -32.46 9.41 27.47
N LEU A 354 -32.36 8.89 26.25
CA LEU A 354 -31.18 9.20 25.42
C LEU A 354 -31.13 10.69 25.08
N GLU A 355 -32.28 11.24 24.72
CA GLU A 355 -32.32 12.66 24.42
C GLU A 355 -31.98 13.49 25.64
N LEU A 356 -32.53 13.12 26.80
CA LEU A 356 -32.24 13.80 28.07
C LEU A 356 -30.74 13.87 28.33
N PHE A 357 -30.09 12.72 28.18
CA PHE A 357 -28.67 12.59 28.46
C PHE A 357 -27.89 13.51 27.52
N GLU A 358 -28.20 13.46 26.22
CA GLU A 358 -27.52 14.36 25.28
C GLU A 358 -27.82 15.83 25.60
N GLN A 359 -29.03 16.13 26.03
CA GLN A 359 -29.41 17.51 26.30
C GLN A 359 -28.72 18.04 27.55
N LYS A 360 -28.83 17.32 28.66
CA LYS A 360 -28.17 17.68 29.92
C LYS A 360 -26.63 17.68 29.86
N ILE A 361 -26.02 16.72 29.16
CA ILE A 361 -24.57 16.74 29.02
C ILE A 361 -24.13 17.94 28.18
N GLY A 362 -24.78 18.14 27.03
CA GLY A 362 -24.49 19.28 26.14
C GLY A 362 -24.54 20.63 26.89
N GLN A 363 -25.51 20.79 27.80
CA GLN A 363 -25.69 22.03 28.56
C GLN A 363 -24.63 22.18 29.64
N MSE A 364 -24.19 21.10 30.25
CA MSE A 364 -23.06 21.21 31.14
C MSE A 364 -21.85 21.73 30.36
O MSE A 364 -21.12 22.58 30.82
CB MSE A 364 -22.73 19.86 31.79
CG MSE A 364 -23.71 19.42 32.86
SE MSE A 364 -23.20 17.67 33.56
CE MSE A 364 -24.97 16.81 33.45
N LYS A 365 -21.65 21.22 29.15
CA LYS A 365 -20.53 21.67 28.32
C LYS A 365 -20.64 23.13 27.86
N THR A 366 -21.87 23.61 27.71
CA THR A 366 -22.12 24.97 27.28
C THR A 366 -21.82 25.89 28.43
N ASP A 367 -22.27 25.49 29.62
CA ASP A 367 -22.05 26.28 30.83
C ASP A 367 -20.58 26.36 31.24
N ARG A 368 -19.76 25.48 30.66
CA ARG A 368 -18.32 25.39 30.93
C ARG A 368 -18.05 25.06 32.37
N GLN A 369 -19.07 24.53 33.05
CA GLN A 369 -18.97 24.20 34.48
CA GLN A 369 -18.93 24.12 34.44
C GLN A 369 -20.02 23.17 34.84
N TRP A 370 -19.65 22.26 35.73
CA TRP A 370 -20.50 21.21 36.19
C TRP A 370 -19.83 20.54 37.40
N THR A 371 -20.64 19.84 38.20
CA THR A 371 -20.18 19.20 39.40
C THR A 371 -20.24 17.70 39.17
N LYS A 372 -19.44 16.95 39.92
CA LYS A 372 -19.55 15.51 39.90
C LYS A 372 -20.98 15.07 40.19
N GLU A 373 -21.56 15.66 41.23
CA GLU A 373 -22.84 15.21 41.73
C GLU A 373 -23.99 15.49 40.76
N GLU A 374 -23.83 16.51 39.91
CA GLU A 374 -24.76 16.73 38.82
C GLU A 374 -24.77 15.54 37.83
N ILE A 375 -23.58 15.01 37.53
CA ILE A 375 -23.47 13.86 36.62
C ILE A 375 -24.07 12.62 37.27
N VAL A 376 -23.71 12.37 38.53
CA VAL A 376 -24.28 11.27 39.31
C VAL A 376 -25.80 11.32 39.32
N GLN A 377 -26.35 12.51 39.49
CA GLN A 377 -27.81 12.65 39.48
C GLN A 377 -28.43 12.29 38.14
N LEU A 378 -27.78 12.73 37.07
CA LEU A 378 -28.21 12.32 35.75
C LEU A 378 -28.08 10.80 35.58
N PHE A 379 -26.98 10.21 36.04
CA PHE A 379 -26.83 8.76 36.00
C PHE A 379 -27.93 8.04 36.79
N PHE A 380 -28.41 8.60 37.89
CA PHE A 380 -29.51 7.96 38.62
C PHE A 380 -30.81 7.94 37.80
N ILE A 381 -31.05 8.99 37.02
CA ILE A 381 -32.23 9.02 36.15
C ILE A 381 -32.07 8.02 35.01
N MSE A 382 -30.86 7.96 34.45
CA MSE A 382 -30.59 7.01 33.37
C MSE A 382 -30.74 5.54 33.83
O MSE A 382 -31.28 4.73 33.09
CB MSE A 382 -29.19 7.27 32.79
CG MSE A 382 -28.98 8.66 32.20
SE MSE A 382 -30.26 9.08 30.85
CE MSE A 382 -29.50 7.94 29.47
N ILE A 383 -30.24 5.23 35.03
CA ILE A 383 -30.20 3.86 35.55
C ILE A 383 -30.76 3.82 36.99
N PRO A 384 -32.08 3.78 37.16
CA PRO A 384 -32.69 3.92 38.50
C PRO A 384 -32.16 3.00 39.62
N ASP A 385 -31.84 1.75 39.29
CA ASP A 385 -31.33 0.82 40.30
C ASP A 385 -29.83 0.99 40.61
N PHE A 386 -29.21 2.03 40.06
CA PHE A 386 -27.81 2.38 40.35
C PHE A 386 -27.73 3.39 41.51
N LEU B 8 21.63 5.14 33.82
CA LEU B 8 22.65 6.15 34.24
C LEU B 8 24.03 5.53 34.07
N SER B 9 24.25 4.41 34.76
CA SER B 9 25.39 3.54 34.49
C SER B 9 25.07 2.67 33.28
N LEU B 10 23.77 2.47 33.02
CA LEU B 10 23.29 1.76 31.84
C LEU B 10 23.66 2.49 30.55
N ILE B 11 23.81 3.81 30.61
CA ILE B 11 24.30 4.60 29.47
C ILE B 11 25.81 4.90 29.60
N GLY B 12 26.39 4.61 30.76
CA GLY B 12 27.83 4.44 30.90
C GLY B 12 28.61 5.50 31.67
N ARG B 13 27.91 6.31 32.47
CA ARG B 13 28.51 7.49 33.10
C ARG B 13 28.72 7.36 34.61
N ASP B 14 29.73 8.09 35.10
CA ASP B 14 30.07 8.13 36.53
C ASP B 14 29.03 8.90 37.34
N THR B 15 28.81 10.17 36.95
CA THR B 15 28.06 11.11 37.79
C THR B 15 26.92 11.86 37.08
N GLU B 16 26.19 12.63 37.90
CA GLU B 16 25.21 13.61 37.44
C GLU B 16 25.83 14.68 36.53
N LEU B 17 25.11 15.09 35.48
CA LEU B 17 25.55 16.18 34.62
C LEU B 17 25.44 17.49 35.39
N PHE B 18 24.39 17.59 36.22
CA PHE B 18 24.13 18.79 37.01
C PHE B 18 24.52 18.62 38.48
N HIS B 19 25.53 17.79 38.77
CA HIS B 19 25.96 17.57 40.16
C HIS B 19 26.14 18.92 40.83
N GLN B 20 27.03 19.74 40.27
CA GLN B 20 27.42 21.03 40.87
C GLN B 20 26.29 22.07 40.91
N ASP B 21 25.46 22.12 39.88
CA ASP B 21 24.51 23.22 39.73
C ASP B 21 23.30 23.12 40.68
N ILE B 22 22.64 21.96 40.73
CA ILE B 22 21.51 21.77 41.66
C ILE B 22 21.99 21.79 43.11
N ASN B 23 23.23 21.34 43.32
CA ASN B 23 23.88 21.41 44.63
C ASN B 23 23.88 22.84 45.19
N ALA B 24 24.42 23.77 44.38
CA ALA B 24 24.59 25.16 44.79
C ALA B 24 23.25 25.86 44.96
N ASN B 25 22.20 25.33 44.36
CA ASN B 25 20.90 25.97 44.43
C ASN B 25 19.86 25.11 45.16
N GLU B 26 20.27 23.92 45.63
CA GLU B 26 19.31 22.98 46.23
C GLU B 26 18.40 23.66 47.25
N LYS B 27 18.96 24.50 48.10
CA LYS B 27 18.20 25.09 49.19
C LYS B 27 17.13 26.05 48.67
N GLU B 28 17.46 26.86 47.68
CA GLU B 28 16.46 27.74 47.08
C GLU B 28 15.47 26.91 46.28
N LEU B 29 15.97 25.90 45.59
CA LEU B 29 15.08 24.98 44.85
C LEU B 29 14.04 24.41 45.79
N GLN B 30 14.54 23.88 46.90
CA GLN B 30 13.69 23.37 47.96
C GLN B 30 12.78 24.47 48.46
N SER B 31 13.39 25.61 48.79
CA SER B 31 12.66 26.74 49.30
C SER B 31 11.51 27.14 48.36
N VAL B 32 11.84 27.36 47.08
CA VAL B 32 10.84 27.89 46.16
C VAL B 32 9.72 26.85 45.86
N VAL B 33 10.06 25.56 45.82
CA VAL B 33 9.09 24.50 45.49
C VAL B 33 8.07 24.34 46.63
N SER B 34 8.57 24.45 47.87
CA SER B 34 7.77 24.40 49.11
C SER B 34 6.61 25.38 49.14
N GLN B 35 6.87 26.58 48.68
CA GLN B 35 5.89 27.67 48.73
C GLN B 35 5.21 27.88 47.39
N SER B 36 5.33 26.93 46.47
CA SER B 36 4.84 27.17 45.11
C SER B 36 3.83 26.17 44.63
N ARG B 37 3.09 26.60 43.59
CA ARG B 37 2.03 25.83 43.00
C ARG B 37 2.35 25.56 41.53
N PHE B 38 2.22 24.27 41.17
CA PHE B 38 2.74 23.71 39.92
C PHE B 38 1.67 23.00 39.12
N LEU B 39 1.60 23.29 37.82
CA LEU B 39 0.79 22.56 36.88
C LEU B 39 1.76 21.99 35.87
N VAL B 40 1.75 20.65 35.73
CA VAL B 40 2.61 19.98 34.78
C VAL B 40 1.75 19.33 33.70
N LEU B 41 1.83 19.86 32.48
CA LEU B 41 1.09 19.34 31.34
C LEU B 41 1.99 18.34 30.62
N GLY B 42 1.40 17.28 30.11
CA GLY B 42 2.21 16.17 29.57
C GLY B 42 3.03 15.42 30.58
N GLY B 43 2.61 15.51 31.84
CA GLY B 43 3.36 15.01 33.00
C GLY B 43 3.56 13.49 33.12
N ALA B 44 2.79 12.69 32.40
CA ALA B 44 3.01 11.26 32.35
C ALA B 44 3.94 10.81 31.20
N GLY B 45 4.46 11.75 30.41
CA GLY B 45 5.39 11.46 29.34
C GLY B 45 6.77 11.25 29.96
N SER B 46 7.76 10.96 29.14
CA SER B 46 9.07 10.60 29.66
C SER B 46 9.79 11.75 30.32
N ILE B 47 9.69 12.95 29.76
CA ILE B 47 10.31 14.09 30.38
C ILE B 47 9.39 14.62 31.46
N GLY B 48 8.10 14.54 31.21
CA GLY B 48 7.11 15.02 32.15
C GLY B 48 7.05 14.22 33.45
N GLN B 49 7.28 12.90 33.37
CA GLN B 49 7.31 12.07 34.57
CA GLN B 49 7.37 12.02 34.54
C GLN B 49 8.52 12.49 35.42
N ALA B 50 9.64 12.79 34.78
CA ALA B 50 10.88 13.14 35.52
C ALA B 50 10.79 14.54 36.18
N VAL B 51 10.24 15.50 35.46
CA VAL B 51 9.96 16.84 35.99
C VAL B 51 9.00 16.78 37.18
N THR B 52 7.90 16.05 37.01
CA THR B 52 6.94 15.83 38.08
C THR B 52 7.59 15.18 39.30
N LYS B 53 8.43 14.17 39.08
CA LYS B 53 9.09 13.50 40.19
C LYS B 53 10.05 14.44 40.91
N GLU B 54 10.66 15.38 40.18
CA GLU B 54 11.56 16.37 40.78
C GLU B 54 10.84 17.42 41.61
N ILE B 55 9.66 17.81 41.16
CA ILE B 55 8.81 18.70 41.95
C ILE B 55 8.30 17.97 43.19
N PHE B 56 7.90 16.71 43.03
CA PHE B 56 7.26 15.93 44.08
C PHE B 56 8.21 15.68 45.26
N LYS B 57 9.42 15.22 44.96
CA LYS B 57 10.42 14.93 45.98
C LYS B 57 10.93 16.17 46.75
N ARG B 58 10.46 17.36 46.38
CA ARG B 58 10.88 18.61 47.01
C ARG B 58 9.74 19.31 47.73
N ASN B 59 8.64 18.59 47.88
CA ASN B 59 7.59 18.95 48.83
C ASN B 59 6.74 20.13 48.39
N PRO B 60 6.21 20.07 47.19
CA PRO B 60 5.49 21.22 46.66
C PRO B 60 4.20 21.53 47.42
N GLN B 61 3.74 22.75 47.34
CA GLN B 61 2.51 23.15 47.98
C GLN B 61 1.30 22.68 47.18
N LYS B 62 1.50 22.50 45.87
CA LYS B 62 0.46 22.15 44.92
C LYS B 62 1.15 21.63 43.67
N LEU B 63 0.73 20.46 43.20
CA LEU B 63 1.33 19.82 42.04
C LEU B 63 0.19 19.09 41.39
N HIS B 64 -0.28 19.57 40.25
CA HIS B 64 -1.30 18.91 39.49
C HIS B 64 -0.65 18.49 38.19
N VAL B 65 -0.90 17.24 37.78
CA VAL B 65 -0.34 16.66 36.60
C VAL B 65 -1.49 16.35 35.63
N VAL B 66 -1.37 16.84 34.39
CA VAL B 66 -2.35 16.59 33.34
C VAL B 66 -1.69 15.89 32.14
N ASP B 67 -2.32 14.81 31.70
CA ASP B 67 -1.85 14.04 30.59
C ASP B 67 -3.00 13.20 30.05
N ILE B 68 -3.00 13.08 28.72
CA ILE B 68 -4.08 12.44 27.97
C ILE B 68 -4.02 10.90 28.16
N SER B 69 -2.85 10.38 28.50
CA SER B 69 -2.70 8.96 28.70
C SER B 69 -3.17 8.54 30.09
N GLU B 70 -4.38 7.99 30.18
CA GLU B 70 -4.90 7.47 31.42
C GLU B 70 -3.95 6.38 31.99
N ASN B 71 -3.54 5.43 31.15
CA ASN B 71 -2.63 4.38 31.61
C ASN B 71 -1.26 4.88 32.12
N ASN B 72 -0.57 5.70 31.36
CA ASN B 72 0.76 6.12 31.80
C ASN B 72 0.73 6.99 33.09
N MSE B 73 -0.38 7.70 33.32
CA MSE B 73 -0.59 8.48 34.55
C MSE B 73 -0.68 7.56 35.77
O MSE B 73 0.00 7.79 36.77
CB MSE B 73 -1.88 9.26 34.43
CG MSE B 73 -2.10 10.26 35.54
SE MSE B 73 -0.88 11.77 35.39
CE MSE B 73 -2.06 12.78 34.22
N VAL B 74 -1.49 6.53 35.66
CA VAL B 74 -1.54 5.46 36.65
C VAL B 74 -0.14 4.97 36.99
N GLU B 75 0.68 4.67 35.99
CA GLU B 75 2.03 4.22 36.25
C GLU B 75 2.85 5.33 36.96
N LEU B 76 2.68 6.56 36.53
CA LEU B 76 3.40 7.69 37.14
C LEU B 76 3.17 7.64 38.61
N VAL B 77 1.88 7.52 38.97
CA VAL B 77 1.47 7.53 40.38
C VAL B 77 2.04 6.33 41.11
N ARG B 78 1.77 5.14 40.61
CA ARG B 78 2.42 3.96 41.16
C ARG B 78 3.90 4.23 41.40
N ASP B 79 4.60 4.78 40.41
CA ASP B 79 6.06 4.99 40.51
C ASP B 79 6.33 5.96 41.67
N ILE B 80 5.52 7.02 41.79
CA ILE B 80 5.70 8.04 42.83
C ILE B 80 5.45 7.49 44.22
N ARG B 81 4.39 6.71 44.38
CA ARG B 81 4.12 6.04 45.65
C ARG B 81 5.32 5.20 46.10
N SER B 82 5.83 4.33 45.22
CA SER B 82 6.95 3.45 45.61
C SER B 82 8.24 4.21 45.89
N SER B 83 8.51 5.23 45.08
CA SER B 83 9.78 5.96 45.17
C SER B 83 9.81 6.84 46.41
N PHE B 84 8.71 7.54 46.66
CA PHE B 84 8.67 8.68 47.61
C PHE B 84 7.58 8.62 48.68
N GLY B 85 6.66 7.68 48.56
CA GLY B 85 5.48 7.65 49.43
C GLY B 85 4.49 8.76 49.09
N TYR B 86 4.22 9.60 50.09
CA TYR B 86 3.16 10.61 50.02
C TYR B 86 3.65 11.94 50.54
N ILE B 87 2.90 12.98 50.19
CA ILE B 87 3.31 14.37 50.31
C ILE B 87 2.14 15.13 50.96
N ASN B 88 2.44 16.20 51.68
CA ASN B 88 1.37 16.86 52.41
C ASN B 88 0.64 17.93 51.61
N GLY B 89 1.31 18.51 50.60
CA GLY B 89 0.62 19.41 49.69
C GLY B 89 -0.51 18.75 48.92
N ASP B 90 -1.05 19.46 47.93
CA ASP B 90 -2.20 19.01 47.17
C ASP B 90 -1.67 18.48 45.84
N PHE B 91 -1.54 17.16 45.79
CA PHE B 91 -1.07 16.49 44.60
C PHE B 91 -2.26 15.80 43.97
N GLN B 92 -2.62 16.18 42.74
CA GLN B 92 -3.73 15.56 42.02
C GLN B 92 -3.32 15.30 40.57
N THR B 93 -3.95 14.31 39.94
CA THR B 93 -3.69 13.99 38.56
C THR B 93 -5.00 13.93 37.80
N PHE B 94 -4.91 14.28 36.51
CA PHE B 94 -6.05 14.48 35.65
C PHE B 94 -5.73 13.97 34.23
N ALA B 95 -6.39 12.90 33.84
CA ALA B 95 -6.16 12.27 32.56
C ALA B 95 -7.00 13.03 31.49
N LEU B 96 -6.53 14.22 31.14
CA LEU B 96 -7.26 15.11 30.26
C LEU B 96 -6.47 15.48 29.01
N ASP B 97 -7.23 15.74 27.95
CA ASP B 97 -6.71 16.36 26.72
C ASP B 97 -6.74 17.88 26.92
N ILE B 98 -5.55 18.45 26.91
CA ILE B 98 -5.37 19.90 27.02
C ILE B 98 -6.20 20.75 26.03
N GLY B 99 -6.57 20.22 24.88
CA GLY B 99 -7.37 20.99 23.93
C GLY B 99 -8.87 20.84 24.07
N SER B 100 -9.30 20.13 25.10
CA SER B 100 -10.73 19.82 25.22
C SER B 100 -11.49 20.81 26.08
N ILE B 101 -12.83 20.76 25.99
CA ILE B 101 -13.71 21.52 26.88
C ILE B 101 -13.54 21.04 28.32
N GLU B 102 -13.10 19.80 28.55
CA GLU B 102 -13.00 19.27 29.93
C GLU B 102 -11.83 19.93 30.66
N TYR B 103 -10.74 20.10 29.92
CA TYR B 103 -9.59 20.84 30.42
C TYR B 103 -9.92 22.29 30.63
N ASP B 104 -10.71 22.89 29.74
CA ASP B 104 -10.99 24.30 29.91
C ASP B 104 -11.80 24.45 31.18
N ALA B 105 -12.81 23.58 31.38
CA ALA B 105 -13.60 23.53 32.63
C ALA B 105 -12.71 23.38 33.86
N PHE B 106 -11.74 22.46 33.79
CA PHE B 106 -10.74 22.25 34.85
C PHE B 106 -10.08 23.59 35.24
N ILE B 107 -9.58 24.30 34.25
CA ILE B 107 -8.91 25.55 34.48
C ILE B 107 -9.88 26.61 35.01
N LYS B 108 -11.07 26.67 34.45
CA LYS B 108 -12.01 27.68 34.88
C LYS B 108 -12.37 27.45 36.34
N ALA B 109 -12.44 26.20 36.78
CA ALA B 109 -12.77 25.88 38.18
C ALA B 109 -11.65 26.20 39.18
N ASP B 110 -10.41 26.32 38.70
CA ASP B 110 -9.28 26.57 39.60
C ASP B 110 -8.25 27.45 38.91
N GLY B 111 -7.35 26.83 38.17
CA GLY B 111 -6.35 27.52 37.37
C GLY B 111 -5.27 28.24 38.16
N GLN B 112 -5.26 28.12 39.48
CA GLN B 112 -4.32 28.89 40.29
C GLN B 112 -2.97 28.18 40.51
N TYR B 113 -2.01 28.54 39.64
CA TYR B 113 -0.62 28.04 39.74
C TYR B 113 0.39 29.16 39.61
N ASP B 114 1.59 28.90 40.09
CA ASP B 114 2.70 29.86 39.97
C ASP B 114 3.58 29.51 38.77
N TYR B 115 3.85 28.20 38.62
CA TYR B 115 4.67 27.67 37.54
C TYR B 115 3.86 26.65 36.74
N VAL B 116 3.76 26.87 35.43
CA VAL B 116 3.13 25.98 34.50
C VAL B 116 4.16 25.44 33.55
N LEU B 117 4.29 24.10 33.47
CA LEU B 117 5.34 23.46 32.71
C LEU B 117 4.68 22.54 31.73
N ASN B 118 5.03 22.67 30.45
CA ASN B 118 4.36 21.95 29.41
C ASN B 118 5.32 21.05 28.69
N LEU B 119 5.24 19.75 29.00
CA LEU B 119 6.04 18.71 28.36
C LEU B 119 5.14 17.79 27.47
N SER B 120 3.96 18.28 27.08
CA SER B 120 3.09 17.61 26.13
C SER B 120 3.49 17.89 24.67
N ALA B 121 3.25 16.92 23.78
CA ALA B 121 3.76 16.92 22.41
C ALA B 121 3.34 15.70 21.64
N LEU B 122 3.39 15.84 20.31
CA LEU B 122 3.45 14.73 19.37
C LEU B 122 4.79 14.90 18.75
N LYS B 123 5.59 13.86 18.79
CA LYS B 123 6.99 13.97 18.45
C LYS B 123 7.45 12.99 17.40
N HIS B 124 6.64 12.04 16.95
CA HIS B 124 7.20 10.96 16.10
C HIS B 124 7.06 11.22 14.62
N VAL B 125 8.00 10.69 13.83
CA VAL B 125 7.97 10.80 12.38
C VAL B 125 6.76 10.10 11.75
N ARG B 126 6.29 9.00 12.34
CA ARG B 126 4.97 8.45 11.96
C ARG B 126 3.95 9.57 11.84
N SER B 127 3.91 10.43 12.85
CA SER B 127 2.89 11.43 12.97
C SER B 127 2.84 12.54 11.89
N GLU B 128 3.88 12.68 11.07
CA GLU B 128 3.85 13.60 9.95
C GLU B 128 3.39 12.95 8.63
N LYS B 129 3.23 11.63 8.58
CA LYS B 129 3.01 10.96 7.31
C LYS B 129 1.67 11.28 6.65
N ASP B 130 0.70 11.81 7.37
CA ASP B 130 -0.63 11.96 6.81
C ASP B 130 -1.24 13.27 7.27
N PRO B 131 -2.07 13.91 6.42
CA PRO B 131 -2.52 15.21 6.79
C PRO B 131 -3.23 15.26 8.12
N PHE B 132 -3.83 14.15 8.56
CA PHE B 132 -4.74 14.20 9.73
C PHE B 132 -3.98 14.24 11.02
N THR B 133 -2.96 13.40 11.13
CA THR B 133 -2.12 13.41 12.32
C THR B 133 -1.24 14.66 12.36
N LEU B 134 -0.83 15.11 11.18
CA LEU B 134 -0.08 16.31 11.01
C LEU B 134 -0.92 17.44 11.53
N MSE B 135 -2.22 17.48 11.25
CA MSE B 135 -2.99 18.58 11.79
C MSE B 135 -2.98 18.50 13.30
O MSE B 135 -2.84 19.51 13.98
CB MSE B 135 -4.42 18.61 11.28
CG MSE B 135 -5.21 19.73 11.87
SE MSE B 135 -4.60 21.45 11.30
CE MSE B 135 -5.46 21.49 9.51
N ARG B 136 -3.16 17.30 13.84
CA ARG B 136 -3.11 17.08 15.30
C ARG B 136 -1.80 17.54 15.90
N MSE B 137 -0.71 17.22 15.25
CA MSE B 137 0.59 17.69 15.74
C MSE B 137 0.63 19.21 15.87
O MSE B 137 1.23 19.77 16.79
CB MSE B 137 1.68 17.26 14.77
CG MSE B 137 3.05 17.68 15.23
SE MSE B 137 4.37 16.83 14.11
CE MSE B 137 4.34 15.13 14.86
N ILE B 138 -0.04 19.89 14.94
CA ILE B 138 -0.08 21.32 15.01
C ILE B 138 -0.92 21.75 16.21
N ASP B 139 -2.12 21.20 16.36
CA ASP B 139 -2.91 21.44 17.58
C ASP B 139 -2.20 21.28 18.89
N VAL B 140 -1.45 20.18 19.01
CA VAL B 140 -0.88 19.81 20.27
C VAL B 140 0.38 20.65 20.54
N ASN B 141 1.24 20.80 19.52
CA ASN B 141 2.53 21.48 19.66
C ASN B 141 2.40 22.99 19.62
N VAL B 142 1.44 23.53 18.86
CA VAL B 142 1.36 24.99 18.63
C VAL B 142 0.18 25.63 19.39
N PHE B 143 -1.04 25.22 19.07
CA PHE B 143 -2.19 25.87 19.57
C PHE B 143 -2.50 25.56 21.03
N ASN B 144 -2.31 24.33 21.45
CA ASN B 144 -2.49 23.98 22.85
C ASN B 144 -1.46 24.78 23.69
N THR B 145 -0.28 25.04 23.14
CA THR B 145 0.79 25.78 23.87
C THR B 145 0.35 27.24 23.98
N ASP B 146 -0.19 27.76 22.89
CA ASP B 146 -0.63 29.13 22.90
C ASP B 146 -1.79 29.34 23.84
N LYS B 147 -2.76 28.44 23.78
CA LYS B 147 -3.92 28.56 24.67
C LYS B 147 -3.51 28.45 26.14
N THR B 148 -2.69 27.46 26.48
CA THR B 148 -2.34 27.27 27.90
C THR B 148 -1.47 28.41 28.45
N ILE B 149 -0.70 29.08 27.58
CA ILE B 149 0.04 30.24 28.03
C ILE B 149 -0.96 31.37 28.31
N GLN B 150 -1.89 31.58 27.40
CA GLN B 150 -2.94 32.57 27.66
C GLN B 150 -3.63 32.28 29.01
N GLN B 151 -4.00 31.03 29.24
CA GLN B 151 -4.66 30.64 30.51
C GLN B 151 -3.81 30.91 31.74
N SER B 152 -2.51 30.68 31.61
CA SER B 152 -1.57 30.94 32.66
C SER B 152 -1.45 32.44 32.89
N ILE B 153 -1.38 33.21 31.81
CA ILE B 153 -1.37 34.66 31.92
C ILE B 153 -2.59 35.12 32.67
N ASP B 154 -3.77 34.66 32.27
CA ASP B 154 -5.01 35.16 32.86
C ASP B 154 -5.13 34.82 34.36
N ALA B 155 -4.40 33.78 34.79
CA ALA B 155 -4.35 33.34 36.18
C ALA B 155 -3.23 34.02 36.99
N GLY B 156 -2.46 34.90 36.36
CA GLY B 156 -1.29 35.52 37.01
C GLY B 156 -0.20 34.54 37.43
N ALA B 157 -0.02 33.45 36.72
CA ALA B 157 1.18 32.63 36.88
C ALA B 157 2.41 33.46 36.61
N LYS B 158 3.50 33.15 37.30
CA LYS B 158 4.75 33.87 37.15
C LYS B 158 5.58 33.40 35.96
N LYS B 159 5.43 32.13 35.60
CA LYS B 159 6.37 31.50 34.68
C LYS B 159 5.76 30.31 33.93
N TYR B 160 6.01 30.27 32.63
CA TYR B 160 5.60 29.19 31.77
C TYR B 160 6.83 28.57 31.16
N PHE B 161 7.01 27.28 31.36
CA PHE B 161 8.10 26.52 30.78
C PHE B 161 7.58 25.62 29.67
N CYS B 162 8.38 25.48 28.60
CA CYS B 162 8.08 24.51 27.59
C CYS B 162 9.38 24.09 26.93
N VAL B 163 9.33 23.16 25.99
CA VAL B 163 10.54 22.56 25.44
C VAL B 163 10.77 23.07 24.05
N SER B 164 11.88 23.78 23.90
CA SER B 164 12.21 24.44 22.67
C SER B 164 12.56 23.37 21.66
N THR B 165 12.61 23.77 20.39
CA THR B 165 13.23 22.97 19.35
C THR B 165 14.45 22.25 19.93
N ASP B 166 14.94 21.24 19.23
CA ASP B 166 16.05 20.43 19.76
C ASP B 166 17.39 20.93 19.22
N LYS B 167 17.30 21.85 18.25
CA LYS B 167 18.44 22.31 17.47
C LYS B 167 18.38 23.83 17.27
N ALA B 168 19.52 24.49 17.37
CA ALA B 168 19.61 25.90 17.05
C ALA B 168 19.12 26.20 15.60
N ALA B 169 19.60 25.39 14.64
CA ALA B 169 19.43 25.67 13.19
C ALA B 169 18.01 25.41 12.64
N ASN B 170 17.90 25.14 11.34
CA ASN B 170 16.59 25.17 10.71
C ASN B 170 15.97 23.79 10.75
N PRO B 171 14.65 23.72 10.97
CA PRO B 171 14.00 22.42 11.06
C PRO B 171 14.20 21.65 9.77
N VAL B 172 14.32 20.33 9.85
CA VAL B 172 14.34 19.53 8.62
C VAL B 172 13.03 18.79 8.39
N ASN B 173 12.24 18.59 9.45
CA ASN B 173 10.97 17.88 9.35
C ASN B 173 9.79 18.69 9.85
N MSE B 174 8.60 18.11 9.73
CA MSE B 174 7.39 18.83 10.13
C MSE B 174 7.35 18.97 11.65
O MSE B 174 6.80 19.95 12.15
CB MSE B 174 6.15 18.11 9.61
CG MSE B 174 6.08 17.99 8.07
SE MSE B 174 6.17 19.65 7.17
CE MSE B 174 4.28 20.14 7.16
N MSE B 175 7.95 18.04 12.40
CA MSE B 175 7.89 18.16 13.87
C MSE B 175 8.68 19.38 14.37
O MSE B 175 8.17 20.20 15.16
CB MSE B 175 8.40 16.90 14.57
CG MSE B 175 8.15 16.86 16.08
SE MSE B 175 9.71 17.54 17.04
CE MSE B 175 11.19 16.53 16.17
N GLY B 176 9.94 19.47 13.94
CA GLY B 176 10.76 20.67 14.21
C GLY B 176 10.10 21.96 13.73
N ALA B 177 9.59 21.95 12.51
CA ALA B 177 8.91 23.10 11.99
C ALA B 177 7.79 23.49 12.91
N SER B 178 7.07 22.52 13.46
CA SER B 178 5.94 22.85 14.37
C SER B 178 6.48 23.44 15.66
N LYS B 179 7.64 23.00 16.09
CA LYS B 179 8.25 23.57 17.27
C LYS B 179 8.72 25.01 17.01
N ARG B 180 9.26 25.26 15.81
CA ARG B 180 9.73 26.60 15.44
C ARG B 180 8.53 27.55 15.34
N ILE B 181 7.42 27.07 14.79
CA ILE B 181 6.24 27.91 14.74
C ILE B 181 5.71 28.16 16.14
N MSE B 182 5.74 27.14 16.99
CA MSE B 182 5.29 27.30 18.37
C MSE B 182 6.11 28.41 19.01
O MSE B 182 5.55 29.24 19.72
CB MSE B 182 5.42 25.99 19.15
CG MSE B 182 5.15 26.05 20.64
SE MSE B 182 6.12 24.52 21.52
CE MSE B 182 7.83 25.36 21.67
N GLU B 183 7.41 28.44 18.74
CA GLU B 183 8.28 29.47 19.32
C GLU B 183 7.86 30.89 18.94
N MSE B 184 7.37 31.07 17.71
CA MSE B 184 6.98 32.38 17.27
C MSE B 184 5.77 32.81 18.08
O MSE B 184 5.71 33.96 18.55
CB MSE B 184 6.68 32.39 15.77
CG MSE B 184 7.82 31.99 14.83
SE MSE B 184 7.11 31.66 13.03
CE MSE B 184 8.66 30.92 12.17
N PHE B 185 4.81 31.91 18.30
CA PHE B 185 3.65 32.26 19.13
C PHE B 185 4.10 32.53 20.57
N LEU B 186 5.10 31.81 21.04
CA LEU B 186 5.67 32.08 22.35
C LEU B 186 6.15 33.51 22.48
N MSE B 187 6.84 33.97 21.44
CA MSE B 187 7.52 35.28 21.47
C MSE B 187 6.51 36.42 21.66
O MSE B 187 6.71 37.33 22.45
CB MSE B 187 8.41 35.48 20.25
CG MSE B 187 9.82 35.99 20.58
SE MSE B 187 10.89 34.82 21.77
CE MSE B 187 11.64 33.57 20.42
N ARG B 188 5.38 36.33 20.96
CA ARG B 188 4.27 37.26 21.17
C ARG B 188 3.78 37.18 22.62
N LYS B 189 3.67 35.98 23.16
CA LYS B 189 3.20 35.83 24.56
C LYS B 189 4.18 36.32 25.62
N SER B 190 5.48 36.32 25.32
CA SER B 190 6.49 36.72 26.32
C SER B 190 6.47 38.22 26.70
N GLU B 191 5.66 38.98 25.97
CA GLU B 191 5.31 40.35 26.31
C GLU B 191 4.44 40.42 27.59
N GLU B 192 3.84 39.29 28.02
CA GLU B 192 2.88 39.27 29.13
C GLU B 192 3.23 38.37 30.32
N ILE B 193 4.16 37.45 30.13
CA ILE B 193 4.52 36.48 31.15
C ILE B 193 5.94 36.02 30.85
N ALA B 194 6.71 35.70 31.88
CA ALA B 194 8.04 35.14 31.70
C ALA B 194 7.93 33.74 31.10
N ILE B 195 8.73 33.48 30.08
CA ILE B 195 8.71 32.21 29.40
C ILE B 195 10.10 31.68 29.31
N SER B 196 10.33 30.47 29.77
CA SER B 196 11.62 29.87 29.50
C SER B 196 11.47 28.50 28.92
N THR B 197 12.48 28.11 28.17
CA THR B 197 12.41 26.90 27.42
C THR B 197 13.62 26.06 27.79
N ALA B 198 13.62 24.80 27.36
CA ALA B 198 14.78 23.94 27.48
C ALA B 198 15.03 23.34 26.12
N ARG B 199 16.29 23.35 25.72
CA ARG B 199 16.71 22.72 24.50
C ARG B 199 17.59 21.53 24.89
N PHE B 200 17.23 20.34 24.44
CA PHE B 200 18.01 19.14 24.80
C PHE B 200 17.79 17.97 23.83
N ALA B 201 18.58 16.91 24.03
CA ALA B 201 18.64 15.77 23.14
C ALA B 201 19.01 14.47 23.88
N ASN B 202 18.25 13.41 23.57
CA ASN B 202 18.61 12.02 23.89
C ASN B 202 18.49 11.61 25.36
N VAL B 203 17.27 11.69 25.86
CA VAL B 203 16.96 11.16 27.20
C VAL B 203 16.78 9.65 27.02
N ALA B 204 17.67 8.86 27.64
CA ALA B 204 17.69 7.41 27.42
C ALA B 204 16.39 6.81 27.94
N PHE B 205 15.88 5.84 27.20
CA PHE B 205 14.66 5.08 27.58
C PHE B 205 13.38 5.90 27.54
N SER B 206 13.42 7.07 26.90
CA SER B 206 12.17 7.82 26.70
C SER B 206 11.11 6.96 26.02
N ASP B 207 9.86 7.21 26.36
CA ASP B 207 8.78 6.53 25.70
C ASP B 207 8.89 6.77 24.18
N GLY B 208 8.76 5.67 23.42
CA GLY B 208 8.79 5.70 21.95
C GLY B 208 10.17 5.66 21.30
N SER B 209 11.25 5.70 22.11
CA SER B 209 12.62 5.74 21.58
C SER B 209 12.97 4.43 20.91
N ARG B 217 10.52 -5.75 23.40
CA ARG B 217 11.25 -6.76 22.62
C ARG B 217 11.69 -7.98 23.42
N ILE B 218 12.20 -7.78 24.64
CA ILE B 218 12.59 -8.90 25.53
C ILE B 218 11.35 -9.55 26.16
N GLN B 219 10.38 -8.70 26.54
CA GLN B 219 9.08 -9.19 27.00
C GLN B 219 8.47 -10.14 25.97
N LYS B 220 8.50 -9.72 24.71
CA LYS B 220 7.91 -10.50 23.62
C LYS B 220 8.93 -11.39 22.86
N ASN B 221 10.02 -11.80 23.50
CA ASN B 221 11.12 -12.56 22.85
C ASN B 221 11.28 -12.26 21.36
N GLN B 222 11.50 -10.98 21.07
CA GLN B 222 11.81 -10.52 19.73
C GLN B 222 13.25 -10.03 19.71
N PRO B 223 13.94 -10.16 18.56
CA PRO B 223 15.30 -9.61 18.39
C PRO B 223 15.40 -8.11 18.71
N ILE B 224 16.60 -7.64 19.04
CA ILE B 224 16.87 -6.19 19.00
C ILE B 224 17.91 -5.93 17.90
N ARG B 232 26.86 8.42 20.25
CA ARG B 232 26.01 9.55 20.58
CA ARG B 232 26.12 9.63 20.57
C ARG B 232 26.02 9.81 22.10
N TYR B 233 25.53 11.00 22.52
CA TYR B 233 25.41 11.37 23.95
C TYR B 233 24.00 11.18 24.51
N PHE B 234 23.93 10.63 25.72
CA PHE B 234 22.65 10.46 26.40
C PHE B 234 22.61 11.16 27.75
N VAL B 235 21.41 11.64 28.08
CA VAL B 235 21.13 12.20 29.39
C VAL B 235 20.04 11.32 30.00
N THR B 236 19.99 11.29 31.33
CA THR B 236 19.04 10.41 32.05
C THR B 236 17.70 11.11 32.22
N PRO B 237 16.65 10.34 32.54
CA PRO B 237 15.36 11.01 32.72
C PRO B 237 15.40 12.02 33.87
N GLN B 238 16.07 11.67 34.96
CA GLN B 238 16.16 12.57 36.09
C GLN B 238 16.91 13.88 35.77
N GLU B 239 17.95 13.78 34.94
CA GLU B 239 18.65 14.98 34.48
C GLU B 239 17.77 15.90 33.62
N SER B 240 16.84 15.31 32.86
CA SER B 240 15.92 16.10 32.03
C SER B 240 14.87 16.82 32.88
N GLY B 241 14.60 16.32 34.07
CA GLY B 241 13.57 16.90 34.94
C GLY B 241 14.12 18.04 35.75
N GLU B 242 15.40 17.94 36.11
CA GLU B 242 16.08 18.97 36.87
C GLU B 242 16.30 20.22 36.02
N LEU B 243 16.65 20.02 34.74
CA LEU B 243 16.89 21.12 33.78
C LEU B 243 15.61 21.91 33.55
N CYS B 244 14.54 21.20 33.20
CA CYS B 244 13.25 21.83 33.03
C CYS B 244 12.88 22.60 34.29
N LEU B 245 13.09 21.99 35.46
CA LEU B 245 12.85 22.64 36.74
C LEU B 245 13.76 23.86 36.97
N MSE B 246 15.04 23.73 36.64
CA MSE B 246 16.01 24.83 36.79
C MSE B 246 15.63 26.03 35.93
O MSE B 246 15.64 27.18 36.37
CB MSE B 246 17.41 24.35 36.38
CG MSE B 246 18.02 23.41 37.39
SE MSE B 246 18.44 24.27 39.09
CE MSE B 246 19.72 25.63 38.44
N SER B 247 15.25 25.73 34.69
CA SER B 247 14.77 26.77 33.77
C SER B 247 13.45 27.36 34.26
N CYS B 248 12.55 26.51 34.74
CA CYS B 248 11.26 27.00 35.27
C CYS B 248 11.49 28.02 36.38
N ILE B 249 12.31 27.67 37.36
CA ILE B 249 12.43 28.47 38.57
C ILE B 249 13.33 29.67 38.37
N PHE B 250 14.47 29.43 37.73
CA PHE B 250 15.54 30.43 37.69
C PHE B 250 15.72 31.10 36.33
N GLY B 251 15.04 30.56 35.31
CA GLY B 251 15.13 31.10 33.96
C GLY B 251 14.38 32.42 33.82
N GLU B 252 15.05 33.41 33.21
CA GLU B 252 14.46 34.72 32.94
C GLU B 252 13.65 34.67 31.64
N ASN B 253 12.88 35.73 31.38
CA ASN B 253 12.04 35.74 30.19
C ASN B 253 12.86 35.56 28.90
N ARG B 254 12.38 34.61 28.07
CA ARG B 254 13.03 34.15 26.83
C ARG B 254 14.35 33.36 27.00
N ASP B 255 14.72 33.01 28.23
CA ASP B 255 15.86 32.11 28.44
C ASP B 255 15.56 30.74 27.84
N ILE B 256 16.52 30.19 27.09
CA ILE B 256 16.56 28.76 26.82
C ILE B 256 17.75 28.14 27.58
N PHE B 257 17.47 27.32 28.58
CA PHE B 257 18.49 26.49 29.24
C PHE B 257 18.89 25.25 28.37
N PHE B 258 20.17 24.89 28.39
CA PHE B 258 20.64 23.62 27.77
C PHE B 258 21.78 22.93 28.59
N PRO B 259 22.04 21.62 28.32
CA PRO B 259 23.17 20.88 28.94
C PRO B 259 24.54 21.15 28.26
N LYS B 260 25.58 21.41 29.06
CA LYS B 260 26.92 21.78 28.49
C LYS B 260 27.85 20.59 28.24
N ASP B 333 24.87 33.07 27.68
CA ASP B 333 25.29 33.26 29.07
C ASP B 333 25.81 31.94 29.65
N MSE B 334 27.13 31.80 29.66
CA MSE B 334 27.80 30.60 30.16
C MSE B 334 28.37 30.75 31.59
O MSE B 334 28.97 29.81 32.11
CB MSE B 334 28.91 30.17 29.18
CG MSE B 334 28.41 29.89 27.75
SE MSE B 334 27.06 28.43 27.61
CE MSE B 334 28.26 27.03 26.93
N ALA B 335 28.17 31.92 32.21
CA ALA B 335 28.78 32.22 33.53
C ALA B 335 27.84 32.09 34.73
N ARG B 336 26.52 32.17 34.52
CA ARG B 336 25.57 32.09 35.64
C ARG B 336 25.57 30.71 36.33
N PHE B 337 25.76 29.63 35.56
CA PHE B 337 25.80 28.26 36.11
C PHE B 337 27.03 27.49 35.61
N ASP B 338 27.21 26.27 36.13
CA ASP B 338 28.41 25.45 35.88
C ASP B 338 28.26 24.41 34.74
N ASN B 339 27.17 23.66 34.77
CA ASN B 339 26.82 22.67 33.73
C ASN B 339 25.63 23.12 32.87
N LEU B 340 25.05 24.27 33.20
CA LEU B 340 23.89 24.84 32.49
C LEU B 340 24.26 26.08 31.67
N GLY B 341 23.91 26.05 30.37
CA GLY B 341 24.04 27.21 29.49
C GLY B 341 22.69 27.89 29.32
N ILE B 342 22.70 29.13 28.85
CA ILE B 342 21.47 29.89 28.63
C ILE B 342 21.54 30.68 27.32
N ILE B 343 20.65 30.38 26.38
CA ILE B 343 20.49 31.21 25.17
C ILE B 343 19.54 32.40 25.49
N LYS B 344 20.06 33.63 25.48
CA LYS B 344 19.22 34.84 25.60
C LYS B 344 18.47 35.06 24.28
N ASN B 345 17.16 35.26 24.37
CA ASN B 345 16.29 35.12 23.19
C ASN B 345 15.13 36.13 23.17
N TYR B 349 9.34 37.97 16.27
CA TYR B 349 8.19 37.39 15.56
C TYR B 349 7.52 38.43 14.62
N GLN B 350 6.70 37.95 13.67
CA GLN B 350 5.85 38.79 12.84
CA GLN B 350 5.85 38.83 12.87
C GLN B 350 4.38 38.51 13.20
N GLN B 351 3.63 39.55 13.53
CA GLN B 351 2.23 39.44 13.89
C GLN B 351 1.42 38.89 12.72
N GLU B 352 1.76 39.36 11.53
CA GLU B 352 1.05 38.99 10.33
C GLU B 352 1.25 37.52 9.94
N LEU B 353 2.43 36.94 10.17
CA LEU B 353 2.60 35.50 9.91
C LEU B 353 1.71 34.68 10.85
N LEU B 354 1.60 35.10 12.11
CA LEU B 354 0.83 34.35 13.07
C LEU B 354 -0.63 34.36 12.66
N GLU B 355 -1.10 35.54 12.26
CA GLU B 355 -2.45 35.73 11.81
C GLU B 355 -2.74 34.91 10.60
N LEU B 356 -1.86 34.96 9.62
CA LEU B 356 -1.98 34.13 8.44
C LEU B 356 -2.04 32.63 8.82
N PHE B 357 -1.16 32.21 9.72
CA PHE B 357 -1.23 30.81 10.20
C PHE B 357 -2.58 30.43 10.77
N GLU B 358 -3.14 31.26 11.66
CA GLU B 358 -4.43 30.94 12.32
C GLU B 358 -5.57 30.94 11.32
N GLN B 359 -5.47 31.84 10.34
CA GLN B 359 -6.47 31.95 9.29
C GLN B 359 -6.51 30.74 8.37
N LYS B 360 -5.34 30.39 7.85
CA LYS B 360 -5.25 29.27 6.91
C LYS B 360 -5.61 27.94 7.54
N ILE B 361 -4.97 27.61 8.68
CA ILE B 361 -5.28 26.40 9.45
C ILE B 361 -6.76 26.46 9.80
N GLY B 362 -7.22 27.61 10.30
CA GLY B 362 -8.65 27.78 10.59
C GLY B 362 -9.53 27.42 9.44
N GLN B 363 -9.25 27.92 8.24
CA GLN B 363 -10.12 27.63 7.06
C GLN B 363 -10.13 26.13 6.66
N MSE B 364 -8.94 25.53 6.61
CA MSE B 364 -8.82 24.07 6.44
C MSE B 364 -9.73 23.30 7.39
O MSE B 364 -10.41 22.33 7.03
CB MSE B 364 -7.34 23.62 6.72
CG MSE B 364 -6.36 24.01 5.67
SE MSE B 364 -4.52 23.38 6.03
CE MSE B 364 -3.52 24.98 5.65
N LYS B 365 -9.73 23.70 8.67
CA LYS B 365 -10.56 23.01 9.61
C LYS B 365 -12.02 23.23 9.27
N THR B 366 -12.44 24.47 9.02
CA THR B 366 -13.83 24.75 8.58
C THR B 366 -14.22 23.94 7.37
N ASP B 367 -13.31 23.84 6.41
CA ASP B 367 -13.57 23.10 5.18
C ASP B 367 -13.64 21.61 5.43
N ARG B 368 -13.04 21.20 6.54
CA ARG B 368 -13.09 19.80 6.97
CA ARG B 368 -13.12 19.81 6.95
C ARG B 368 -12.35 18.89 6.00
N GLN B 369 -11.43 19.47 5.22
CA GLN B 369 -10.50 18.74 4.32
C GLN B 369 -9.25 19.55 4.05
N TRP B 370 -8.13 18.88 3.85
CA TRP B 370 -6.89 19.55 3.51
C TRP B 370 -5.89 18.47 3.14
N THR B 371 -4.86 18.85 2.41
CA THR B 371 -3.82 17.92 2.03
C THR B 371 -2.55 18.19 2.81
N LYS B 372 -1.66 17.20 2.88
CA LYS B 372 -0.46 17.40 3.56
C LYS B 372 0.28 18.56 2.87
N GLU B 373 0.26 18.59 1.53
CA GLU B 373 0.94 19.60 0.72
CA GLU B 373 1.00 19.64 0.76
C GLU B 373 0.49 21.02 1.07
N GLU B 374 -0.80 21.21 1.34
CA GLU B 374 -1.30 22.54 1.82
C GLU B 374 -0.57 22.99 3.08
N ILE B 375 -0.39 22.04 3.99
CA ILE B 375 0.21 22.38 5.24
C ILE B 375 1.70 22.68 5.02
N VAL B 376 2.35 21.83 4.25
CA VAL B 376 3.81 22.00 3.92
C VAL B 376 4.05 23.37 3.25
N GLN B 377 3.21 23.72 2.26
CA GLN B 377 3.31 25.05 1.64
C GLN B 377 3.15 26.19 2.67
N LEU B 378 2.24 26.06 3.62
CA LEU B 378 2.08 27.06 4.62
C LEU B 378 3.34 27.17 5.49
N PHE B 379 3.93 26.03 5.80
CA PHE B 379 5.13 26.00 6.64
C PHE B 379 6.26 26.76 5.99
N PHE B 380 6.45 26.59 4.68
CA PHE B 380 7.49 27.26 3.93
CA PHE B 380 7.52 27.27 3.98
C PHE B 380 7.34 28.80 4.05
N ILE B 381 6.11 29.28 3.98
CA ILE B 381 5.91 30.72 4.25
C ILE B 381 6.27 31.07 5.72
N MSE B 382 5.88 30.22 6.66
CA MSE B 382 6.16 30.48 8.04
C MSE B 382 7.68 30.45 8.29
O MSE B 382 8.18 31.25 9.06
CB MSE B 382 5.46 29.51 8.98
CG MSE B 382 3.98 29.47 8.89
SE MSE B 382 3.20 31.23 9.27
CE MSE B 382 3.32 31.25 11.16
N ILE B 383 8.39 29.52 7.66
CA ILE B 383 9.83 29.33 7.97
C ILE B 383 10.62 29.43 6.67
N PRO B 384 11.36 30.51 6.50
CA PRO B 384 11.95 30.73 5.17
C PRO B 384 13.00 29.69 4.71
N ASP B 385 13.90 29.33 5.61
CA ASP B 385 14.99 28.42 5.23
C ASP B 385 14.67 26.95 5.56
N PHE B 386 13.38 26.65 5.67
CA PHE B 386 12.89 25.32 6.01
C PHE B 386 13.44 24.34 4.98
N GLY B 387 14.40 23.51 5.41
CA GLY B 387 15.14 22.59 4.54
C GLY B 387 14.45 21.23 4.33
N HIS B 388 13.13 21.20 4.49
CA HIS B 388 12.32 20.03 4.12
C HIS B 388 12.40 19.83 2.61
N LYS B 389 12.45 18.56 2.21
CA LYS B 389 12.64 18.19 0.82
C LYS B 389 11.71 17.05 0.42
N GLU B 390 11.66 16.79 -0.89
CA GLU B 390 10.96 15.62 -1.46
C GLU B 390 12.04 14.59 -1.83
N THR B 391 12.57 13.96 -0.77
CA THR B 391 13.44 12.77 -0.89
C THR B 391 12.94 11.65 0.05
N GLY B 392 12.18 12.04 1.09
CA GLY B 392 11.31 11.12 1.83
C GLY B 392 10.35 10.39 0.91
N LYS B 393 9.68 11.12 0.00
CA LYS B 393 8.78 10.56 -1.04
C LYS B 393 9.30 9.27 -1.70
N TYR B 394 10.61 9.22 -1.98
CA TYR B 394 11.23 8.08 -2.64
C TYR B 394 11.67 6.98 -1.67
N LEU B 395 11.47 7.22 -0.36
CA LEU B 395 11.70 6.21 0.67
C LEU B 395 10.39 5.45 0.98
N ASP B 396 10.46 4.12 0.91
CA ASP B 396 9.31 3.23 1.00
C ASP B 396 8.64 3.30 2.38
N SER C 6 26.90 -7.26 -31.86
CA SER C 6 26.58 -6.10 -30.94
C SER C 6 25.98 -6.57 -29.63
N ILE C 7 24.94 -7.39 -29.73
CA ILE C 7 24.40 -8.03 -28.54
C ILE C 7 25.41 -8.99 -27.89
N LEU C 8 26.07 -9.83 -28.69
CA LEU C 8 27.15 -10.66 -28.16
C LEU C 8 28.12 -9.78 -27.38
N SER C 9 28.52 -8.69 -28.03
CA SER C 9 29.49 -7.73 -27.48
C SER C 9 29.01 -7.07 -26.18
N LEU C 10 27.74 -6.68 -26.13
CA LEU C 10 27.17 -6.10 -24.90
C LEU C 10 27.25 -7.07 -23.73
N ILE C 11 27.19 -8.38 -24.00
CA ILE C 11 27.29 -9.37 -22.94
C ILE C 11 28.66 -10.03 -22.81
N GLY C 12 29.67 -9.34 -23.33
CA GLY C 12 31.06 -9.68 -23.07
C GLY C 12 31.51 -10.98 -23.76
N ARG C 13 31.15 -11.14 -25.03
CA ARG C 13 31.42 -12.36 -25.77
C ARG C 13 31.66 -12.00 -27.22
N ASP C 14 32.50 -12.79 -27.89
CA ASP C 14 32.75 -12.62 -29.32
C ASP C 14 32.26 -13.77 -30.19
N THR C 15 32.00 -14.95 -29.60
CA THR C 15 31.62 -16.11 -30.40
C THR C 15 30.29 -16.72 -29.98
N GLU C 16 29.51 -17.09 -30.98
CA GLU C 16 28.13 -17.62 -30.81
C GLU C 16 28.17 -19.00 -30.19
N LEU C 17 27.08 -19.40 -29.53
CA LEU C 17 27.07 -20.62 -28.71
C LEU C 17 26.96 -21.90 -29.55
N PHE C 18 26.12 -21.85 -30.58
CA PHE C 18 25.72 -23.05 -31.30
C PHE C 18 26.24 -23.11 -32.72
N HIS C 19 27.36 -22.44 -32.98
CA HIS C 19 27.92 -22.40 -34.33
C HIS C 19 28.07 -23.82 -34.90
N GLN C 20 28.74 -24.68 -34.15
CA GLN C 20 29.07 -26.04 -34.60
C GLN C 20 27.84 -26.87 -34.93
N ASP C 21 26.86 -26.85 -34.03
CA ASP C 21 25.67 -27.67 -34.17
C ASP C 21 24.67 -27.17 -35.18
N ILE C 22 24.57 -25.85 -35.35
CA ILE C 22 23.62 -25.27 -36.31
C ILE C 22 24.20 -25.48 -37.72
N ASN C 23 25.48 -25.19 -37.86
CA ASN C 23 26.21 -25.43 -39.12
C ASN C 23 26.09 -26.92 -39.57
N ALA C 24 26.34 -27.85 -38.66
CA ALA C 24 26.30 -29.28 -38.98
C ALA C 24 24.88 -29.82 -39.33
N ASN C 25 23.84 -29.12 -38.90
CA ASN C 25 22.47 -29.59 -39.20
C ASN C 25 21.65 -28.63 -40.07
N GLU C 26 22.31 -27.63 -40.66
CA GLU C 26 21.57 -26.63 -41.39
C GLU C 26 20.69 -27.21 -42.50
N LYS C 27 21.23 -28.15 -43.27
CA LYS C 27 20.49 -28.61 -44.44
C LYS C 27 19.23 -29.36 -44.03
N GLU C 28 19.35 -30.21 -43.01
CA GLU C 28 18.16 -30.92 -42.52
C GLU C 28 17.14 -29.95 -41.90
N LEU C 29 17.61 -28.96 -41.17
CA LEU C 29 16.70 -27.92 -40.63
C LEU C 29 15.89 -27.24 -41.74
N GLN C 30 16.62 -26.75 -42.76
CA GLN C 30 16.01 -26.12 -43.94
C GLN C 30 14.97 -27.06 -44.56
N SER C 31 15.36 -28.31 -44.76
CA SER C 31 14.54 -29.25 -45.48
C SER C 31 13.26 -29.59 -44.72
N VAL C 32 13.39 -29.87 -43.43
CA VAL C 32 12.20 -30.10 -42.61
C VAL C 32 11.34 -28.82 -42.51
N VAL C 33 11.94 -27.67 -42.22
CA VAL C 33 11.13 -26.44 -42.06
C VAL C 33 10.36 -26.14 -43.34
N SER C 34 11.04 -26.30 -44.48
CA SER C 34 10.44 -26.02 -45.78
C SER C 34 9.31 -26.97 -46.05
N GLN C 35 9.38 -28.16 -45.49
CA GLN C 35 8.34 -29.16 -45.71
C GLN C 35 7.27 -29.23 -44.62
N SER C 36 7.34 -28.36 -43.62
CA SER C 36 6.44 -28.46 -42.47
C SER C 36 5.63 -27.20 -42.15
N ARG C 37 4.62 -27.40 -41.31
CA ARG C 37 3.67 -26.37 -40.91
C ARG C 37 3.83 -26.09 -39.42
N PHE C 38 3.96 -24.81 -39.06
CA PHE C 38 4.31 -24.41 -37.71
C PHE C 38 3.28 -23.46 -37.12
N LEU C 39 2.89 -23.75 -35.88
CA LEU C 39 2.11 -22.86 -35.04
C LEU C 39 2.97 -22.47 -33.83
N VAL C 40 3.14 -21.16 -33.62
CA VAL C 40 3.94 -20.64 -32.53
C VAL C 40 3.02 -19.85 -31.61
N LEU C 41 2.80 -20.40 -30.42
CA LEU C 41 2.01 -19.74 -29.41
C LEU C 41 2.95 -18.88 -28.53
N GLY C 42 2.48 -17.71 -28.15
CA GLY C 42 3.33 -16.73 -27.45
C GLY C 42 4.44 -16.19 -28.31
N GLY C 43 4.19 -16.17 -29.62
CA GLY C 43 5.23 -15.88 -30.62
C GLY C 43 5.74 -14.45 -30.70
N ALA C 44 5.02 -13.51 -30.06
CA ALA C 44 5.46 -12.12 -29.97
C ALA C 44 6.35 -11.82 -28.76
N GLY C 45 6.57 -12.81 -27.89
CA GLY C 45 7.36 -12.61 -26.69
C GLY C 45 8.83 -12.67 -27.03
N SER C 46 9.71 -12.56 -26.03
CA SER C 46 11.12 -12.42 -26.32
C SER C 46 11.66 -13.71 -26.95
N ILE C 47 11.34 -14.87 -26.37
CA ILE C 47 11.81 -16.12 -26.93
C ILE C 47 10.97 -16.49 -28.16
N GLY C 48 9.66 -16.25 -28.08
CA GLY C 48 8.74 -16.54 -29.19
C GLY C 48 9.11 -15.85 -30.51
N GLN C 49 9.46 -14.57 -30.46
CA GLN C 49 9.92 -13.80 -31.64
C GLN C 49 11.19 -14.45 -32.21
N ALA C 50 12.11 -14.80 -31.33
CA ALA C 50 13.38 -15.39 -31.74
C ALA C 50 13.14 -16.71 -32.47
N VAL C 51 12.28 -17.57 -31.95
CA VAL C 51 12.05 -18.86 -32.59
C VAL C 51 11.24 -18.67 -33.85
N THR C 52 10.34 -17.70 -33.85
CA THR C 52 9.57 -17.43 -35.06
C THR C 52 10.50 -17.04 -36.23
N LYS C 53 11.49 -16.23 -35.93
CA LYS C 53 12.47 -15.79 -36.90
C LYS C 53 13.36 -16.93 -37.40
N GLU C 54 13.67 -17.89 -36.53
CA GLU C 54 14.45 -19.05 -36.94
C GLU C 54 13.68 -19.94 -37.88
N ILE C 55 12.36 -19.98 -37.72
CA ILE C 55 11.48 -20.70 -38.64
C ILE C 55 11.34 -19.90 -39.92
N PHE C 56 10.98 -18.62 -39.82
CA PHE C 56 10.72 -17.73 -40.97
C PHE C 56 11.85 -17.71 -42.01
N LYS C 57 13.08 -17.47 -41.58
CA LYS C 57 14.23 -17.39 -42.49
C LYS C 57 14.63 -18.70 -43.18
N ARG C 58 13.94 -19.78 -42.81
CA ARG C 58 14.16 -21.11 -43.36
C ARG C 58 13.00 -21.56 -44.24
N ASN C 59 12.13 -20.61 -44.56
CA ASN C 59 11.11 -20.75 -45.59
C ASN C 59 10.18 -21.89 -45.34
N PRO C 60 9.38 -21.77 -44.28
CA PRO C 60 8.46 -22.81 -43.92
C PRO C 60 7.22 -22.83 -44.83
N GLN C 61 6.61 -23.99 -44.95
CA GLN C 61 5.39 -24.12 -45.70
C GLN C 61 4.26 -23.31 -45.08
N LYS C 62 4.19 -23.28 -43.76
CA LYS C 62 3.11 -22.60 -43.05
C LYS C 62 3.59 -22.19 -41.68
N LEU C 63 3.31 -20.94 -41.30
CA LEU C 63 3.76 -20.41 -40.05
C LEU C 63 2.70 -19.50 -39.49
N HIS C 64 2.01 -19.94 -38.43
CA HIS C 64 1.05 -19.08 -37.79
C HIS C 64 1.50 -18.72 -36.39
N VAL C 65 1.31 -17.45 -36.02
CA VAL C 65 1.86 -16.93 -34.79
C VAL C 65 0.73 -16.35 -34.00
N VAL C 66 0.59 -16.79 -32.73
CA VAL C 66 -0.53 -16.39 -31.88
C VAL C 66 -0.02 -15.80 -30.56
N ASP C 67 -0.53 -14.61 -30.21
CA ASP C 67 -0.05 -13.90 -29.05
C ASP C 67 -1.06 -12.87 -28.66
N ILE C 68 -1.31 -12.77 -27.37
CA ILE C 68 -2.37 -11.95 -26.82
C ILE C 68 -2.03 -10.45 -27.00
N SER C 69 -0.74 -10.13 -27.11
CA SER C 69 -0.26 -8.78 -27.31
C SER C 69 -0.33 -8.25 -28.78
N GLU C 70 -1.40 -7.51 -29.05
CA GLU C 70 -1.58 -6.80 -30.33
C GLU C 70 -0.36 -5.99 -30.71
N ASN C 71 0.05 -5.10 -29.81
CA ASN C 71 1.17 -4.23 -30.12
C ASN C 71 2.43 -4.99 -30.43
N ASN C 72 2.79 -6.00 -29.63
CA ASN C 72 4.06 -6.66 -29.84
C ASN C 72 4.10 -7.58 -31.11
N MSE C 73 2.93 -8.03 -31.53
CA MSE C 73 2.74 -8.78 -32.76
C MSE C 73 3.02 -7.88 -33.94
O MSE C 73 3.74 -8.26 -34.87
CB MSE C 73 1.32 -9.33 -32.88
CG MSE C 73 1.18 -10.31 -34.01
SE MSE C 73 2.09 -12.02 -33.67
CE MSE C 73 0.58 -12.70 -32.72
N VAL C 74 2.47 -6.65 -33.89
CA VAL C 74 2.76 -5.65 -34.90
C VAL C 74 4.24 -5.45 -35.01
N GLU C 75 4.92 -5.28 -33.89
CA GLU C 75 6.37 -5.08 -33.95
C GLU C 75 7.05 -6.33 -34.51
N LEU C 76 6.56 -7.53 -34.16
CA LEU C 76 7.15 -8.78 -34.73
C LEU C 76 7.08 -8.76 -36.28
N VAL C 77 5.92 -8.44 -36.83
CA VAL C 77 5.75 -8.39 -38.29
C VAL C 77 6.69 -7.33 -38.93
N ARG C 78 6.73 -6.14 -38.38
CA ARG C 78 7.66 -5.11 -38.80
C ARG C 78 9.10 -5.61 -38.79
N ASP C 79 9.49 -6.28 -37.71
CA ASP C 79 10.87 -6.80 -37.56
C ASP C 79 11.15 -7.91 -38.58
N ILE C 80 10.16 -8.75 -38.86
CA ILE C 80 10.34 -9.81 -39.86
C ILE C 80 10.47 -9.20 -41.26
N ARG C 81 9.51 -8.35 -41.62
CA ARG C 81 9.57 -7.63 -42.90
C ARG C 81 10.93 -6.94 -43.07
N SER C 82 11.41 -6.22 -42.05
CA SER C 82 12.69 -5.51 -42.19
C SER C 82 13.89 -6.47 -42.33
N SER C 83 13.90 -7.52 -41.52
CA SER C 83 15.02 -8.44 -41.50
C SER C 83 15.06 -9.34 -42.73
N PHE C 84 13.91 -9.86 -43.13
CA PHE C 84 13.88 -10.95 -44.13
C PHE C 84 12.99 -10.68 -45.35
N GLY C 85 12.12 -9.69 -45.28
CA GLY C 85 11.17 -9.46 -46.35
C GLY C 85 10.02 -10.42 -46.21
N TYR C 86 9.78 -11.21 -47.24
CA TYR C 86 8.56 -12.02 -47.32
C TYR C 86 8.90 -13.42 -47.73
N ILE C 87 7.91 -14.31 -47.57
CA ILE C 87 8.04 -15.70 -47.96
C ILE C 87 6.79 -16.12 -48.77
N ASN C 88 6.93 -17.19 -49.55
CA ASN C 88 5.84 -17.67 -50.40
C ASN C 88 4.89 -18.62 -49.70
N GLY C 89 5.25 -19.10 -48.50
CA GLY C 89 4.29 -19.83 -47.67
C GLY C 89 3.18 -18.99 -47.03
N ASP C 90 2.45 -19.62 -46.12
CA ASP C 90 1.29 -19.04 -45.47
C ASP C 90 1.73 -18.58 -44.07
N PHE C 91 2.12 -17.33 -43.98
CA PHE C 91 2.55 -16.71 -42.74
C PHE C 91 1.42 -15.84 -42.28
N GLN C 92 0.87 -16.11 -41.10
CA GLN C 92 -0.19 -15.27 -40.55
C GLN C 92 -0.02 -15.08 -39.03
N THR C 93 -0.50 -13.94 -38.55
CA THR C 93 -0.43 -13.61 -37.15
C THR C 93 -1.85 -13.40 -36.66
N PHE C 94 -2.09 -13.82 -35.41
CA PHE C 94 -3.40 -13.70 -34.76
C PHE C 94 -3.20 -13.24 -33.31
N ALA C 95 -3.78 -12.10 -32.95
CA ALA C 95 -3.52 -11.49 -31.68
C ALA C 95 -4.59 -12.05 -30.71
N LEU C 96 -4.38 -13.28 -30.27
CA LEU C 96 -5.42 -14.04 -29.60
C LEU C 96 -5.00 -14.56 -28.22
N ASP C 97 -5.94 -14.59 -27.29
CA ASP C 97 -5.74 -15.28 -25.99
C ASP C 97 -5.94 -16.80 -26.17
N ILE C 98 -4.86 -17.56 -25.93
CA ILE C 98 -4.89 -19.02 -26.05
C ILE C 98 -6.00 -19.69 -25.20
N GLY C 99 -6.42 -19.06 -24.10
CA GLY C 99 -7.44 -19.61 -23.21
C GLY C 99 -8.87 -19.34 -23.67
N SER C 100 -8.99 -18.78 -24.86
CA SER C 100 -10.18 -18.06 -25.30
C SER C 100 -11.10 -18.89 -26.21
N ILE C 101 -12.38 -18.51 -26.31
CA ILE C 101 -13.28 -19.13 -27.29
C ILE C 101 -12.80 -18.77 -28.68
N GLU C 102 -12.35 -17.53 -28.85
CA GLU C 102 -11.88 -17.03 -30.12
C GLU C 102 -10.80 -17.96 -30.64
N TYR C 103 -9.84 -18.28 -29.79
CA TYR C 103 -8.76 -19.21 -30.12
C TYR C 103 -9.23 -20.64 -30.43
N ASP C 104 -10.15 -21.17 -29.63
CA ASP C 104 -10.67 -22.52 -29.89
C ASP C 104 -11.27 -22.59 -31.28
N ALA C 105 -11.98 -21.53 -31.68
CA ALA C 105 -12.58 -21.43 -33.01
C ALA C 105 -11.57 -21.29 -34.15
N PHE C 106 -10.43 -20.66 -33.86
CA PHE C 106 -9.31 -20.58 -34.79
C PHE C 106 -8.76 -21.99 -35.05
N ILE C 107 -8.65 -22.79 -34.00
CA ILE C 107 -8.19 -24.16 -34.11
C ILE C 107 -9.26 -25.04 -34.77
N LYS C 108 -10.52 -24.89 -34.37
CA LYS C 108 -11.64 -25.60 -34.99
C LYS C 108 -11.72 -25.34 -36.51
N ALA C 109 -11.48 -24.11 -36.95
CA ALA C 109 -11.55 -23.80 -38.39
C ALA C 109 -10.39 -24.41 -39.18
N ASP C 110 -9.21 -24.53 -38.55
CA ASP C 110 -8.04 -25.07 -39.26
C ASP C 110 -7.37 -26.09 -38.35
N GLY C 111 -6.46 -25.61 -37.50
CA GLY C 111 -5.72 -26.46 -36.59
C GLY C 111 -4.67 -27.36 -37.19
N GLN C 112 -4.39 -27.27 -38.48
CA GLN C 112 -3.54 -28.28 -39.12
C GLN C 112 -2.04 -27.91 -39.13
N TYR C 113 -1.27 -28.50 -38.21
CA TYR C 113 0.19 -28.24 -38.07
C TYR C 113 1.00 -29.51 -37.80
N ASP C 114 2.28 -29.47 -38.13
CA ASP C 114 3.18 -30.57 -37.84
C ASP C 114 3.88 -30.37 -36.51
N TYR C 115 4.29 -29.13 -36.27
CA TYR C 115 5.01 -28.75 -35.09
C TYR C 115 4.28 -27.61 -34.41
N VAL C 116 3.96 -27.77 -33.12
CA VAL C 116 3.36 -26.69 -32.34
C VAL C 116 4.29 -26.29 -31.22
N LEU C 117 4.62 -24.99 -31.11
CA LEU C 117 5.58 -24.52 -30.14
C LEU C 117 4.94 -23.50 -29.22
N ASN C 118 5.10 -23.69 -27.91
CA ASN C 118 4.48 -22.82 -26.94
C ASN C 118 5.52 -22.08 -26.17
N LEU C 119 5.58 -20.78 -26.43
CA LEU C 119 6.49 -19.91 -25.71
C LEU C 119 5.67 -18.89 -24.87
N SER C 120 4.39 -19.17 -24.68
CA SER C 120 3.53 -18.32 -23.87
C SER C 120 3.76 -18.61 -22.35
N ALA C 121 3.66 -17.57 -21.50
CA ALA C 121 3.84 -17.68 -20.05
C ALA C 121 3.43 -16.43 -19.34
N LEU C 122 3.14 -16.55 -18.05
CA LEU C 122 3.35 -15.48 -17.07
C LEU C 122 4.57 -15.87 -16.26
N LYS C 123 5.65 -15.11 -16.37
CA LYS C 123 6.96 -15.50 -15.82
C LYS C 123 7.48 -14.62 -14.66
N HIS C 124 6.75 -13.58 -14.25
CA HIS C 124 7.26 -12.57 -13.28
CA HIS C 124 7.27 -12.57 -13.30
C HIS C 124 6.79 -12.82 -11.87
N VAL C 125 7.70 -12.78 -10.91
CA VAL C 125 7.37 -12.89 -9.48
C VAL C 125 6.34 -11.84 -9.00
N ARG C 126 6.37 -10.64 -9.55
CA ARG C 126 5.29 -9.70 -9.26
C ARG C 126 3.88 -10.30 -9.52
N SER C 127 3.83 -11.46 -10.18
CA SER C 127 2.58 -12.06 -10.59
C SER C 127 2.11 -13.10 -9.53
N GLU C 128 3.01 -13.56 -8.63
CA GLU C 128 2.67 -14.49 -7.54
CA GLU C 128 2.63 -14.51 -7.55
C GLU C 128 1.99 -13.79 -6.36
N LYS C 129 1.98 -12.47 -6.41
CA LYS C 129 1.78 -11.60 -5.26
C LYS C 129 0.37 -11.65 -4.74
N ASP C 130 -0.60 -11.80 -5.64
CA ASP C 130 -1.98 -11.80 -5.27
C ASP C 130 -2.68 -13.02 -5.88
N PRO C 131 -3.76 -13.46 -5.24
CA PRO C 131 -4.37 -14.70 -5.68
C PRO C 131 -5.03 -14.67 -7.04
N PHE C 132 -5.31 -13.47 -7.55
CA PHE C 132 -5.96 -13.35 -8.87
C PHE C 132 -4.98 -13.55 -10.00
N THR C 133 -3.87 -12.83 -9.93
CA THR C 133 -2.79 -12.99 -10.91
C THR C 133 -2.16 -14.38 -10.83
N LEU C 134 -2.05 -14.92 -9.62
CA LEU C 134 -1.62 -16.30 -9.39
C LEU C 134 -2.54 -17.29 -10.10
N MSE C 135 -3.84 -17.10 -10.02
CA MSE C 135 -4.77 -17.99 -10.73
C MSE C 135 -4.56 -17.87 -12.23
O MSE C 135 -4.48 -18.91 -12.98
CB MSE C 135 -6.21 -17.69 -10.37
CG MSE C 135 -7.20 -18.67 -10.99
SE MSE C 135 -6.90 -20.53 -10.47
CE MSE C 135 -7.89 -20.60 -8.85
N ARG C 136 -4.43 -16.62 -12.70
CA ARG C 136 -4.10 -16.41 -14.15
C ARG C 136 -2.86 -17.17 -14.58
N MSE C 137 -1.81 -17.12 -13.79
CA MSE C 137 -0.52 -17.78 -14.11
C MSE C 137 -0.65 -19.31 -14.26
O MSE C 137 0.04 -19.96 -15.06
CB MSE C 137 0.48 -17.47 -12.97
CG MSE C 137 1.85 -18.08 -13.15
SE MSE C 137 3.06 -17.53 -11.75
CE MSE C 137 4.21 -16.39 -12.66
N ILE C 138 -1.50 -19.89 -13.43
CA ILE C 138 -1.85 -21.27 -13.50
C ILE C 138 -2.64 -21.52 -14.80
N ASP C 139 -3.67 -20.71 -15.08
CA ASP C 139 -4.38 -20.82 -16.36
C ASP C 139 -3.39 -20.81 -17.54
N VAL C 140 -2.36 -19.96 -17.50
CA VAL C 140 -1.55 -19.67 -18.68
C VAL C 140 -0.42 -20.68 -18.76
N ASN C 141 0.17 -21.05 -17.62
CA ASN C 141 1.33 -21.95 -17.64
C ASN C 141 0.94 -23.41 -17.66
N VAL C 142 -0.16 -23.75 -16.99
CA VAL C 142 -0.56 -25.16 -16.83
C VAL C 142 -1.71 -25.57 -17.77
N PHE C 143 -2.88 -24.97 -17.59
CA PHE C 143 -4.08 -25.38 -18.31
C PHE C 143 -4.14 -24.99 -19.78
N ASN C 144 -3.60 -23.84 -20.14
CA ASN C 144 -3.52 -23.51 -21.53
C ASN C 144 -2.60 -24.49 -22.26
N THR C 145 -1.50 -24.85 -21.61
CA THR C 145 -0.54 -25.80 -22.16
C THR C 145 -1.19 -27.17 -22.34
N ASP C 146 -1.81 -27.68 -21.29
CA ASP C 146 -2.52 -28.95 -21.39
C ASP C 146 -3.55 -28.95 -22.52
N LYS C 147 -4.41 -27.94 -22.58
CA LYS C 147 -5.41 -27.86 -23.64
C LYS C 147 -4.77 -27.80 -25.04
N THR C 148 -3.74 -26.98 -25.24
CA THR C 148 -3.16 -26.83 -26.59
C THR C 148 -2.44 -28.13 -27.01
N ILE C 149 -1.96 -28.93 -26.06
CA ILE C 149 -1.40 -30.23 -26.40
C ILE C 149 -2.53 -31.15 -26.91
N GLN C 150 -3.69 -31.07 -26.26
CA GLN C 150 -4.85 -31.88 -26.65
C GLN C 150 -5.28 -31.50 -28.06
N GLN C 151 -5.29 -30.21 -28.37
CA GLN C 151 -5.69 -29.76 -29.73
C GLN C 151 -4.75 -30.22 -30.81
N SER C 152 -3.47 -30.28 -30.46
CA SER C 152 -2.45 -30.77 -31.33
C SER C 152 -2.59 -32.28 -31.57
N ILE C 153 -2.83 -33.02 -30.50
CA ILE C 153 -3.10 -34.45 -30.59
C ILE C 153 -4.29 -34.65 -31.50
N ASP C 154 -5.38 -33.95 -31.22
CA ASP C 154 -6.56 -33.96 -32.10
C ASP C 154 -6.28 -33.60 -33.56
N ALA C 155 -5.41 -32.62 -33.82
CA ALA C 155 -5.07 -32.26 -35.21
C ALA C 155 -4.10 -33.23 -35.93
N GLY C 156 -3.49 -34.18 -35.20
CA GLY C 156 -2.44 -35.04 -35.73
C GLY C 156 -1.06 -34.41 -35.88
N ALA C 157 -0.69 -33.47 -35.00
CA ALA C 157 0.68 -32.93 -34.97
C ALA C 157 1.69 -33.99 -34.65
N LYS C 158 2.90 -33.86 -35.16
CA LYS C 158 3.98 -34.80 -34.87
C LYS C 158 4.71 -34.41 -33.59
N LYS C 159 4.59 -33.15 -33.16
CA LYS C 159 5.45 -32.61 -32.11
C LYS C 159 4.96 -31.33 -31.44
N TYR C 160 4.96 -31.35 -30.11
CA TYR C 160 4.69 -30.20 -29.28
C TYR C 160 5.94 -29.80 -28.51
N PHE C 161 6.41 -28.58 -28.72
CA PHE C 161 7.52 -28.02 -27.97
C PHE C 161 6.97 -26.99 -26.96
N CYS C 162 7.52 -27.03 -25.74
CA CYS C 162 7.37 -25.90 -24.81
C CYS C 162 8.63 -25.78 -23.96
N VAL C 163 8.61 -24.83 -23.05
CA VAL C 163 9.80 -24.50 -22.28
C VAL C 163 9.75 -25.23 -20.96
N SER C 164 10.91 -25.60 -20.45
CA SER C 164 10.97 -26.30 -19.20
C SER C 164 11.32 -25.33 -18.10
N THR C 165 11.18 -25.77 -16.85
CA THR C 165 11.74 -25.08 -15.68
C THR C 165 13.20 -24.73 -15.94
N ASP C 166 13.68 -23.64 -15.38
CA ASP C 166 15.03 -23.13 -15.68
C ASP C 166 16.14 -23.90 -15.01
N LYS C 167 15.79 -24.73 -14.04
CA LYS C 167 16.80 -25.45 -13.26
C LYS C 167 16.23 -26.80 -12.83
N ALA C 168 17.13 -27.76 -12.62
CA ALA C 168 16.75 -29.09 -12.22
C ALA C 168 16.27 -29.06 -10.77
N ALA C 169 16.95 -28.26 -9.94
CA ALA C 169 16.66 -28.15 -8.49
C ALA C 169 15.19 -27.83 -8.18
N ASN C 170 14.73 -28.12 -6.95
CA ASN C 170 13.38 -27.80 -6.46
CA ASN C 170 13.34 -27.86 -6.65
C ASN C 170 12.96 -26.37 -6.76
N PRO C 171 11.73 -26.14 -7.18
CA PRO C 171 11.36 -24.75 -7.43
C PRO C 171 11.24 -24.00 -6.13
N VAL C 172 11.48 -22.71 -6.16
CA VAL C 172 11.45 -21.93 -4.94
C VAL C 172 10.45 -20.76 -4.95
N ASN C 173 9.70 -20.60 -6.03
CA ASN C 173 8.63 -19.60 -6.08
C ASN C 173 7.44 -20.18 -6.83
N MSE C 174 6.31 -19.51 -6.78
CA MSE C 174 5.09 -20.04 -7.38
C MSE C 174 5.21 -20.21 -8.91
O MSE C 174 4.66 -21.15 -9.48
CB MSE C 174 3.88 -19.18 -7.01
CG MSE C 174 3.61 -19.07 -5.48
SE MSE C 174 3.29 -20.75 -4.74
CE MSE C 174 1.52 -21.12 -5.52
N MSE C 175 5.99 -19.35 -9.57
CA MSE C 175 6.15 -19.45 -11.04
C MSE C 175 6.88 -20.77 -11.39
O MSE C 175 6.41 -21.52 -12.23
CB MSE C 175 6.85 -18.24 -11.59
CG MSE C 175 6.94 -18.15 -13.13
SE MSE C 175 8.46 -19.21 -13.79
CE MSE C 175 9.94 -18.17 -12.94
N GLY C 176 7.99 -21.05 -10.71
CA GLY C 176 8.73 -22.28 -10.92
C GLY C 176 7.86 -23.50 -10.64
N ALA C 177 7.21 -23.50 -9.48
CA ALA C 177 6.28 -24.53 -9.10
C ALA C 177 5.22 -24.74 -10.18
N SER C 178 4.61 -23.66 -10.67
CA SER C 178 3.60 -23.79 -11.74
C SER C 178 4.14 -24.50 -12.98
N LYS C 179 5.40 -24.26 -13.28
CA LYS C 179 6.07 -24.98 -14.37
C LYS C 179 6.39 -26.45 -14.03
N ARG C 180 6.61 -26.79 -12.76
CA ARG C 180 6.75 -28.20 -12.35
C ARG C 180 5.43 -28.91 -12.51
N ILE C 181 4.38 -28.26 -12.08
CA ILE C 181 3.09 -28.84 -12.21
C ILE C 181 2.84 -29.08 -13.70
N MSE C 182 3.21 -28.13 -14.54
CA MSE C 182 2.97 -28.25 -15.98
CA MSE C 182 2.95 -28.28 -15.97
C MSE C 182 3.67 -29.49 -16.54
O MSE C 182 3.08 -30.21 -17.33
CB MSE C 182 3.43 -26.97 -16.69
CB MSE C 182 3.31 -27.02 -16.78
CG MSE C 182 3.27 -26.92 -18.22
CG MSE C 182 3.29 -27.20 -18.31
SE MSE C 182 4.45 -25.46 -18.89
SE MSE C 182 5.10 -27.21 -19.04
CE MSE C 182 6.21 -26.28 -18.63
CE MSE C 182 5.65 -25.43 -18.47
N GLU C 183 4.92 -29.72 -16.11
CA GLU C 183 5.65 -30.89 -16.57
C GLU C 183 4.81 -32.13 -16.35
N MSE C 184 4.23 -32.24 -15.15
CA MSE C 184 3.44 -33.39 -14.75
C MSE C 184 2.36 -33.65 -15.78
O MSE C 184 2.26 -34.77 -16.28
CB MSE C 184 2.80 -33.20 -13.36
CG MSE C 184 3.81 -33.07 -12.23
SE MSE C 184 2.98 -32.67 -10.50
CE MSE C 184 4.60 -32.73 -9.43
N PHE C 185 1.56 -32.62 -16.08
CA PHE C 185 0.56 -32.73 -17.17
C PHE C 185 1.22 -33.07 -18.54
N LEU C 186 2.43 -32.59 -18.78
CA LEU C 186 3.14 -32.91 -20.04
C LEU C 186 3.49 -34.38 -20.12
N MSE C 187 4.02 -34.94 -19.05
CA MSE C 187 4.35 -36.38 -19.02
C MSE C 187 3.12 -37.21 -19.34
O MSE C 187 3.22 -38.19 -20.05
CB MSE C 187 4.94 -36.85 -17.71
CG MSE C 187 6.24 -36.18 -17.26
SE MSE C 187 7.77 -36.35 -18.45
CE MSE C 187 7.54 -34.85 -19.68
N ARG C 188 1.95 -36.87 -18.81
CA ARG C 188 0.75 -37.63 -19.17
C ARG C 188 0.42 -37.49 -20.68
N LYS C 189 0.58 -36.29 -21.24
CA LYS C 189 0.30 -36.09 -22.69
C LYS C 189 1.36 -36.71 -23.60
N SER C 190 2.57 -36.93 -23.07
CA SER C 190 3.65 -37.49 -23.86
C SER C 190 3.40 -38.99 -24.23
N GLU C 191 2.42 -39.59 -23.57
CA GLU C 191 1.87 -40.88 -23.94
C GLU C 191 1.17 -40.85 -25.28
N GLU C 192 0.63 -39.68 -25.68
CA GLU C 192 -0.15 -39.58 -26.92
C GLU C 192 0.54 -38.81 -28.05
N ILE C 193 1.59 -38.06 -27.72
CA ILE C 193 2.28 -37.20 -28.69
C ILE C 193 3.71 -36.96 -28.22
N ALA C 194 4.62 -36.86 -29.16
CA ALA C 194 6.02 -36.56 -28.87
C ALA C 194 6.12 -35.13 -28.34
N ILE C 195 6.81 -34.96 -27.23
CA ILE C 195 6.93 -33.67 -26.55
C ILE C 195 8.38 -33.48 -26.18
N SER C 196 8.96 -32.34 -26.52
CA SER C 196 10.25 -31.98 -25.95
C SER C 196 10.27 -30.51 -25.57
N THR C 197 11.30 -30.16 -24.83
CA THR C 197 11.34 -28.91 -24.16
C THR C 197 12.78 -28.39 -24.23
N ALA C 198 12.98 -27.16 -23.74
CA ALA C 198 14.31 -26.59 -23.54
C ALA C 198 14.48 -25.96 -22.16
N ARG C 199 15.71 -25.99 -21.68
CA ARG C 199 16.04 -25.41 -20.42
C ARG C 199 17.18 -24.47 -20.67
N PHE C 200 17.02 -23.24 -20.24
CA PHE C 200 18.05 -22.22 -20.42
C PHE C 200 17.84 -21.11 -19.38
N ALA C 201 18.70 -20.10 -19.41
CA ALA C 201 18.59 -18.98 -18.49
C ALA C 201 19.16 -17.75 -19.16
N ASN C 202 18.73 -16.57 -18.69
CA ASN C 202 19.44 -15.32 -18.94
C ASN C 202 19.54 -14.97 -20.42
N VAL C 203 18.42 -14.97 -21.10
CA VAL C 203 18.37 -14.47 -22.48
C VAL C 203 18.41 -12.92 -22.43
N ALA C 204 19.54 -12.37 -22.86
CA ALA C 204 19.85 -10.95 -22.70
C ALA C 204 18.82 -10.03 -23.37
N PHE C 205 18.43 -8.99 -22.65
CA PHE C 205 17.48 -7.99 -23.13
C PHE C 205 16.08 -8.54 -23.37
N SER C 206 15.71 -9.62 -22.71
CA SER C 206 14.33 -10.10 -22.76
C SER C 206 13.37 -9.06 -22.14
N ASP C 207 12.14 -9.09 -22.63
CA ASP C 207 11.12 -8.13 -22.22
C ASP C 207 10.87 -8.29 -20.73
N GLY C 208 10.76 -7.17 -20.03
CA GLY C 208 10.54 -7.22 -18.60
C GLY C 208 11.80 -7.34 -17.75
N SER C 209 12.95 -7.70 -18.33
CA SER C 209 14.17 -7.87 -17.56
C SER C 209 14.87 -6.56 -17.19
N LEU C 210 15.86 -6.63 -16.30
CA LEU C 210 16.66 -5.45 -15.93
C LEU C 210 17.33 -4.86 -17.16
N LEU C 211 17.87 -5.71 -18.01
CA LEU C 211 18.59 -5.20 -19.15
C LEU C 211 17.67 -4.47 -20.10
N HIS C 212 16.44 -4.96 -20.22
CA HIS C 212 15.44 -4.35 -21.08
C HIS C 212 15.05 -2.98 -20.53
N GLY C 213 15.07 -2.84 -19.21
CA GLY C 213 14.81 -1.58 -18.57
C GLY C 213 15.80 -0.47 -18.90
N PHE C 214 17.06 -0.84 -19.23
CA PHE C 214 18.10 0.17 -19.48
C PHE C 214 17.61 1.10 -20.56
N ASN C 215 17.10 0.50 -21.62
CA ASN C 215 16.56 1.27 -22.73
C ASN C 215 15.41 2.19 -22.33
N GLN C 216 14.54 1.67 -21.46
CA GLN C 216 13.41 2.46 -20.98
C GLN C 216 13.89 3.64 -20.15
N ARG C 217 14.85 3.40 -19.28
CA ARG C 217 15.40 4.47 -18.44
C ARG C 217 16.06 5.52 -19.31
N ILE C 218 16.79 5.08 -20.32
CA ILE C 218 17.47 6.04 -21.19
C ILE C 218 16.42 6.88 -21.87
N GLN C 219 15.39 6.25 -22.42
CA GLN C 219 14.33 6.98 -23.08
C GLN C 219 13.66 7.99 -22.18
N LYS C 220 13.59 7.72 -20.86
CA LYS C 220 12.81 8.59 -19.98
C LYS C 220 13.66 9.50 -19.18
N ASN C 221 14.96 9.51 -19.43
CA ASN C 221 15.88 10.42 -18.74
C ASN C 221 15.95 10.15 -17.24
N GLN C 222 16.10 8.88 -16.91
CA GLN C 222 16.12 8.41 -15.54
C GLN C 222 17.42 7.65 -15.33
N PRO C 223 17.90 7.63 -14.10
CA PRO C 223 19.10 6.89 -13.74
C PRO C 223 19.08 5.40 -14.10
N ILE C 224 20.24 4.84 -14.40
CA ILE C 224 20.32 3.40 -14.53
C ILE C 224 20.77 2.88 -13.21
N VAL C 225 20.05 1.92 -12.67
CA VAL C 225 20.40 1.30 -11.40
C VAL C 225 20.74 -0.16 -11.70
N ALA C 226 21.88 -0.64 -11.23
CA ALA C 226 22.26 -2.03 -11.59
C ALA C 226 23.25 -2.63 -10.63
N PRO C 227 23.06 -3.92 -10.28
CA PRO C 227 24.02 -4.57 -9.39
C PRO C 227 25.35 -4.79 -10.07
N ASN C 228 26.43 -4.52 -9.36
CA ASN C 228 27.75 -4.80 -9.94
C ASN C 228 28.40 -6.06 -9.37
N ASP C 229 27.70 -6.70 -8.44
CA ASP C 229 28.17 -7.91 -7.78
C ASP C 229 27.44 -9.17 -8.30
N ILE C 230 26.21 -9.03 -8.78
CA ILE C 230 25.50 -10.16 -9.35
C ILE C 230 26.01 -10.43 -10.78
N LYS C 231 26.75 -11.53 -10.99
CA LYS C 231 27.27 -11.91 -12.33
C LYS C 231 26.55 -13.15 -12.93
N ARG C 232 26.52 -13.27 -14.25
CA ARG C 232 25.82 -14.37 -14.92
C ARG C 232 26.44 -14.63 -16.28
N TYR C 233 26.09 -15.78 -16.83
CA TYR C 233 26.35 -16.11 -18.22
C TYR C 233 25.09 -15.78 -18.96
N PHE C 234 25.16 -14.87 -19.94
CA PHE C 234 24.02 -14.57 -20.78
C PHE C 234 24.12 -15.24 -22.13
N VAL C 235 22.95 -15.53 -22.69
CA VAL C 235 22.82 -15.95 -24.06
C VAL C 235 22.02 -14.91 -24.83
N THR C 236 22.06 -14.98 -26.16
CA THR C 236 21.39 -14.00 -27.01
C THR C 236 20.00 -14.51 -27.44
N PRO C 237 19.10 -13.59 -27.81
CA PRO C 237 17.79 -14.01 -28.27
C PRO C 237 17.85 -15.02 -29.40
N GLN C 238 18.78 -14.83 -30.33
CA GLN C 238 18.95 -15.78 -31.44
C GLN C 238 19.37 -17.16 -30.92
N GLU C 239 20.32 -17.19 -30.00
CA GLU C 239 20.68 -18.47 -29.37
C GLU C 239 19.45 -19.16 -28.78
N SER C 240 18.64 -18.40 -28.05
CA SER C 240 17.42 -18.97 -27.49
C SER C 240 16.51 -19.53 -28.57
N GLY C 241 16.40 -18.85 -29.69
CA GLY C 241 15.53 -19.31 -30.78
C GLY C 241 16.06 -20.57 -31.43
N GLU C 242 17.39 -20.67 -31.53
CA GLU C 242 18.05 -21.83 -32.16
C GLU C 242 17.85 -23.11 -31.31
N LEU C 243 18.08 -22.96 -30.01
CA LEU C 243 17.94 -24.05 -29.04
C LEU C 243 16.53 -24.61 -29.11
N CYS C 244 15.57 -23.71 -29.15
CA CYS C 244 14.16 -24.08 -29.19
C CYS C 244 13.82 -24.83 -30.47
N LEU C 245 14.21 -24.27 -31.62
CA LEU C 245 13.96 -24.92 -32.89
C LEU C 245 14.68 -26.26 -32.97
N MSE C 246 15.91 -26.35 -32.48
CA MSE C 246 16.62 -27.63 -32.46
C MSE C 246 15.81 -28.67 -31.65
O MSE C 246 15.65 -29.83 -32.09
CB MSE C 246 18.02 -27.48 -31.88
CG MSE C 246 19.04 -26.75 -32.72
SE MSE C 246 19.54 -27.66 -34.36
CE MSE C 246 17.84 -27.55 -35.26
N SER C 247 15.28 -28.29 -30.49
CA SER C 247 14.58 -29.24 -29.67
C SER C 247 13.30 -29.65 -30.38
N CYS C 248 12.61 -28.67 -30.92
CA CYS C 248 11.39 -28.94 -31.64
C CYS C 248 11.64 -29.97 -32.74
N ILE C 249 12.64 -29.74 -33.59
CA ILE C 249 12.87 -30.61 -34.75
C ILE C 249 13.59 -31.91 -34.42
N PHE C 250 14.63 -31.83 -33.58
CA PHE C 250 15.51 -32.96 -33.37
C PHE C 250 15.32 -33.73 -32.07
N GLY C 251 14.59 -33.15 -31.12
CA GLY C 251 14.39 -33.79 -29.83
C GLY C 251 13.49 -34.99 -29.90
N GLU C 252 13.83 -36.04 -29.16
CA GLU C 252 12.95 -37.20 -29.06
C GLU C 252 11.97 -36.94 -27.92
N ASN C 253 11.00 -37.83 -27.75
CA ASN C 253 9.99 -37.66 -26.70
C ASN C 253 10.59 -37.56 -25.30
N ARG C 254 10.08 -36.58 -24.56
CA ARG C 254 10.57 -36.21 -23.22
C ARG C 254 12.00 -35.70 -23.18
N ASP C 255 12.59 -35.38 -24.33
CA ASP C 255 13.90 -34.74 -24.39
C ASP C 255 13.80 -33.30 -23.81
N ILE C 256 14.76 -32.93 -22.96
CA ILE C 256 14.94 -31.56 -22.55
C ILE C 256 16.30 -31.10 -23.02
N PHE C 257 16.31 -30.20 -23.99
CA PHE C 257 17.53 -29.65 -24.55
C PHE C 257 18.01 -28.45 -23.71
N PHE C 258 19.32 -28.29 -23.60
CA PHE C 258 19.90 -27.18 -22.87
C PHE C 258 21.27 -26.83 -23.40
N PRO C 259 21.75 -25.59 -23.12
CA PRO C 259 23.08 -25.17 -23.53
C PRO C 259 24.17 -25.74 -22.68
N LYS C 260 25.14 -26.35 -23.35
CA LYS C 260 26.32 -26.89 -22.66
C LYS C 260 27.16 -25.74 -22.13
N LEU C 261 27.71 -25.89 -20.93
CA LEU C 261 28.77 -25.01 -20.46
C LEU C 261 29.84 -24.97 -21.56
N SER C 262 30.28 -23.79 -21.94
CA SER C 262 31.18 -23.64 -23.09
C SER C 262 32.12 -22.46 -22.91
N GLU C 263 33.25 -22.50 -23.59
CA GLU C 263 34.27 -21.45 -23.50
C GLU C 263 33.75 -20.12 -24.05
N ALA C 264 32.72 -20.18 -24.91
CA ALA C 264 32.17 -18.99 -25.57
C ALA C 264 31.32 -18.16 -24.63
N LEU C 265 30.86 -18.75 -23.52
CA LEU C 265 30.17 -18.05 -22.45
C LEU C 265 31.17 -17.35 -21.51
N HIS C 266 30.80 -16.17 -21.02
CA HIS C 266 31.60 -15.47 -20.00
C HIS C 266 30.72 -14.77 -18.97
N LEU C 267 31.14 -14.90 -17.71
CA LEU C 267 30.55 -14.20 -16.58
C LEU C 267 30.64 -12.70 -16.82
N ILE C 268 29.53 -12.01 -16.57
CA ILE C 268 29.51 -10.55 -16.69
C ILE C 268 28.42 -9.99 -15.79
N SER C 269 28.71 -8.88 -15.13
CA SER C 269 27.73 -8.28 -14.22
C SER C 269 26.72 -7.43 -14.96
N PHE C 270 25.56 -7.23 -14.36
CA PHE C 270 24.58 -6.29 -14.91
C PHE C 270 25.20 -4.91 -15.12
N ALA C 271 25.93 -4.44 -14.11
CA ALA C 271 26.55 -3.12 -14.14
C ALA C 271 27.45 -2.95 -15.34
N ASP C 272 28.32 -3.92 -15.58
CA ASP C 272 29.22 -3.88 -16.75
C ASP C 272 28.49 -3.88 -18.10
N ILE C 273 27.40 -4.65 -18.21
CA ILE C 273 26.58 -4.57 -19.43
C ILE C 273 26.00 -3.16 -19.61
N ALA C 274 25.56 -2.55 -18.51
CA ALA C 274 25.08 -1.18 -18.54
C ALA C 274 26.17 -0.22 -19.04
N VAL C 275 27.39 -0.32 -18.48
CA VAL C 275 28.48 0.51 -18.94
C VAL C 275 28.59 0.34 -20.45
N LYS C 276 28.64 -0.91 -20.93
CA LYS C 276 28.81 -1.17 -22.36
C LYS C 276 27.64 -0.69 -23.17
N TYR C 277 26.45 -0.81 -22.61
CA TYR C 277 25.28 -0.34 -23.34
C TYR C 277 25.32 1.18 -23.47
N LEU C 278 25.72 1.89 -22.43
CA LEU C 278 25.81 3.35 -22.51
C LEU C 278 26.87 3.82 -23.50
N LYS C 279 28.03 3.15 -23.56
CA LYS C 279 29.09 3.55 -24.50
CA LYS C 279 29.09 3.55 -24.49
C LYS C 279 28.55 3.47 -25.92
N GLN C 280 27.85 2.39 -26.19
CA GLN C 280 27.29 2.15 -27.50
C GLN C 280 26.41 3.30 -27.92
N LEU C 281 25.66 3.84 -26.96
CA LEU C 281 24.78 4.99 -27.20
C LEU C 281 25.50 6.32 -27.13
N GLY C 282 26.77 6.31 -26.71
CA GLY C 282 27.59 7.52 -26.72
C GLY C 282 27.65 8.29 -25.42
N TYR C 283 27.32 7.62 -24.31
CA TYR C 283 27.34 8.20 -22.97
C TYR C 283 28.38 7.50 -22.14
N GLU C 284 29.10 8.26 -21.34
CA GLU C 284 29.89 7.73 -20.25
C GLU C 284 29.11 7.70 -18.91
N PRO C 285 29.30 6.65 -18.11
CA PRO C 285 28.62 6.63 -16.83
C PRO C 285 29.22 7.63 -15.85
N HIS C 286 28.36 8.24 -15.04
CA HIS C 286 28.76 8.95 -13.85
C HIS C 286 28.18 8.20 -12.66
N LEU C 287 29.09 7.77 -11.77
CA LEU C 287 28.67 7.01 -10.58
C LEU C 287 28.15 7.92 -9.47
N CYS C 288 26.96 7.65 -8.99
CA CYS C 288 26.27 8.50 -8.03
C CYS C 288 26.24 7.91 -6.63
N GLU C 289 26.07 8.75 -5.61
CA GLU C 289 26.05 8.32 -4.20
CA GLU C 289 26.05 8.28 -4.21
C GLU C 289 24.73 7.65 -3.77
N SER C 290 23.66 7.96 -4.46
CA SER C 290 22.34 7.52 -4.03
C SER C 290 21.34 7.85 -5.12
N GLU C 291 20.13 7.33 -4.96
CA GLU C 291 19.10 7.56 -5.97
C GLU C 291 18.71 9.03 -6.06
N ASP C 292 18.66 9.73 -4.96
CA ASP C 292 18.26 11.12 -5.02
C ASP C 292 19.29 11.98 -5.78
N GLU C 293 20.59 11.72 -5.61
CA GLU C 293 21.58 12.44 -6.40
C GLU C 293 21.42 12.08 -7.88
N ALA C 294 21.23 10.82 -8.17
CA ALA C 294 21.08 10.36 -9.54
C ALA C 294 19.95 11.05 -10.28
N ARG C 295 18.78 11.12 -9.66
CA ARG C 295 17.62 11.80 -10.21
C ARG C 295 17.91 13.25 -10.55
N GLU C 296 18.57 13.94 -9.65
CA GLU C 296 18.88 15.32 -9.85
C GLU C 296 19.85 15.46 -11.01
N LEU C 297 20.84 14.58 -11.07
CA LEU C 297 21.87 14.71 -12.07
C LEU C 297 21.34 14.33 -13.45
N ALA C 298 20.32 13.46 -13.51
CA ALA C 298 19.68 13.08 -14.79
C ALA C 298 19.11 14.26 -15.57
N LYS C 299 18.87 15.37 -14.89
CA LYS C 299 18.24 16.51 -15.50
C LYS C 299 19.17 17.28 -16.39
N THR C 300 20.47 17.29 -16.04
CA THR C 300 21.53 17.97 -16.77
C THR C 300 22.62 17.08 -17.43
N LEU C 301 22.96 15.96 -16.81
CA LEU C 301 24.11 15.17 -17.25
C LEU C 301 24.07 14.61 -18.66
N PRO C 302 22.91 14.07 -19.11
CA PRO C 302 22.85 13.48 -20.46
C PRO C 302 23.20 14.47 -21.59
N ALA C 303 22.90 15.75 -21.41
CA ALA C 303 23.21 16.76 -22.44
C ALA C 303 24.72 17.00 -22.56
N GLN C 304 25.47 16.68 -21.50
CA GLN C 304 26.95 16.72 -21.52
C GLN C 304 27.57 15.36 -21.85
N GLY C 305 26.80 14.38 -22.28
CA GLY C 305 27.38 13.05 -22.62
C GLY C 305 27.61 12.07 -21.47
N LYS C 306 27.04 12.35 -20.31
CA LYS C 306 27.18 11.51 -19.14
C LYS C 306 25.82 10.97 -18.74
N TRP C 307 25.77 9.75 -18.21
CA TRP C 307 24.55 9.17 -17.68
C TRP C 307 24.68 8.77 -16.20
N PRO C 308 23.79 9.28 -15.34
CA PRO C 308 23.95 8.92 -13.92
C PRO C 308 23.60 7.46 -13.68
N CYS C 309 24.48 6.75 -13.01
CA CYS C 309 24.26 5.36 -12.66
C CYS C 309 24.50 5.15 -11.20
N LEU C 310 23.79 4.17 -10.67
CA LEU C 310 23.99 3.68 -9.32
C LEU C 310 24.26 2.19 -9.44
N PHE C 311 25.52 1.81 -9.15
CA PHE C 311 25.93 0.42 -9.18
C PHE C 311 26.02 -0.15 -7.76
N THR C 312 25.06 -1.00 -7.41
CA THR C 312 24.78 -1.43 -6.03
C THR C 312 25.50 -2.72 -5.63
N SER C 313 25.23 -3.18 -4.40
CA SER C 313 25.94 -4.30 -3.73
C SER C 313 25.08 -5.00 -2.64
N SER C 314 25.01 -6.34 -2.69
CA SER C 314 24.36 -7.18 -1.64
C SER C 314 23.71 -8.44 -2.23
N GLU C 324 22.89 -24.60 -12.51
CA GLU C 324 22.83 -26.04 -12.76
C GLU C 324 21.55 -26.43 -13.50
N PHE C 325 21.73 -26.81 -14.76
CA PHE C 325 20.63 -27.31 -15.60
C PHE C 325 20.29 -28.78 -15.33
N PHE C 326 21.21 -29.49 -14.69
CA PHE C 326 21.05 -30.91 -14.36
C PHE C 326 21.73 -31.22 -13.03
N THR C 327 21.32 -32.32 -12.40
CA THR C 327 21.97 -32.86 -11.20
C THR C 327 22.70 -34.17 -11.52
N ASP C 328 23.24 -34.83 -10.49
CA ASP C 328 23.77 -36.21 -10.63
C ASP C 328 22.67 -37.22 -11.01
N LYS C 329 21.43 -36.91 -10.65
CA LYS C 329 20.31 -37.84 -10.80
CA LYS C 329 20.28 -37.81 -10.79
C LYS C 329 19.53 -37.68 -12.13
N GLU C 330 20.20 -37.21 -13.19
CA GLU C 330 19.56 -37.15 -14.51
C GLU C 330 20.36 -38.01 -15.47
N THR C 331 19.67 -38.72 -16.34
CA THR C 331 20.36 -39.38 -17.44
C THR C 331 20.51 -38.33 -18.56
N LEU C 332 21.77 -38.16 -18.98
CA LEU C 332 22.13 -37.22 -20.00
C LEU C 332 22.49 -37.95 -21.28
N ASP C 333 22.35 -37.24 -22.39
CA ASP C 333 23.05 -37.58 -23.63
C ASP C 333 23.87 -36.35 -24.02
N MSE C 334 25.18 -36.43 -23.78
CA MSE C 334 26.13 -35.37 -24.18
C MSE C 334 26.90 -35.79 -25.46
O MSE C 334 27.87 -35.13 -25.83
CB MSE C 334 27.11 -35.10 -23.04
CG MSE C 334 26.47 -34.90 -21.67
SE MSE C 334 25.36 -33.26 -21.59
CE MSE C 334 26.69 -32.08 -20.78
N ALA C 335 26.45 -36.84 -26.13
CA ALA C 335 27.14 -37.32 -27.30
C ALA C 335 26.58 -36.75 -28.59
N ARG C 336 25.27 -36.49 -28.64
CA ARG C 336 24.62 -36.18 -29.92
C ARG C 336 25.14 -34.89 -30.55
N PHE C 337 25.37 -33.88 -29.71
CA PHE C 337 25.68 -32.54 -30.16
C PHE C 337 26.90 -31.99 -29.44
N ASP C 338 27.64 -31.11 -30.09
CA ASP C 338 28.82 -30.56 -29.46
C ASP C 338 28.48 -29.47 -28.45
N ASN C 339 27.39 -28.74 -28.70
CA ASN C 339 27.01 -27.52 -27.95
C ASN C 339 25.70 -27.62 -27.14
N LEU C 340 24.88 -28.60 -27.46
CA LEU C 340 23.57 -28.80 -26.86
C LEU C 340 23.60 -30.07 -26.02
N GLY C 341 23.23 -29.96 -24.75
CA GLY C 341 23.11 -31.12 -23.86
C GLY C 341 21.67 -31.63 -23.90
N ILE C 342 21.47 -32.87 -23.49
CA ILE C 342 20.13 -33.43 -23.51
C ILE C 342 19.82 -34.23 -22.27
N ILE C 343 18.67 -33.92 -21.65
CA ILE C 343 18.13 -34.72 -20.56
C ILE C 343 17.06 -35.66 -21.08
N LYS C 344 17.29 -36.97 -20.88
CA LYS C 344 16.28 -37.99 -21.19
C LYS C 344 15.36 -38.11 -19.97
N ASN C 345 14.05 -38.11 -20.19
CA ASN C 345 13.13 -37.73 -19.09
C ASN C 345 11.84 -38.56 -19.13
N LEU C 348 8.08 -38.48 -14.21
CA LEU C 348 6.93 -39.23 -13.67
C LEU C 348 5.65 -38.38 -13.60
N TYR C 349 4.50 -39.02 -13.42
CA TYR C 349 3.29 -38.32 -12.93
C TYR C 349 2.42 -39.23 -12.07
N GLN C 350 1.47 -38.64 -11.35
CA GLN C 350 0.47 -39.43 -10.62
C GLN C 350 -0.92 -38.96 -11.03
N GLN C 351 -1.66 -39.83 -11.70
CA GLN C 351 -2.97 -39.46 -12.22
C GLN C 351 -3.83 -38.76 -11.17
N GLU C 352 -3.77 -39.22 -9.92
CA GLU C 352 -4.64 -38.73 -8.87
C GLU C 352 -4.25 -37.32 -8.37
N LEU C 353 -2.97 -36.97 -8.42
CA LEU C 353 -2.52 -35.63 -8.13
C LEU C 353 -3.04 -34.68 -9.19
N LEU C 354 -2.97 -35.11 -10.44
CA LEU C 354 -3.44 -34.32 -11.54
C LEU C 354 -4.95 -34.06 -11.41
N GLU C 355 -5.72 -35.08 -11.04
CA GLU C 355 -7.16 -34.95 -10.88
C GLU C 355 -7.51 -34.06 -9.72
N LEU C 356 -6.71 -34.15 -8.68
CA LEU C 356 -6.92 -33.37 -7.47
C LEU C 356 -6.67 -31.92 -7.80
N PHE C 357 -5.60 -31.66 -8.52
CA PHE C 357 -5.32 -30.31 -9.02
C PHE C 357 -6.47 -29.73 -9.79
N GLU C 358 -6.97 -30.54 -10.71
CA GLU C 358 -8.05 -30.12 -11.62
C GLU C 358 -9.32 -29.83 -10.82
N GLN C 359 -9.64 -30.68 -9.85
CA GLN C 359 -10.86 -30.49 -9.08
C GLN C 359 -10.77 -29.28 -8.10
N LYS C 360 -9.65 -29.16 -7.38
CA LYS C 360 -9.46 -28.06 -6.43
C LYS C 360 -9.49 -26.69 -7.12
N ILE C 361 -8.72 -26.52 -8.17
CA ILE C 361 -8.72 -25.25 -8.91
C ILE C 361 -10.13 -24.98 -9.47
N GLY C 362 -10.73 -26.03 -10.02
CA GLY C 362 -12.07 -25.94 -10.54
C GLY C 362 -13.07 -25.47 -9.51
N GLN C 363 -12.99 -26.04 -8.31
CA GLN C 363 -13.88 -25.64 -7.21
C GLN C 363 -13.64 -24.19 -6.78
N MSE C 364 -12.37 -23.75 -6.74
CA MSE C 364 -12.08 -22.35 -6.43
C MSE C 364 -12.76 -21.44 -7.44
O MSE C 364 -13.41 -20.47 -7.04
CB MSE C 364 -10.58 -22.02 -6.41
CG MSE C 364 -9.83 -22.66 -5.25
SE MSE C 364 -7.91 -22.33 -5.30
CE MSE C 364 -7.39 -24.08 -4.67
N LYS C 365 -12.59 -21.75 -8.73
CA LYS C 365 -13.21 -20.96 -9.79
C LYS C 365 -14.73 -20.91 -9.58
N THR C 366 -15.34 -22.06 -9.38
CA THR C 366 -16.78 -22.15 -9.16
C THR C 366 -17.28 -21.31 -7.98
N ASP C 367 -16.55 -21.32 -6.87
CA ASP C 367 -16.91 -20.48 -5.73
C ASP C 367 -16.69 -18.99 -5.98
N ARG C 368 -15.92 -18.63 -7.01
CA ARG C 368 -15.62 -17.22 -7.31
C ARG C 368 -14.79 -16.51 -6.24
N GLN C 369 -14.14 -17.25 -5.38
CA GLN C 369 -13.29 -16.61 -4.37
C GLN C 369 -12.27 -17.63 -3.95
N TRP C 370 -11.09 -17.14 -3.58
CA TRP C 370 -10.07 -18.03 -3.10
C TRP C 370 -8.93 -17.17 -2.57
N THR C 371 -8.10 -17.76 -1.73
CA THR C 371 -6.97 -17.07 -1.15
C THR C 371 -5.73 -17.58 -1.77
N LYS C 372 -4.69 -16.78 -1.67
CA LYS C 372 -3.36 -17.18 -2.04
C LYS C 372 -2.95 -18.36 -1.26
N GLU C 373 -3.23 -18.35 0.04
CA GLU C 373 -2.91 -19.52 0.89
C GLU C 373 -3.50 -20.83 0.41
N GLU C 374 -4.76 -20.82 -0.01
CA GLU C 374 -5.36 -22.01 -0.57
C GLU C 374 -4.51 -22.53 -1.70
N ILE C 375 -4.07 -21.66 -2.58
CA ILE C 375 -3.29 -22.15 -3.73
C ILE C 375 -1.91 -22.72 -3.31
N VAL C 376 -1.22 -22.00 -2.41
CA VAL C 376 0.11 -22.42 -1.93
C VAL C 376 0.00 -23.83 -1.26
N GLN C 377 -1.04 -24.04 -0.44
CA GLN C 377 -1.23 -25.33 0.21
C GLN C 377 -1.44 -26.46 -0.83
N LEU C 378 -2.14 -26.15 -1.94
CA LEU C 378 -2.32 -27.10 -3.01
C LEU C 378 -1.00 -27.42 -3.63
N PHE C 379 -0.21 -26.37 -3.86
CA PHE C 379 1.10 -26.57 -4.48
C PHE C 379 1.98 -27.50 -3.62
N PHE C 380 1.83 -27.42 -2.30
CA PHE C 380 2.66 -28.21 -1.40
C PHE C 380 2.29 -29.70 -1.47
N ILE C 381 1.02 -30.00 -1.72
CA ILE C 381 0.58 -31.37 -1.98
C ILE C 381 1.08 -31.82 -3.32
N MSE C 382 1.00 -30.96 -4.33
CA MSE C 382 1.51 -31.29 -5.65
C MSE C 382 3.03 -31.53 -5.69
O MSE C 382 3.49 -32.38 -6.42
CB MSE C 382 1.16 -30.20 -6.67
CG MSE C 382 -0.32 -29.94 -6.89
SE MSE C 382 -1.34 -31.52 -7.40
CE MSE C 382 -0.60 -31.74 -9.10
N ILE C 383 3.80 -30.75 -4.93
CA ILE C 383 5.26 -30.79 -5.05
C ILE C 383 5.89 -30.93 -3.68
N PRO C 384 6.24 -32.15 -3.32
CA PRO C 384 6.65 -32.51 -1.96
C PRO C 384 7.83 -31.70 -1.42
N ASP C 385 8.86 -31.54 -2.24
CA ASP C 385 10.10 -30.82 -1.85
C ASP C 385 9.98 -29.28 -1.95
N PHE C 386 8.82 -28.79 -2.39
CA PHE C 386 8.58 -27.36 -2.57
C PHE C 386 8.52 -26.66 -1.24
N GLY C 387 9.37 -25.67 -1.03
CA GLY C 387 9.43 -24.92 0.24
C GLY C 387 10.32 -25.61 1.25
N SER D 6 11.42 17.11 -25.16
CA SER D 6 12.12 16.42 -26.27
C SER D 6 11.10 15.91 -27.23
N ILE D 7 10.18 15.09 -26.75
CA ILE D 7 9.06 14.70 -27.56
C ILE D 7 8.36 15.95 -28.14
N LEU D 8 8.28 17.01 -27.35
CA LEU D 8 7.62 18.24 -27.82
C LEU D 8 8.33 18.80 -29.07
N SER D 9 9.66 18.92 -28.99
CA SER D 9 10.46 19.38 -30.12
C SER D 9 10.27 18.51 -31.35
N LEU D 10 10.18 17.20 -31.18
CA LEU D 10 9.97 16.30 -32.30
C LEU D 10 8.61 16.49 -33.03
N ILE D 11 7.60 17.01 -32.34
CA ILE D 11 6.27 17.24 -32.95
C ILE D 11 5.99 18.74 -33.09
N GLY D 12 7.06 19.53 -33.15
CA GLY D 12 7.01 20.88 -33.71
C GLY D 12 6.41 21.89 -32.79
N ARG D 13 6.64 21.71 -31.50
CA ARG D 13 6.04 22.55 -30.48
C ARG D 13 7.03 22.83 -29.39
N ASP D 14 6.65 23.79 -28.53
CA ASP D 14 7.54 24.14 -27.43
CA ASP D 14 7.49 24.45 -27.52
C ASP D 14 6.82 24.34 -26.13
N THR D 15 5.50 24.35 -26.16
CA THR D 15 4.73 24.48 -24.95
C THR D 15 3.68 23.38 -24.80
N GLU D 16 3.53 22.92 -23.57
CA GLU D 16 2.35 22.16 -23.13
C GLU D 16 1.05 22.64 -23.74
N LEU D 17 0.13 21.74 -23.98
CA LEU D 17 -1.17 22.09 -24.47
C LEU D 17 -2.11 22.55 -23.35
N PHE D 18 -2.07 21.91 -22.19
CA PHE D 18 -3.06 22.17 -21.15
C PHE D 18 -2.53 22.91 -19.94
N HIS D 19 -1.41 23.62 -20.10
CA HIS D 19 -0.76 24.29 -18.98
C HIS D 19 -1.68 25.23 -18.20
N GLN D 20 -2.52 25.97 -18.89
CA GLN D 20 -3.45 26.91 -18.25
CA GLN D 20 -3.45 26.90 -18.23
C GLN D 20 -4.56 26.17 -17.47
N ASP D 21 -5.19 25.17 -18.09
CA ASP D 21 -6.30 24.47 -17.42
C ASP D 21 -5.81 23.59 -16.24
N ILE D 22 -4.68 22.91 -16.45
CA ILE D 22 -4.11 22.09 -15.40
C ILE D 22 -3.76 22.99 -14.21
N ASN D 23 -3.06 24.09 -14.46
CA ASN D 23 -2.73 24.99 -13.36
C ASN D 23 -3.90 25.65 -12.65
N ALA D 24 -4.91 26.06 -13.39
CA ALA D 24 -6.11 26.64 -12.80
C ALA D 24 -6.84 25.63 -11.90
N ASN D 25 -6.64 24.34 -12.16
CA ASN D 25 -7.39 23.33 -11.46
C ASN D 25 -6.54 22.44 -10.57
N GLU D 26 -5.23 22.68 -10.52
CA GLU D 26 -4.32 21.84 -9.75
C GLU D 26 -4.82 21.60 -8.34
N LYS D 27 -5.18 22.67 -7.65
CA LYS D 27 -5.56 22.57 -6.26
C LYS D 27 -6.73 21.60 -6.07
N GLU D 28 -7.76 21.74 -6.87
CA GLU D 28 -8.89 20.83 -6.78
C GLU D 28 -8.54 19.41 -7.28
N LEU D 29 -7.74 19.27 -8.31
CA LEU D 29 -7.28 17.93 -8.71
C LEU D 29 -6.66 17.23 -7.50
N GLN D 30 -5.80 17.93 -6.79
CA GLN D 30 -5.09 17.34 -5.68
C GLN D 30 -6.08 17.03 -4.55
N SER D 31 -7.04 17.93 -4.31
CA SER D 31 -7.99 17.72 -3.26
C SER D 31 -8.77 16.46 -3.57
N VAL D 32 -9.26 16.34 -4.79
CA VAL D 32 -10.13 15.18 -5.13
C VAL D 32 -9.25 13.88 -5.14
N VAL D 33 -8.12 13.90 -5.81
CA VAL D 33 -7.33 12.65 -5.90
C VAL D 33 -7.00 12.20 -4.49
N SER D 34 -6.70 13.12 -3.60
CA SER D 34 -6.25 12.73 -2.30
C SER D 34 -7.28 12.00 -1.52
N GLN D 35 -8.56 12.14 -1.89
CA GLN D 35 -9.54 11.52 -1.08
C GLN D 35 -10.42 10.57 -1.92
N SER D 36 -9.87 10.05 -3.01
CA SER D 36 -10.68 9.19 -3.89
C SER D 36 -9.89 7.93 -4.23
N ARG D 37 -10.68 6.93 -4.61
CA ARG D 37 -10.18 5.63 -4.97
C ARG D 37 -10.26 5.43 -6.48
N PHE D 38 -9.19 4.90 -7.08
CA PHE D 38 -9.11 4.78 -8.53
C PHE D 38 -8.81 3.34 -9.03
N LEU D 39 -9.52 2.90 -10.06
CA LEU D 39 -9.19 1.70 -10.84
C LEU D 39 -8.87 2.10 -12.28
N VAL D 40 -7.72 1.72 -12.80
CA VAL D 40 -7.32 2.04 -14.16
C VAL D 40 -7.16 0.74 -14.93
N LEU D 41 -8.12 0.48 -15.84
CA LEU D 41 -8.05 -0.70 -16.66
C LEU D 41 -7.23 -0.38 -17.95
N GLY D 42 -6.50 -1.36 -18.47
CA GLY D 42 -5.51 -1.09 -19.49
C GLY D 42 -4.43 -0.11 -19.09
N GLY D 43 -4.13 -0.08 -17.81
CA GLY D 43 -3.29 0.93 -17.25
C GLY D 43 -1.80 0.73 -17.49
N ALA D 44 -1.42 -0.39 -18.12
CA ALA D 44 -0.08 -0.64 -18.61
C ALA D 44 0.15 -0.16 -20.06
N GLY D 45 -0.95 0.21 -20.74
CA GLY D 45 -0.94 0.83 -22.07
C GLY D 45 -0.38 2.24 -22.10
N SER D 46 -0.22 2.82 -23.28
CA SER D 46 0.45 4.12 -23.40
C SER D 46 -0.40 5.23 -22.77
N ILE D 47 -1.68 5.32 -23.11
CA ILE D 47 -2.53 6.34 -22.43
C ILE D 47 -2.78 5.91 -20.96
N GLY D 48 -2.96 4.62 -20.72
CA GLY D 48 -3.16 4.11 -19.34
C GLY D 48 -2.03 4.48 -18.41
N GLN D 49 -0.80 4.20 -18.82
CA GLN D 49 0.35 4.52 -17.98
C GLN D 49 0.38 6.01 -17.71
N ALA D 50 0.11 6.82 -18.73
CA ALA D 50 0.18 8.28 -18.57
C ALA D 50 -0.86 8.81 -17.60
N VAL D 51 -2.10 8.34 -17.72
CA VAL D 51 -3.13 8.70 -16.75
C VAL D 51 -2.84 8.08 -15.38
N THR D 52 -2.28 6.86 -15.36
CA THR D 52 -1.95 6.28 -14.07
C THR D 52 -0.89 7.14 -13.33
N LYS D 53 0.05 7.70 -14.09
CA LYS D 53 1.06 8.58 -13.50
C LYS D 53 0.44 9.93 -13.07
N GLU D 54 -0.50 10.49 -13.85
CA GLU D 54 -1.14 11.73 -13.41
C GLU D 54 -1.89 11.60 -12.11
N ILE D 55 -2.36 10.40 -11.81
CA ILE D 55 -3.04 10.12 -10.56
C ILE D 55 -2.03 9.89 -9.44
N PHE D 56 -1.09 8.98 -9.67
CA PHE D 56 -0.15 8.62 -8.66
C PHE D 56 0.56 9.89 -8.12
N LYS D 57 0.99 10.77 -9.01
CA LYS D 57 1.78 11.91 -8.56
C LYS D 57 0.93 12.89 -7.74
N ARG D 58 -0.39 12.75 -7.75
CA ARG D 58 -1.25 13.61 -6.91
C ARG D 58 -1.70 12.88 -5.62
N ASN D 59 -1.01 11.77 -5.30
CA ASN D 59 -1.14 11.08 -4.01
C ASN D 59 -2.51 10.48 -3.67
N PRO D 60 -2.99 9.55 -4.48
CA PRO D 60 -4.34 8.99 -4.37
C PRO D 60 -4.56 8.13 -3.13
N GLN D 61 -5.79 8.08 -2.64
CA GLN D 61 -6.08 7.25 -1.48
C GLN D 61 -5.86 5.78 -1.87
N LYS D 62 -6.37 5.43 -3.06
CA LYS D 62 -6.23 4.12 -3.61
C LYS D 62 -6.04 4.20 -5.14
N LEU D 63 -5.09 3.43 -5.67
CA LEU D 63 -4.89 3.32 -7.09
C LEU D 63 -4.58 1.91 -7.47
N HIS D 64 -5.54 1.27 -8.09
CA HIS D 64 -5.35 -0.09 -8.62
C HIS D 64 -5.21 -0.08 -10.17
N VAL D 65 -4.24 -0.82 -10.70
CA VAL D 65 -3.96 -0.85 -12.13
C VAL D 65 -4.02 -2.29 -12.64
N VAL D 66 -4.75 -2.51 -13.70
CA VAL D 66 -5.03 -3.80 -14.22
C VAL D 66 -4.69 -3.81 -15.69
N ASP D 67 -3.95 -4.83 -16.14
CA ASP D 67 -3.61 -4.92 -17.55
C ASP D 67 -3.14 -6.32 -17.80
N ILE D 68 -3.39 -6.86 -18.99
CA ILE D 68 -2.88 -8.20 -19.24
CA ILE D 68 -2.90 -8.18 -19.37
C ILE D 68 -1.37 -8.23 -19.37
N SER D 69 -0.73 -7.09 -19.70
CA SER D 69 0.71 -7.11 -19.90
C SER D 69 1.45 -7.01 -18.58
N GLU D 70 1.95 -8.16 -18.18
CA GLU D 70 2.88 -8.35 -17.07
C GLU D 70 4.11 -7.48 -17.27
N ASN D 71 4.70 -7.61 -18.45
CA ASN D 71 5.94 -6.87 -18.76
C ASN D 71 5.82 -5.36 -18.76
N ASN D 72 4.77 -4.83 -19.39
CA ASN D 72 4.54 -3.38 -19.41
C ASN D 72 4.08 -2.91 -18.02
N MSE D 73 3.52 -3.79 -17.18
CA MSE D 73 3.29 -3.37 -15.80
C MSE D 73 4.61 -3.15 -15.01
O MSE D 73 4.79 -2.15 -14.26
CB MSE D 73 2.49 -4.43 -15.08
CG MSE D 73 1.82 -3.91 -13.82
SE MSE D 73 0.35 -2.62 -14.26
CE MSE D 73 -1.00 -4.04 -14.45
N VAL D 74 5.53 -4.06 -15.17
CA VAL D 74 6.81 -3.89 -14.55
C VAL D 74 7.39 -2.57 -14.98
N GLU D 75 7.35 -2.21 -16.26
CA GLU D 75 7.91 -0.93 -16.66
C GLU D 75 7.14 0.27 -16.06
N LEU D 76 5.83 0.19 -16.05
CA LEU D 76 5.04 1.28 -15.42
C LEU D 76 5.52 1.52 -13.99
N VAL D 77 5.71 0.44 -13.25
CA VAL D 77 6.11 0.52 -11.86
C VAL D 77 7.55 1.11 -11.73
N ARG D 78 8.51 0.63 -12.55
CA ARG D 78 9.88 1.22 -12.60
C ARG D 78 9.83 2.70 -12.87
N ASP D 79 9.04 3.10 -13.85
CA ASP D 79 8.86 4.49 -14.21
C ASP D 79 8.32 5.30 -13.01
N ILE D 80 7.25 4.83 -12.38
CA ILE D 80 6.67 5.48 -11.20
C ILE D 80 7.67 5.54 -10.04
N ARG D 81 8.35 4.45 -9.75
CA ARG D 81 9.33 4.51 -8.66
C ARG D 81 10.39 5.56 -8.97
N SER D 82 10.79 5.66 -10.22
CA SER D 82 11.86 6.57 -10.56
C SER D 82 11.34 8.04 -10.56
N SER D 83 10.17 8.24 -11.14
CA SER D 83 9.62 9.58 -11.28
C SER D 83 9.10 10.17 -9.96
N PHE D 84 8.50 9.34 -9.11
CA PHE D 84 7.73 9.85 -7.98
C PHE D 84 8.00 9.16 -6.66
N GLY D 85 8.49 7.93 -6.68
CA GLY D 85 8.66 7.19 -5.44
C GLY D 85 7.46 6.39 -4.94
N TYR D 86 7.06 6.61 -3.71
CA TYR D 86 6.09 5.80 -3.00
C TYR D 86 5.03 6.72 -2.44
N ILE D 87 3.82 6.16 -2.32
CA ILE D 87 2.74 6.83 -1.62
C ILE D 87 2.24 6.01 -0.39
N ASN D 88 1.64 6.67 0.59
CA ASN D 88 1.10 5.92 1.73
C ASN D 88 -0.21 5.11 1.42
N GLY D 89 -0.84 5.42 0.30
CA GLY D 89 -2.19 4.91 -0.06
C GLY D 89 -2.06 3.57 -0.73
N ASP D 90 -3.18 3.02 -1.16
CA ASP D 90 -3.21 1.66 -1.65
C ASP D 90 -2.92 1.57 -3.19
N PHE D 91 -1.66 1.37 -3.55
CA PHE D 91 -1.18 1.27 -4.90
C PHE D 91 -0.85 -0.21 -5.19
N GLN D 92 -1.64 -0.83 -6.08
CA GLN D 92 -1.41 -2.22 -6.44
C GLN D 92 -1.63 -2.44 -7.93
N THR D 93 -0.88 -3.39 -8.50
CA THR D 93 -1.00 -3.71 -9.93
C THR D 93 -1.36 -5.20 -10.07
N PHE D 94 -2.26 -5.48 -11.01
CA PHE D 94 -2.81 -6.80 -11.21
C PHE D 94 -2.78 -7.09 -12.70
N ALA D 95 -2.09 -8.14 -13.07
CA ALA D 95 -1.89 -8.47 -14.47
C ALA D 95 -2.99 -9.41 -15.00
N LEU D 96 -4.20 -8.89 -15.04
CA LEU D 96 -5.40 -9.66 -15.34
C LEU D 96 -6.04 -9.21 -16.65
N ASP D 97 -6.76 -10.15 -17.24
CA ASP D 97 -7.57 -9.93 -18.38
C ASP D 97 -8.96 -9.63 -17.89
N ILE D 98 -9.48 -8.47 -18.28
CA ILE D 98 -10.73 -7.95 -17.77
C ILE D 98 -11.89 -8.90 -18.11
N GLY D 99 -11.75 -9.69 -19.18
CA GLY D 99 -12.77 -10.71 -19.55
C GLY D 99 -12.85 -11.97 -18.67
N SER D 100 -11.87 -12.16 -17.80
CA SER D 100 -11.69 -13.47 -17.19
C SER D 100 -12.45 -13.64 -15.86
N ILE D 101 -12.47 -14.88 -15.39
CA ILE D 101 -12.99 -15.32 -14.06
C ILE D 101 -12.17 -14.70 -12.94
N GLU D 102 -10.88 -14.63 -13.19
CA GLU D 102 -9.96 -14.03 -12.26
C GLU D 102 -10.24 -12.57 -12.02
N TYR D 103 -10.47 -11.79 -13.08
CA TYR D 103 -10.86 -10.40 -12.94
C TYR D 103 -12.21 -10.29 -12.21
N ASP D 104 -13.15 -11.15 -12.57
CA ASP D 104 -14.47 -11.20 -11.94
C ASP D 104 -14.40 -11.50 -10.43
N ALA D 105 -13.53 -12.44 -10.07
CA ALA D 105 -13.26 -12.74 -8.67
C ALA D 105 -12.59 -11.54 -7.97
N PHE D 106 -11.68 -10.86 -8.66
CA PHE D 106 -11.04 -9.63 -8.17
C PHE D 106 -12.09 -8.51 -7.84
N ILE D 107 -13.09 -8.36 -8.71
CA ILE D 107 -14.10 -7.33 -8.51
C ILE D 107 -14.98 -7.78 -7.35
N LYS D 108 -15.44 -9.02 -7.33
CA LYS D 108 -16.26 -9.58 -6.21
C LYS D 108 -15.63 -9.45 -4.80
N ALA D 109 -14.35 -9.79 -4.71
CA ALA D 109 -13.55 -9.58 -3.50
C ALA D 109 -13.54 -8.07 -3.06
N ASP D 110 -13.42 -7.16 -3.99
CA ASP D 110 -13.21 -5.75 -3.70
C ASP D 110 -14.26 -4.97 -4.48
N GLY D 111 -13.86 -4.37 -5.62
CA GLY D 111 -14.74 -3.56 -6.44
C GLY D 111 -14.97 -2.13 -6.00
N GLN D 112 -14.32 -1.75 -4.93
CA GLN D 112 -14.56 -0.51 -4.23
C GLN D 112 -13.68 0.65 -4.72
N TYR D 113 -14.25 1.40 -5.67
CA TYR D 113 -13.60 2.52 -6.34
C TYR D 113 -14.56 3.67 -6.52
N ASP D 114 -14.03 4.90 -6.53
CA ASP D 114 -14.86 6.10 -6.84
C ASP D 114 -14.79 6.38 -8.31
N TYR D 115 -13.59 6.21 -8.90
CA TYR D 115 -13.41 6.51 -10.31
C TYR D 115 -12.86 5.30 -11.04
N VAL D 116 -13.57 4.89 -12.10
CA VAL D 116 -13.13 3.76 -12.92
C VAL D 116 -12.78 4.29 -14.30
N LEU D 117 -11.53 4.11 -14.71
CA LEU D 117 -11.01 4.57 -15.99
C LEU D 117 -10.65 3.39 -16.87
N ASN D 118 -11.15 3.33 -18.09
CA ASN D 118 -10.89 2.20 -18.97
C ASN D 118 -10.16 2.66 -20.21
N LEU D 119 -8.89 2.34 -20.27
CA LEU D 119 -8.05 2.66 -21.41
C LEU D 119 -7.59 1.36 -22.07
N SER D 120 -8.37 0.29 -21.91
CA SER D 120 -8.04 -1.01 -22.47
C SER D 120 -8.72 -1.06 -23.83
N ALA D 121 -8.14 -1.79 -24.75
CA ALA D 121 -8.68 -1.92 -26.11
C ALA D 121 -7.78 -2.71 -26.99
N LEU D 122 -8.36 -3.12 -28.10
CA LEU D 122 -7.63 -3.47 -29.31
C LEU D 122 -7.86 -2.33 -30.29
N LYS D 123 -6.76 -1.70 -30.73
CA LYS D 123 -6.83 -0.49 -31.54
C LYS D 123 -6.26 -0.63 -32.95
N HIS D 124 -5.65 -1.77 -33.35
CA HIS D 124 -5.03 -1.81 -34.71
C HIS D 124 -6.01 -2.18 -35.78
N VAL D 125 -6.10 -1.33 -36.81
CA VAL D 125 -7.09 -1.47 -37.87
C VAL D 125 -7.08 -2.90 -38.44
N ARG D 126 -5.86 -3.44 -38.60
CA ARG D 126 -5.64 -4.79 -39.16
C ARG D 126 -6.18 -5.93 -38.31
N SER D 127 -6.45 -5.65 -37.04
CA SER D 127 -7.09 -6.64 -36.18
C SER D 127 -8.45 -7.08 -36.74
N GLU D 128 -8.93 -6.43 -37.80
CA GLU D 128 -10.15 -6.87 -38.47
C GLU D 128 -9.90 -7.93 -39.55
N LYS D 129 -8.63 -8.18 -39.89
CA LYS D 129 -8.29 -9.00 -41.07
C LYS D 129 -8.86 -10.43 -41.01
N ASP D 130 -9.07 -10.97 -39.81
CA ASP D 130 -9.66 -12.31 -39.65
C ASP D 130 -10.82 -12.31 -38.66
N PRO D 131 -11.69 -13.33 -38.73
CA PRO D 131 -12.84 -13.37 -37.81
C PRO D 131 -12.55 -13.55 -36.30
N PHE D 132 -11.41 -14.13 -35.96
CA PHE D 132 -11.15 -14.52 -34.59
C PHE D 132 -10.63 -13.30 -33.85
N THR D 133 -9.66 -12.62 -34.44
CA THR D 133 -9.21 -11.37 -33.87
C THR D 133 -10.33 -10.35 -33.90
N LEU D 134 -11.17 -10.38 -34.94
CA LEU D 134 -12.29 -9.46 -35.00
CA LEU D 134 -12.30 -9.47 -35.01
C LEU D 134 -13.20 -9.68 -33.79
N MSE D 135 -13.50 -10.94 -33.47
CA MSE D 135 -14.35 -11.26 -32.30
C MSE D 135 -13.70 -10.80 -30.99
O MSE D 135 -14.37 -10.29 -30.09
CB MSE D 135 -14.64 -12.75 -32.22
CG MSE D 135 -15.54 -13.18 -31.06
SE MSE D 135 -17.27 -12.39 -31.21
CE MSE D 135 -18.00 -13.51 -32.63
N ARG D 136 -12.40 -11.00 -30.87
CA ARG D 136 -11.71 -10.53 -29.67
C ARG D 136 -11.82 -9.02 -29.56
N MSE D 137 -11.72 -8.34 -30.68
CA MSE D 137 -11.84 -6.91 -30.70
C MSE D 137 -13.17 -6.46 -30.14
O MSE D 137 -13.24 -5.45 -29.46
CB MSE D 137 -11.70 -6.36 -32.12
CG MSE D 137 -12.03 -4.88 -32.26
SE MSE D 137 -11.72 -4.25 -34.11
CE MSE D 137 -9.95 -3.64 -33.68
N ILE D 138 -14.21 -7.22 -30.45
CA ILE D 138 -15.58 -6.91 -30.01
C ILE D 138 -15.70 -7.20 -28.54
N ASP D 139 -15.13 -8.33 -28.12
CA ASP D 139 -15.19 -8.70 -26.73
C ASP D 139 -14.49 -7.63 -25.89
N VAL D 140 -13.33 -7.17 -26.35
CA VAL D 140 -12.54 -6.23 -25.53
C VAL D 140 -13.10 -4.80 -25.62
N ASN D 141 -13.35 -4.35 -26.83
CA ASN D 141 -13.82 -2.97 -26.99
C ASN D 141 -15.25 -2.78 -26.53
N VAL D 142 -16.13 -3.75 -26.75
CA VAL D 142 -17.56 -3.57 -26.47
C VAL D 142 -18.05 -4.24 -25.17
N PHE D 143 -17.92 -5.56 -25.06
CA PHE D 143 -18.50 -6.31 -23.92
C PHE D 143 -17.76 -6.16 -22.59
N ASN D 144 -16.44 -6.24 -22.62
CA ASN D 144 -15.67 -5.86 -21.41
C ASN D 144 -16.04 -4.50 -20.87
N THR D 145 -16.14 -3.54 -21.77
CA THR D 145 -16.57 -2.17 -21.43
C THR D 145 -17.94 -2.14 -20.72
N ASP D 146 -18.91 -2.83 -21.27
CA ASP D 146 -20.26 -2.88 -20.70
C ASP D 146 -20.25 -3.57 -19.31
N LYS D 147 -19.58 -4.72 -19.22
CA LYS D 147 -19.54 -5.47 -17.95
C LYS D 147 -18.85 -4.61 -16.89
N THR D 148 -17.74 -3.99 -17.23
CA THR D 148 -17.01 -3.29 -16.16
C THR D 148 -17.80 -2.02 -15.70
N ILE D 149 -18.63 -1.43 -16.57
CA ILE D 149 -19.55 -0.36 -16.14
C ILE D 149 -20.65 -0.90 -15.20
N GLN D 150 -21.23 -2.05 -15.53
CA GLN D 150 -22.16 -2.74 -14.60
C GLN D 150 -21.47 -2.97 -13.26
N GLN D 151 -20.23 -3.47 -13.31
CA GLN D 151 -19.53 -3.74 -12.09
C GLN D 151 -19.41 -2.46 -11.29
N SER D 152 -19.20 -1.34 -11.97
CA SER D 152 -18.97 -0.06 -11.30
C SER D 152 -20.27 0.50 -10.66
N ILE D 153 -21.38 0.37 -11.40
CA ILE D 153 -22.71 0.65 -10.86
C ILE D 153 -23.00 -0.20 -9.65
N ASP D 154 -22.73 -1.50 -9.75
CA ASP D 154 -22.99 -2.41 -8.65
C ASP D 154 -22.27 -1.97 -7.39
N ALA D 155 -21.08 -1.39 -7.53
CA ALA D 155 -20.26 -1.05 -6.38
C ALA D 155 -20.50 0.39 -5.91
N GLY D 156 -21.32 1.16 -6.62
CA GLY D 156 -21.48 2.61 -6.37
C GLY D 156 -20.29 3.54 -6.68
N ALA D 157 -19.43 3.19 -7.64
CA ALA D 157 -18.53 4.19 -8.26
C ALA D 157 -19.32 5.43 -8.68
N LYS D 158 -18.74 6.62 -8.65
CA LYS D 158 -19.55 7.78 -9.04
C LYS D 158 -19.25 8.23 -10.48
N LYS D 159 -18.11 7.78 -11.04
CA LYS D 159 -17.77 8.05 -12.44
C LYS D 159 -17.02 6.92 -13.13
N TYR D 160 -17.40 6.68 -14.37
CA TYR D 160 -16.67 5.80 -15.26
C TYR D 160 -16.14 6.65 -16.40
N PHE D 161 -14.87 6.50 -16.74
CA PHE D 161 -14.27 7.22 -17.85
C PHE D 161 -13.76 6.22 -18.88
N CYS D 162 -13.92 6.51 -20.17
CA CYS D 162 -13.33 5.66 -21.23
C CYS D 162 -13.13 6.46 -22.51
N VAL D 163 -12.55 5.86 -23.55
CA VAL D 163 -12.18 6.61 -24.77
C VAL D 163 -13.28 6.59 -25.82
N SER D 164 -13.57 7.74 -26.42
CA SER D 164 -14.52 7.80 -27.55
C SER D 164 -13.84 7.39 -28.85
N THR D 165 -14.67 7.18 -29.87
CA THR D 165 -14.20 7.06 -31.26
C THR D 165 -13.23 8.19 -31.59
N ASP D 166 -12.19 7.86 -32.34
CA ASP D 166 -11.20 8.84 -32.76
C ASP D 166 -11.82 10.04 -33.49
N LYS D 167 -12.90 9.81 -34.24
CA LYS D 167 -13.51 10.91 -34.98
C LYS D 167 -15.04 10.95 -34.94
N ALA D 168 -15.56 12.16 -35.05
CA ALA D 168 -16.99 12.39 -34.88
C ALA D 168 -17.80 11.79 -36.03
N ALA D 169 -17.17 11.67 -37.20
CA ALA D 169 -17.80 11.16 -38.42
C ALA D 169 -18.20 9.70 -38.38
N ASN D 170 -18.97 9.30 -39.38
CA ASN D 170 -19.25 7.90 -39.70
C ASN D 170 -17.93 7.13 -39.70
N PRO D 171 -17.93 5.93 -39.12
CA PRO D 171 -16.71 5.10 -39.09
C PRO D 171 -16.36 4.50 -40.45
N VAL D 172 -15.07 4.21 -40.66
CA VAL D 172 -14.57 3.59 -41.90
C VAL D 172 -13.84 2.24 -41.72
N ASN D 173 -13.50 1.89 -40.49
CA ASN D 173 -12.84 0.65 -40.09
C ASN D 173 -13.84 -0.26 -39.40
N MSE D 174 -13.48 -1.52 -39.14
CA MSE D 174 -14.27 -2.31 -38.19
C MSE D 174 -13.99 -1.81 -36.76
O MSE D 174 -14.92 -1.64 -35.97
CB MSE D 174 -13.98 -3.81 -38.33
CG MSE D 174 -14.50 -4.43 -39.64
SE MSE D 174 -16.45 -4.38 -39.78
CE MSE D 174 -16.92 -5.72 -38.41
N MSE D 175 -12.72 -1.53 -36.49
CA MSE D 175 -12.27 -0.94 -35.22
C MSE D 175 -13.07 0.31 -34.86
O MSE D 175 -13.65 0.40 -33.79
CB MSE D 175 -10.76 -0.62 -35.31
CG MSE D 175 -10.05 -0.35 -33.97
SE MSE D 175 -10.21 1.55 -33.54
CE MSE D 175 -8.35 2.15 -33.37
N GLY D 176 -13.12 1.27 -35.78
CA GLY D 176 -13.92 2.46 -35.57
C GLY D 176 -15.38 2.11 -35.33
N ALA D 177 -15.86 1.07 -36.01
CA ALA D 177 -17.23 0.61 -35.85
C ALA D 177 -17.44 -0.07 -34.48
N SER D 178 -16.45 -0.85 -34.04
CA SER D 178 -16.54 -1.52 -32.73
C SER D 178 -16.75 -0.46 -31.64
N LYS D 179 -15.94 0.59 -31.70
CA LYS D 179 -16.07 1.71 -30.76
C LYS D 179 -17.32 2.55 -30.90
N ARG D 180 -17.87 2.69 -32.11
CA ARG D 180 -19.21 3.35 -32.24
C ARG D 180 -20.31 2.50 -31.59
N ILE D 181 -20.25 1.19 -31.77
CA ILE D 181 -21.21 0.29 -31.14
C ILE D 181 -21.01 0.37 -29.63
N MSE D 182 -19.75 0.45 -29.19
CA MSE D 182 -19.45 0.62 -27.78
C MSE D 182 -20.15 1.86 -27.25
O MSE D 182 -20.74 1.82 -26.18
CB MSE D 182 -17.96 0.76 -27.57
CG MSE D 182 -17.52 0.85 -26.11
SE MSE D 182 -15.84 1.79 -25.97
CE MSE D 182 -16.81 3.48 -25.83
N GLU D 183 -20.09 2.94 -28.01
CA GLU D 183 -20.79 4.17 -27.61
C GLU D 183 -22.28 3.99 -27.33
N MSE D 184 -22.95 3.11 -28.09
CA MSE D 184 -24.39 2.85 -27.87
C MSE D 184 -24.61 2.24 -26.48
O MSE D 184 -25.57 2.58 -25.76
CB MSE D 184 -24.95 1.91 -28.94
CG MSE D 184 -24.92 2.46 -30.38
SE MSE D 184 -25.21 1.09 -31.75
CE MSE D 184 -24.56 2.09 -33.29
N PHE D 185 -23.71 1.34 -26.09
CA PHE D 185 -23.81 0.71 -24.79
C PHE D 185 -23.50 1.75 -23.71
N LEU D 186 -22.47 2.57 -23.95
CA LEU D 186 -22.19 3.69 -23.03
C LEU D 186 -23.47 4.46 -22.80
N MSE D 187 -24.04 4.99 -23.86
CA MSE D 187 -25.23 5.83 -23.77
C MSE D 187 -26.30 5.22 -22.88
O MSE D 187 -26.86 5.93 -22.06
CB MSE D 187 -25.77 6.18 -25.16
CG MSE D 187 -24.83 7.06 -26.03
SE MSE D 187 -24.09 8.65 -25.12
CE MSE D 187 -25.89 9.33 -24.74
N ARG D 188 -26.53 3.92 -22.97
CA ARG D 188 -27.59 3.27 -22.14
C ARG D 188 -27.18 3.17 -20.69
N LYS D 189 -25.93 2.77 -20.48
CA LYS D 189 -25.36 2.72 -19.12
C LYS D 189 -25.28 4.11 -18.49
N SER D 190 -25.13 5.12 -19.32
CA SER D 190 -25.09 6.51 -18.81
C SER D 190 -26.38 6.96 -18.05
N GLU D 191 -27.47 6.21 -18.22
CA GLU D 191 -28.66 6.41 -17.38
C GLU D 191 -28.50 6.03 -15.92
N GLU D 192 -27.52 5.16 -15.60
CA GLU D 192 -27.38 4.62 -14.28
C GLU D 192 -26.16 5.20 -13.58
N ILE D 193 -25.16 5.64 -14.34
CA ILE D 193 -23.95 6.22 -13.77
C ILE D 193 -23.37 7.26 -14.73
N ALA D 194 -22.62 8.20 -14.16
CA ALA D 194 -21.97 9.23 -14.92
C ALA D 194 -20.78 8.66 -15.69
N ILE D 195 -20.81 8.88 -17.00
CA ILE D 195 -19.78 8.45 -17.91
C ILE D 195 -19.21 9.64 -18.72
N SER D 196 -17.90 9.78 -18.71
CA SER D 196 -17.30 10.79 -19.55
C SER D 196 -16.19 10.16 -20.35
N THR D 197 -15.87 10.79 -21.47
CA THR D 197 -14.84 10.28 -22.34
C THR D 197 -13.87 11.35 -22.84
N ALA D 198 -12.97 10.89 -23.69
CA ALA D 198 -11.98 11.74 -24.37
C ALA D 198 -11.79 11.26 -25.80
N ARG D 199 -11.54 12.20 -26.69
CA ARG D 199 -11.15 11.91 -28.07
C ARG D 199 -9.80 12.55 -28.26
N PHE D 200 -8.81 11.72 -28.66
CA PHE D 200 -7.42 12.11 -28.74
C PHE D 200 -6.93 12.26 -30.18
N ALA D 201 -5.95 13.14 -30.37
CA ALA D 201 -5.05 13.14 -31.50
C ALA D 201 -4.09 11.95 -31.40
N ASN D 202 -3.13 11.90 -32.30
CA ASN D 202 -2.10 10.89 -32.24
C ASN D 202 -1.19 11.16 -31.04
N VAL D 203 -1.11 10.18 -30.13
CA VAL D 203 -0.31 10.29 -28.99
C VAL D 203 1.10 9.82 -29.35
N ALA D 204 2.03 10.77 -29.40
CA ALA D 204 3.37 10.52 -29.96
C ALA D 204 4.03 9.38 -29.25
N PHE D 205 4.61 8.47 -30.03
CA PHE D 205 5.35 7.34 -29.50
C PHE D 205 4.52 6.30 -28.69
N SER D 206 3.19 6.38 -28.79
CA SER D 206 2.31 5.32 -28.33
C SER D 206 2.77 3.97 -28.86
N ASP D 207 2.65 2.97 -28.01
CA ASP D 207 2.94 1.59 -28.38
C ASP D 207 2.21 1.17 -29.65
N GLY D 208 2.92 0.43 -30.49
CA GLY D 208 2.40 -0.06 -31.73
C GLY D 208 2.28 0.98 -32.83
N SER D 209 2.56 2.26 -32.54
CA SER D 209 2.48 3.30 -33.55
C SER D 209 3.72 3.33 -34.42
N LEU D 210 3.56 4.00 -35.56
CA LEU D 210 4.64 4.19 -36.50
C LEU D 210 5.86 4.83 -35.80
N LEU D 211 5.60 5.79 -34.93
CA LEU D 211 6.67 6.46 -34.21
C LEU D 211 7.35 5.55 -33.20
N HIS D 212 6.58 4.70 -32.49
CA HIS D 212 7.18 3.69 -31.64
C HIS D 212 8.03 2.74 -32.50
N GLY D 213 7.52 2.41 -33.66
CA GLY D 213 8.28 1.71 -34.69
C GLY D 213 9.64 2.33 -35.03
N PHE D 214 9.69 3.66 -35.19
CA PHE D 214 10.96 4.34 -35.43
C PHE D 214 12.03 3.95 -34.44
N ASN D 215 11.64 3.87 -33.18
CA ASN D 215 12.57 3.53 -32.12
C ASN D 215 13.09 2.06 -32.22
N GLN D 216 12.19 1.15 -32.55
CA GLN D 216 12.53 -0.23 -32.74
C GLN D 216 13.52 -0.39 -33.91
N ARG D 217 13.19 0.24 -35.04
CA ARG D 217 14.05 0.21 -36.24
C ARG D 217 15.45 0.70 -35.85
N ILE D 218 15.52 1.82 -35.12
CA ILE D 218 16.80 2.32 -34.64
C ILE D 218 17.52 1.33 -33.71
N GLN D 219 16.81 0.74 -32.76
CA GLN D 219 17.42 -0.27 -31.89
C GLN D 219 17.84 -1.57 -32.62
N LYS D 220 17.16 -1.88 -33.72
CA LYS D 220 17.46 -3.11 -34.45
C LYS D 220 18.31 -2.87 -35.71
N ASN D 221 18.95 -1.69 -35.82
CA ASN D 221 19.73 -1.27 -37.00
C ASN D 221 19.01 -1.46 -38.34
N GLN D 222 17.73 -1.07 -38.40
CA GLN D 222 16.86 -1.32 -39.56
C GLN D 222 16.37 -0.01 -40.14
N PRO D 223 16.00 -0.02 -41.43
CA PRO D 223 15.59 1.23 -42.07
C PRO D 223 14.32 1.82 -41.46
N ILE D 224 14.24 3.15 -41.48
CA ILE D 224 13.03 3.84 -41.10
C ILE D 224 12.10 3.96 -42.34
N VAL D 225 10.84 3.59 -42.14
CA VAL D 225 9.83 3.59 -43.19
C VAL D 225 8.66 4.45 -42.68
N ALA D 226 8.20 5.40 -43.47
CA ALA D 226 7.24 6.39 -43.00
C ALA D 226 6.53 7.06 -44.16
N PRO D 227 5.20 7.17 -44.10
CA PRO D 227 4.48 7.88 -45.15
C PRO D 227 4.81 9.36 -45.16
N ASN D 228 5.00 9.93 -46.37
CA ASN D 228 5.26 11.34 -46.46
C ASN D 228 4.04 12.11 -46.90
N ASP D 229 2.95 11.42 -47.24
CA ASP D 229 1.74 12.10 -47.69
C ASP D 229 0.63 12.05 -46.65
N ILE D 230 0.97 11.68 -45.41
CA ILE D 230 0.00 11.63 -44.32
C ILE D 230 0.43 12.54 -43.15
N LYS D 231 -0.45 13.51 -42.84
CA LYS D 231 -0.22 14.51 -41.80
C LYS D 231 -1.18 14.28 -40.60
N ARG D 232 -0.67 14.44 -39.38
CA ARG D 232 -1.54 14.33 -38.20
C ARG D 232 -1.23 15.41 -37.20
N TYR D 233 -2.13 15.60 -36.25
CA TYR D 233 -1.84 16.36 -35.00
C TYR D 233 -1.30 15.39 -33.95
N PHE D 234 -0.34 15.84 -33.17
CA PHE D 234 0.32 15.03 -32.19
C PHE D 234 0.27 15.66 -30.81
N VAL D 235 0.05 14.81 -29.82
CA VAL D 235 0.16 15.19 -28.41
C VAL D 235 1.21 14.34 -27.75
N THR D 236 1.67 14.80 -26.60
CA THR D 236 2.59 13.98 -25.81
C THR D 236 1.83 13.00 -24.97
N PRO D 237 2.51 11.92 -24.57
CA PRO D 237 1.94 10.98 -23.60
C PRO D 237 1.31 11.69 -22.42
N GLN D 238 2.04 12.65 -21.82
CA GLN D 238 1.57 13.37 -20.64
C GLN D 238 0.30 14.14 -20.89
N GLU D 239 0.19 14.73 -22.06
CA GLU D 239 -0.99 15.47 -22.44
C GLU D 239 -2.20 14.52 -22.54
N SER D 240 -1.99 13.30 -23.03
CA SER D 240 -3.07 12.31 -23.08
C SER D 240 -3.51 11.95 -21.66
N GLY D 241 -2.60 11.97 -20.71
CA GLY D 241 -2.90 11.60 -19.33
C GLY D 241 -3.70 12.69 -18.62
N GLU D 242 -3.29 13.93 -18.85
CA GLU D 242 -4.05 15.08 -18.33
C GLU D 242 -5.45 15.18 -18.93
N LEU D 243 -5.59 14.99 -20.23
CA LEU D 243 -6.93 14.96 -20.80
C LEU D 243 -7.83 13.90 -20.13
N CYS D 244 -7.30 12.69 -19.96
CA CYS D 244 -8.00 11.62 -19.22
C CYS D 244 -8.35 12.08 -17.81
N LEU D 245 -7.40 12.61 -17.06
CA LEU D 245 -7.72 12.99 -15.71
C LEU D 245 -8.76 14.09 -15.64
N MSE D 246 -8.62 15.10 -16.49
CA MSE D 246 -9.55 16.23 -16.52
C MSE D 246 -10.96 15.72 -16.86
O MSE D 246 -11.89 16.02 -16.17
CB MSE D 246 -9.10 17.30 -17.54
CG MSE D 246 -7.87 18.06 -17.15
SE MSE D 246 -8.11 19.07 -15.56
CE MSE D 246 -9.49 20.28 -16.15
N SER D 247 -11.10 14.87 -17.87
CA SER D 247 -12.43 14.35 -18.22
C SER D 247 -12.97 13.53 -17.05
N CYS D 248 -12.06 12.77 -16.42
CA CYS D 248 -12.47 11.88 -15.34
C CYS D 248 -13.01 12.66 -14.12
N ILE D 249 -12.21 13.61 -13.65
CA ILE D 249 -12.56 14.36 -12.49
C ILE D 249 -13.65 15.36 -12.78
N PHE D 250 -13.52 16.12 -13.88
CA PHE D 250 -14.44 17.24 -14.18
C PHE D 250 -15.58 17.00 -15.20
N GLY D 251 -15.56 15.90 -15.91
CA GLY D 251 -16.55 15.68 -16.95
C GLY D 251 -17.93 15.44 -16.37
N GLU D 252 -18.94 16.09 -16.96
CA GLU D 252 -20.33 15.77 -16.63
C GLU D 252 -20.76 14.57 -17.42
N ASN D 253 -21.87 13.96 -17.02
CA ASN D 253 -22.38 12.81 -17.76
C ASN D 253 -22.47 13.10 -19.25
N ARG D 254 -21.85 12.21 -20.01
CA ARG D 254 -21.85 12.20 -21.46
C ARG D 254 -20.89 13.14 -22.16
N ASP D 255 -20.18 13.99 -21.42
CA ASP D 255 -19.18 14.86 -22.02
C ASP D 255 -18.17 14.03 -22.79
N ILE D 256 -17.75 14.50 -23.95
CA ILE D 256 -16.49 14.12 -24.58
C ILE D 256 -15.51 15.33 -24.55
N PHE D 257 -14.38 15.18 -23.86
CA PHE D 257 -13.29 16.16 -23.78
C PHE D 257 -12.30 15.94 -24.89
N PHE D 258 -11.74 17.01 -25.40
CA PHE D 258 -10.83 16.94 -26.55
C PHE D 258 -9.93 18.16 -26.56
N PRO D 259 -8.76 18.05 -27.16
CA PRO D 259 -7.87 19.22 -27.17
C PRO D 259 -8.26 20.26 -28.19
N LYS D 260 -8.52 21.48 -27.75
CA LYS D 260 -8.77 22.59 -28.67
C LYS D 260 -7.63 22.70 -29.68
N LEU D 261 -7.99 23.01 -30.91
CA LEU D 261 -6.98 23.24 -31.91
C LEU D 261 -6.39 24.62 -31.62
N SER D 262 -5.15 24.65 -31.18
CA SER D 262 -4.48 25.87 -30.76
C SER D 262 -3.45 26.24 -31.76
N GLU D 263 -2.91 27.43 -31.58
CA GLU D 263 -1.91 27.99 -32.46
C GLU D 263 -0.72 27.07 -32.63
N ALA D 264 -0.21 26.58 -31.50
CA ALA D 264 0.94 25.68 -31.47
C ALA D 264 0.80 24.44 -32.39
N LEU D 265 -0.34 23.74 -32.26
CA LEU D 265 -0.63 22.45 -32.91
C LEU D 265 -0.64 22.55 -34.43
N HIS D 266 0.32 21.88 -35.04
CA HIS D 266 0.42 21.89 -36.48
C HIS D 266 0.37 20.47 -37.00
N LEU D 267 -0.29 20.32 -38.13
CA LEU D 267 -0.26 19.11 -38.89
C LEU D 267 1.17 18.84 -39.36
N ILE D 268 1.75 17.72 -38.95
CA ILE D 268 3.07 17.24 -39.35
C ILE D 268 2.92 15.85 -39.95
N SER D 269 3.75 15.55 -40.94
CA SER D 269 3.75 14.23 -41.56
C SER D 269 4.61 13.24 -40.81
N PHE D 270 4.33 11.96 -40.96
CA PHE D 270 5.14 10.95 -40.34
C PHE D 270 6.58 11.05 -40.79
N ALA D 271 6.81 11.28 -42.10
CA ALA D 271 8.17 11.44 -42.59
C ALA D 271 8.90 12.63 -41.99
N ASP D 272 8.24 13.76 -41.80
CA ASP D 272 8.92 14.90 -41.18
C ASP D 272 9.27 14.66 -39.72
N ILE D 273 8.45 13.91 -39.00
CA ILE D 273 8.84 13.45 -37.66
C ILE D 273 10.06 12.52 -37.76
N ALA D 274 10.12 11.61 -38.74
CA ALA D 274 11.28 10.70 -38.79
C ALA D 274 12.58 11.49 -38.98
N VAL D 275 12.55 12.46 -39.87
CA VAL D 275 13.70 13.30 -40.10
C VAL D 275 14.21 14.03 -38.85
N LYS D 276 13.29 14.65 -38.11
CA LYS D 276 13.60 15.36 -36.88
C LYS D 276 14.14 14.43 -35.81
N TYR D 277 13.51 13.27 -35.71
CA TYR D 277 13.90 12.28 -34.74
C TYR D 277 15.32 11.79 -35.04
N LEU D 278 15.61 11.51 -36.31
CA LEU D 278 16.94 11.04 -36.67
C LEU D 278 17.96 12.11 -36.36
N LYS D 279 17.59 13.37 -36.57
CA LYS D 279 18.49 14.51 -36.33
C LYS D 279 18.80 14.67 -34.85
N GLN D 280 17.81 14.49 -33.97
CA GLN D 280 18.04 14.48 -32.52
C GLN D 280 19.10 13.44 -32.15
N LEU D 281 19.04 12.28 -32.77
CA LEU D 281 19.97 11.18 -32.51
C LEU D 281 21.35 11.39 -33.17
N GLY D 282 21.52 12.43 -33.97
CA GLY D 282 22.79 12.73 -34.59
C GLY D 282 23.04 12.11 -35.96
N TYR D 283 21.97 11.63 -36.60
CA TYR D 283 22.02 11.07 -37.96
C TYR D 283 21.29 11.96 -38.96
N GLU D 284 21.76 11.92 -40.21
CA GLU D 284 21.08 12.53 -41.32
CA GLU D 284 21.08 12.53 -41.33
C GLU D 284 20.38 11.44 -42.14
N PRO D 285 19.22 11.76 -42.72
CA PRO D 285 18.54 10.75 -43.52
C PRO D 285 19.21 10.52 -44.86
N HIS D 286 19.14 9.29 -45.35
CA HIS D 286 19.55 9.00 -46.68
C HIS D 286 18.32 8.39 -47.30
N LEU D 287 17.76 9.05 -48.30
CA LEU D 287 16.52 8.60 -48.90
C LEU D 287 16.84 7.49 -49.88
N CYS D 288 16.17 6.36 -49.73
CA CYS D 288 16.41 5.20 -50.56
C CYS D 288 15.26 5.01 -51.52
N GLU D 289 15.50 4.21 -52.55
CA GLU D 289 14.50 3.92 -53.58
C GLU D 289 13.67 2.70 -53.21
N SER D 290 14.31 1.60 -52.79
CA SER D 290 13.60 0.36 -52.49
C SER D 290 13.96 -0.23 -51.12
N GLU D 291 13.21 -1.25 -50.70
CA GLU D 291 13.53 -1.98 -49.47
C GLU D 291 14.88 -2.70 -49.58
N ASP D 292 15.16 -3.28 -50.75
CA ASP D 292 16.36 -4.10 -50.91
C ASP D 292 17.60 -3.24 -50.67
N GLU D 293 17.65 -2.12 -51.38
CA GLU D 293 18.67 -1.08 -51.19
C GLU D 293 18.68 -0.68 -49.72
N ALA D 294 17.53 -0.25 -49.22
CA ALA D 294 17.41 0.21 -47.81
C ALA D 294 18.07 -0.77 -46.82
N ARG D 295 17.74 -2.05 -46.96
CA ARG D 295 18.28 -3.10 -46.12
C ARG D 295 19.80 -3.17 -46.27
N GLU D 296 20.28 -3.16 -47.51
CA GLU D 296 21.72 -3.25 -47.76
C GLU D 296 22.47 -2.04 -47.20
N LEU D 297 21.85 -0.86 -47.27
CA LEU D 297 22.48 0.34 -46.75
C LEU D 297 22.44 0.40 -45.23
N ALA D 298 21.48 -0.29 -44.59
CA ALA D 298 21.41 -0.31 -43.11
C ALA D 298 22.63 -1.00 -42.47
N LYS D 299 23.34 -1.80 -43.26
CA LYS D 299 24.51 -2.51 -42.79
C LYS D 299 25.71 -1.57 -42.60
N THR D 300 25.91 -0.65 -43.53
CA THR D 300 27.07 0.22 -43.49
C THR D 300 26.77 1.69 -43.14
N LEU D 301 25.59 2.21 -43.47
CA LEU D 301 25.37 3.67 -43.37
C LEU D 301 25.35 4.22 -41.95
N PRO D 302 24.67 3.56 -41.00
CA PRO D 302 24.61 4.09 -39.66
C PRO D 302 25.96 4.39 -39.06
N ALA D 303 26.89 3.45 -39.17
CA ALA D 303 28.25 3.61 -38.61
C ALA D 303 28.93 4.91 -39.06
N GLN D 304 28.65 5.37 -40.29
CA GLN D 304 29.14 6.69 -40.77
C GLN D 304 28.06 7.80 -40.72
N GLY D 305 27.18 7.74 -39.73
CA GLY D 305 26.32 8.88 -39.36
C GLY D 305 25.10 9.19 -40.21
N LYS D 306 24.67 8.23 -41.03
CA LYS D 306 23.52 8.38 -41.95
C LYS D 306 22.52 7.25 -41.68
N TRP D 307 21.25 7.47 -41.99
CA TRP D 307 20.25 6.44 -41.77
C TRP D 307 19.31 6.28 -42.95
N PRO D 308 19.21 5.04 -43.49
CA PRO D 308 18.39 4.75 -44.65
C PRO D 308 16.91 4.91 -44.36
N CYS D 309 16.28 5.84 -45.05
CA CYS D 309 14.86 6.05 -44.93
C CYS D 309 14.14 5.73 -46.21
N LEU D 310 12.96 5.20 -46.06
CA LEU D 310 12.10 4.92 -47.16
C LEU D 310 10.82 5.69 -46.92
N PHE D 311 10.72 6.85 -47.56
CA PHE D 311 9.57 7.73 -47.38
C PHE D 311 8.57 7.53 -48.51
N THR D 312 7.36 7.16 -48.12
CA THR D 312 6.45 6.43 -48.97
C THR D 312 5.21 7.26 -49.23
N SER D 313 4.51 6.95 -50.31
CA SER D 313 3.22 7.60 -50.61
C SER D 313 2.25 6.67 -51.33
N SER D 314 0.97 7.06 -51.39
CA SER D 314 -0.04 6.28 -52.09
C SER D 314 -1.12 7.21 -52.63
N ASP D 315 -1.64 6.91 -53.81
CA ASP D 315 -2.64 7.77 -54.49
C ASP D 315 -3.96 7.92 -53.70
N THR D 316 -4.29 6.91 -52.89
CA THR D 316 -5.53 6.88 -52.09
C THR D 316 -5.54 7.98 -51.02
N GLU D 324 -10.55 17.47 -37.39
CA GLU D 324 -11.86 16.80 -37.32
C GLU D 324 -12.09 16.03 -36.00
N PHE D 325 -12.23 16.79 -34.90
CA PHE D 325 -12.69 16.25 -33.59
C PHE D 325 -14.19 16.36 -33.43
N PHE D 326 -14.80 17.38 -34.06
CA PHE D 326 -16.26 17.56 -34.02
C PHE D 326 -16.83 17.95 -35.40
N THR D 327 -18.15 17.80 -35.54
CA THR D 327 -18.92 18.21 -36.72
C THR D 327 -19.82 19.40 -36.38
N ASP D 328 -20.43 19.97 -37.42
CA ASP D 328 -21.49 20.97 -37.33
C ASP D 328 -22.60 20.59 -36.36
N LYS D 329 -22.93 19.29 -36.33
CA LYS D 329 -24.12 18.83 -35.62
C LYS D 329 -23.94 18.83 -34.09
N GLU D 330 -22.71 18.73 -33.61
CA GLU D 330 -22.54 18.56 -32.17
C GLU D 330 -22.73 19.87 -31.41
N THR D 331 -23.35 19.72 -30.24
CA THR D 331 -23.41 20.78 -29.26
C THR D 331 -22.09 20.81 -28.45
N LEU D 332 -21.55 22.01 -28.32
CA LEU D 332 -20.26 22.25 -27.76
C LEU D 332 -20.38 23.11 -26.52
N ASP D 333 -19.40 22.95 -25.61
CA ASP D 333 -19.11 23.94 -24.59
C ASP D 333 -17.62 24.25 -24.74
N MSE D 334 -17.31 25.42 -25.30
CA MSE D 334 -15.95 25.87 -25.48
C MSE D 334 -15.64 27.00 -24.51
O MSE D 334 -14.56 27.61 -24.59
CB MSE D 334 -15.72 26.32 -26.93
CG MSE D 334 -16.12 25.32 -27.99
SE MSE D 334 -14.99 23.73 -28.03
CE MSE D 334 -13.77 24.29 -29.44
N ALA D 335 -16.59 27.25 -23.60
CA ALA D 335 -16.50 28.32 -22.60
C ALA D 335 -15.79 27.84 -21.34
N ARG D 336 -16.11 26.62 -20.94
CA ARG D 336 -15.67 26.11 -19.65
C ARG D 336 -14.15 26.11 -19.48
N PHE D 337 -13.42 25.65 -20.47
CA PHE D 337 -11.96 25.55 -20.33
C PHE D 337 -11.29 26.33 -21.45
N ASP D 338 -10.07 26.80 -21.19
CA ASP D 338 -9.23 27.46 -22.18
C ASP D 338 -8.61 26.57 -23.25
N ASN D 339 -8.20 25.37 -22.88
CA ASN D 339 -7.46 24.48 -23.77
C ASN D 339 -8.23 23.22 -24.15
N LEU D 340 -9.36 22.99 -23.51
CA LEU D 340 -10.10 21.74 -23.65
C LEU D 340 -11.48 22.05 -24.20
N GLY D 341 -11.90 21.31 -25.20
CA GLY D 341 -13.27 21.43 -25.73
C GLY D 341 -14.11 20.33 -25.11
N ILE D 342 -15.40 20.58 -24.97
CA ILE D 342 -16.33 19.58 -24.49
C ILE D 342 -17.46 19.40 -25.48
N ILE D 343 -17.63 18.17 -26.00
CA ILE D 343 -18.84 17.82 -26.76
C ILE D 343 -19.90 17.31 -25.80
N LYS D 344 -21.08 17.88 -25.88
CA LYS D 344 -22.19 17.50 -25.01
C LYS D 344 -23.09 16.52 -25.75
N ASN D 345 -23.52 15.43 -25.11
CA ASN D 345 -24.65 14.62 -25.62
C ASN D 345 -25.55 14.32 -24.43
N TYR D 349 -29.35 5.81 -28.54
CA TYR D 349 -29.33 4.36 -28.73
C TYR D 349 -30.71 3.72 -28.80
N GLN D 350 -30.78 2.64 -29.56
CA GLN D 350 -31.96 1.81 -29.66
C GLN D 350 -31.81 0.48 -28.91
N GLN D 351 -32.60 0.31 -27.86
CA GLN D 351 -32.57 -0.90 -27.05
C GLN D 351 -32.59 -2.14 -27.95
N GLU D 352 -33.56 -2.21 -28.84
CA GLU D 352 -33.70 -3.40 -29.67
C GLU D 352 -32.39 -3.73 -30.39
N LEU D 353 -31.65 -2.69 -30.81
CA LEU D 353 -30.38 -2.87 -31.55
C LEU D 353 -29.25 -3.42 -30.68
N LEU D 354 -29.26 -3.06 -29.39
CA LEU D 354 -28.30 -3.61 -28.42
C LEU D 354 -28.59 -5.08 -28.11
N GLU D 355 -29.87 -5.42 -28.01
CA GLU D 355 -30.28 -6.83 -27.78
C GLU D 355 -29.87 -7.74 -28.92
N LEU D 356 -30.19 -7.31 -30.14
CA LEU D 356 -29.77 -8.00 -31.34
C LEU D 356 -28.29 -8.29 -31.35
N PHE D 357 -27.48 -7.31 -30.96
CA PHE D 357 -26.05 -7.44 -30.97
C PHE D 357 -25.61 -8.47 -29.92
N GLU D 358 -26.13 -8.34 -28.70
CA GLU D 358 -25.89 -9.31 -27.64
C GLU D 358 -26.29 -10.72 -28.07
N GLN D 359 -27.52 -10.87 -28.55
CA GLN D 359 -28.03 -12.17 -28.97
C GLN D 359 -27.22 -12.76 -30.13
N LYS D 360 -26.95 -11.95 -31.14
CA LYS D 360 -26.25 -12.46 -32.33
C LYS D 360 -24.84 -12.91 -32.01
N ILE D 361 -24.08 -12.09 -31.28
CA ILE D 361 -22.69 -12.41 -30.97
C ILE D 361 -22.67 -13.64 -30.07
N GLY D 362 -23.52 -13.62 -29.04
CA GLY D 362 -23.68 -14.76 -28.14
C GLY D 362 -23.85 -16.09 -28.86
N GLN D 363 -24.60 -16.07 -29.97
CA GLN D 363 -24.87 -17.26 -30.79
C GLN D 363 -23.67 -17.73 -31.60
N MSE D 364 -22.92 -16.82 -32.19
CA MSE D 364 -21.70 -17.20 -32.88
C MSE D 364 -20.76 -17.91 -31.87
O MSE D 364 -20.12 -18.91 -32.21
CB MSE D 364 -21.00 -15.98 -33.50
CG MSE D 364 -21.91 -14.98 -34.19
SE MSE D 364 -20.88 -13.63 -35.12
CE MSE D 364 -22.28 -12.28 -35.29
N LYS D 365 -20.68 -17.39 -30.64
CA LYS D 365 -19.91 -18.03 -29.59
C LYS D 365 -20.46 -19.41 -29.30
N THR D 366 -21.74 -19.48 -28.95
CA THR D 366 -22.41 -20.75 -28.74
C THR D 366 -22.06 -21.74 -29.85
N ASP D 367 -22.14 -21.32 -31.12
CA ASP D 367 -21.86 -22.19 -32.27
C ASP D 367 -20.38 -22.48 -32.54
N ARG D 368 -19.49 -21.77 -31.84
CA ARG D 368 -18.04 -22.01 -31.93
CA ARG D 368 -18.03 -21.93 -31.91
C ARG D 368 -17.46 -21.82 -33.33
N GLN D 369 -18.16 -21.06 -34.17
CA GLN D 369 -17.66 -20.77 -35.51
C GLN D 369 -18.48 -19.61 -36.04
N TRP D 370 -17.81 -18.73 -36.76
CA TRP D 370 -18.45 -17.60 -37.38
C TRP D 370 -17.50 -17.11 -38.47
N THR D 371 -18.00 -16.21 -39.30
CA THR D 371 -17.25 -15.68 -40.43
C THR D 371 -17.19 -14.15 -40.27
N LYS D 372 -16.14 -13.54 -40.83
CA LYS D 372 -16.03 -12.08 -40.87
C LYS D 372 -17.31 -11.47 -41.45
N GLU D 373 -17.75 -12.09 -42.54
CA GLU D 373 -18.87 -11.62 -43.34
C GLU D 373 -20.15 -11.46 -42.48
N GLU D 374 -20.42 -12.49 -41.69
CA GLU D 374 -21.54 -12.48 -40.72
C GLU D 374 -21.41 -11.32 -39.71
N ILE D 375 -20.18 -11.03 -39.26
CA ILE D 375 -19.94 -9.94 -38.28
C ILE D 375 -20.21 -8.60 -38.91
N VAL D 376 -19.55 -8.38 -40.06
CA VAL D 376 -19.78 -7.20 -40.92
C VAL D 376 -21.26 -6.96 -41.16
N GLN D 377 -22.02 -8.00 -41.46
CA GLN D 377 -23.46 -7.85 -41.71
C GLN D 377 -24.20 -7.40 -40.45
N LEU D 378 -23.74 -7.87 -39.29
CA LEU D 378 -24.36 -7.47 -38.04
C LEU D 378 -24.04 -6.00 -37.82
N PHE D 379 -22.83 -5.60 -38.18
CA PHE D 379 -22.39 -4.21 -38.04
C PHE D 379 -23.23 -3.22 -38.88
N PHE D 380 -23.61 -3.62 -40.08
CA PHE D 380 -24.46 -2.77 -40.93
C PHE D 380 -25.81 -2.46 -40.28
N ILE D 381 -26.48 -3.47 -39.72
CA ILE D 381 -27.72 -3.25 -38.97
C ILE D 381 -27.50 -2.25 -37.81
N MSE D 382 -26.33 -2.28 -37.23
CA MSE D 382 -26.01 -1.43 -36.08
C MSE D 382 -25.78 0.01 -36.52
O MSE D 382 -26.28 0.95 -35.91
CB MSE D 382 -24.79 -1.96 -35.35
CG MSE D 382 -24.89 -3.42 -34.92
SE MSE D 382 -26.34 -3.84 -33.72
CE MSE D 382 -26.13 -2.43 -32.41
N ILE D 383 -25.00 0.17 -37.58
CA ILE D 383 -24.66 1.48 -38.13
C ILE D 383 -25.09 1.58 -39.61
N PRO D 384 -26.39 1.82 -39.85
CA PRO D 384 -26.96 1.92 -41.20
C PRO D 384 -26.02 2.56 -42.23
N ASP D 385 -25.48 3.74 -41.89
CA ASP D 385 -24.59 4.50 -42.78
C ASP D 385 -23.22 3.85 -43.06
N PHE D 386 -22.81 2.89 -42.23
CA PHE D 386 -21.49 2.25 -42.38
C PHE D 386 -21.34 1.54 -43.73
PA NAD E . -6.41 0.16 27.09
O1A NAD E . -6.23 1.28 28.05
O2A NAD E . -5.13 -0.61 26.95
O5B NAD E . -6.55 0.68 25.59
C5B NAD E . -7.58 1.67 25.37
C4B NAD E . -7.09 2.39 24.10
O4B NAD E . -7.99 3.39 23.68
C3B NAD E . -5.72 3.08 24.39
O3B NAD E . -4.76 2.70 23.42
C2B NAD E . -6.08 4.58 24.30
O2B NAD E . -4.99 5.42 23.94
C1B NAD E . -7.22 4.48 23.26
N9A NAD E . -8.05 5.67 23.29
C8A NAD E . -8.68 6.19 24.35
N7A NAD E . -9.30 7.28 24.04
C5A NAD E . -9.14 7.45 22.69
C6A NAD E . -9.55 8.42 21.79
N6A NAD E . -10.37 9.42 22.26
N1A NAD E . -9.20 8.33 20.51
C2A NAD E . -8.42 7.34 20.09
N3A NAD E . -7.99 6.42 20.91
C4A NAD E . -8.33 6.44 22.20
O3 NAD E . -7.68 -0.72 27.55
PN NAD E . -7.75 -2.29 27.10
O1N NAD E . -7.22 -3.17 28.21
O2N NAD E . -7.23 -2.70 25.78
O5D NAD E . -9.38 -2.51 27.26
C5D NAD E . -10.09 -2.02 26.14
C4D NAD E . -11.59 -2.21 26.36
O4D NAD E . -11.85 -3.53 26.92
C3D NAD E . -12.09 -1.19 27.43
O3D NAD E . -13.48 -0.85 27.25
C2D NAD E . -12.02 -2.02 28.74
O2D NAD E . -12.92 -1.53 29.74
C1D NAD E . -12.45 -3.39 28.25
N1N NAD E . -12.04 -4.47 29.16
C2N NAD E . -10.74 -4.65 29.38
C3N NAD E . -10.29 -5.66 30.21
C7N NAD E . -8.85 -5.85 30.49
O7N NAD E . -8.57 -6.72 31.31
N7N NAD E . -7.89 -5.11 29.93
C4N NAD E . -11.22 -6.50 30.84
C5N NAD E . -12.57 -6.30 30.57
C6N NAD E . -12.96 -5.26 29.73
S SCN F . -4.59 -8.37 34.29
C SCN F . -4.97 -7.42 35.76
N SCN F . -5.21 -6.82 36.76
S SCN G . -10.79 -13.80 25.76
C SCN G . -11.49 -13.24 27.29
N SCN G . -11.96 -12.86 28.30
NA NA H . -18.57 1.66 -0.55
NA NA I . -15.36 -7.17 -0.08
NA NA J . -13.59 9.83 -0.40
PA NAD K . 6.52 11.74 25.39
O1A NAD K . 5.79 11.12 24.28
O2A NAD K . 7.19 10.65 26.18
O5B NAD K . 5.50 12.52 26.36
C5B NAD K . 4.64 13.39 25.67
C4B NAD K . 3.41 13.42 26.54
O4B NAD K . 2.45 14.38 26.06
C3B NAD K . 2.75 12.03 26.45
O3B NAD K . 2.64 11.57 27.76
C2B NAD K . 1.33 12.31 25.86
O2B NAD K . 0.40 11.40 26.43
C1B NAD K . 1.15 13.81 26.26
N9A NAD K . 0.16 14.48 25.43
C8A NAD K . 0.01 14.52 24.08
N7A NAD K . -1.06 15.22 23.74
C5A NAD K . -1.64 15.65 24.86
C6A NAD K . -2.76 16.34 25.15
N6A NAD K . -3.53 16.83 24.18
N1A NAD K . -3.08 16.59 26.42
C2A NAD K . -2.32 16.12 27.40
N3A NAD K . -1.26 15.40 27.15
C4A NAD K . -0.89 15.17 25.92
O3 NAD K . 7.60 12.74 24.80
PN NAD K . 8.94 13.05 25.62
O1N NAD K . 10.15 12.16 25.27
O2N NAD K . 8.73 13.29 27.12
O5D NAD K . 9.39 14.41 24.98
C5D NAD K . 8.66 15.44 25.67
C4D NAD K . 9.08 16.71 24.94
O4D NAD K . 10.53 16.82 24.95
C3D NAD K . 8.70 16.60 23.46
O3D NAD K . 8.50 17.87 22.89
C2D NAD K . 9.93 16.02 22.79
O2D NAD K . 9.94 16.51 21.48
C1D NAD K . 11.01 16.72 23.59
N1N NAD K . 12.28 15.97 23.44
C2N NAD K . 12.47 14.82 24.06
C3N NAD K . 13.72 14.15 23.90
C7N NAD K . 13.96 12.85 24.55
O7N NAD K . 15.06 12.33 24.47
N7N NAD K . 12.96 12.21 25.20
C4N NAD K . 14.74 14.72 23.14
C5N NAD K . 14.52 15.94 22.55
C6N NAD K . 13.26 16.54 22.72
PA NAD L . 7.82 -13.05 -22.52
O1A NAD L . 7.05 -12.30 -21.48
O2A NAD L . 8.62 -12.08 -23.35
O5B NAD L . 6.84 -13.81 -23.55
C5B NAD L . 5.64 -14.35 -22.98
C4B NAD L . 4.58 -14.25 -24.09
O4B NAD L . 3.40 -15.01 -23.76
C3B NAD L . 4.15 -12.80 -24.31
O3B NAD L . 4.39 -12.41 -25.66
C2B NAD L . 2.66 -12.83 -23.97
O2B NAD L . 1.93 -11.83 -24.68
C1B NAD L . 2.33 -14.28 -24.38
N9A NAD L . 1.09 -14.68 -23.76
C8A NAD L . 0.79 -14.65 -22.42
N7A NAD L . -0.42 -15.08 -22.16
C5A NAD L . -0.94 -15.46 -23.35
C6A NAD L . -2.16 -15.95 -23.73
N6A NAD L . -3.11 -16.20 -22.82
N1A NAD L . -2.40 -16.18 -25.00
C2A NAD L . -1.48 -15.94 -25.90
N3A NAD L . -0.29 -15.44 -25.63
C4A NAD L . 0.01 -15.21 -24.38
O3 NAD L . 8.61 -14.11 -21.70
PN NAD L . 9.79 -14.82 -22.48
O1N NAD L . 11.19 -14.26 -22.01
O2N NAD L . 9.66 -14.79 -24.00
O5D NAD L . 9.88 -16.32 -21.95
C5D NAD L . 8.99 -17.22 -22.64
C4D NAD L . 9.22 -18.53 -21.90
O4D NAD L . 10.66 -18.73 -21.82
C3D NAD L . 8.74 -18.34 -20.45
O3D NAD L . 8.09 -19.49 -19.94
C2D NAD L . 10.04 -18.13 -19.63
O2D NAD L . 9.91 -18.57 -18.25
C1D NAD L . 11.03 -18.99 -20.46
N1N NAD L . 12.39 -18.53 -20.13
C2N NAD L . 12.79 -17.31 -20.45
C3N NAD L . 14.06 -16.84 -20.08
C7N NAD L . 14.57 -15.50 -20.45
O7N NAD L . 15.73 -15.18 -20.14
N7N NAD L . 13.77 -14.68 -21.14
C4N NAD L . 14.93 -17.72 -19.37
C5N NAD L . 14.46 -18.99 -19.07
C6N NAD L . 13.18 -19.35 -19.46
S SCN M . 18.36 -10.94 -19.43
C SCN M . 18.35 -10.07 -17.89
N SCN M . 18.29 -9.43 -16.90
PA NAD N . -2.40 0.57 -25.96
O1A NAD N . -2.26 -0.56 -26.94
O2A NAD N . -1.02 1.09 -25.71
O5B NAD N . -2.97 0.17 -24.53
C5B NAD N . -4.04 -0.77 -24.61
C4B NAD N . -3.88 -1.50 -23.28
O4B NAD N . -5.04 -2.29 -23.04
C3B NAD N . -2.65 -2.43 -23.33
O3B NAD N . -1.84 -2.26 -22.19
C2B NAD N . -3.32 -3.81 -23.41
O2B NAD N . -2.55 -4.86 -22.90
C1B NAD N . -4.55 -3.53 -22.54
N9A NAD N . -5.60 -4.54 -22.66
C8A NAD N . -6.17 -4.95 -23.81
N7A NAD N . -7.07 -5.86 -23.59
C5A NAD N . -7.15 -6.05 -22.21
C6A NAD N . -7.89 -6.89 -21.37
N6A NAD N . -8.86 -7.74 -21.92
N1A NAD N . -7.71 -6.84 -20.04
C2A NAD N . -6.79 -6.00 -19.51
N3A NAD N . -6.04 -5.22 -20.24
C4A NAD N . -6.20 -5.21 -21.59
O3 NAD N . -3.32 1.58 -26.75
PN NAD N . -3.30 3.13 -26.32
O1N NAD N . -2.52 3.96 -27.33
O2N NAD N . -2.95 3.50 -24.93
O5D NAD N . -4.85 3.61 -26.64
C5D NAD N . -5.75 3.41 -25.56
C4D NAD N . -7.18 3.83 -26.06
O4D NAD N . -7.12 5.15 -26.62
C3D NAD N . -7.72 2.95 -27.17
O3D NAD N . -9.15 3.04 -27.32
C2D NAD N . -7.09 3.66 -28.37
O2D NAD N . -7.67 3.34 -29.62
C1D NAD N . -7.46 5.09 -28.00
N1N NAD N . -6.69 6.06 -28.79
C2N NAD N . -5.37 5.99 -28.84
C3N NAD N . -4.64 6.89 -29.61
C7N NAD N . -3.17 6.84 -29.71
O7N NAD N . -2.67 7.62 -30.53
N7N NAD N . -2.41 5.99 -28.95
C4N NAD N . -5.33 7.86 -30.34
C5N NAD N . -6.70 7.91 -30.26
C6N NAD N . -7.36 6.97 -29.47
S SCN O . 1.80 8.52 -32.73
C SCN O . 2.31 7.75 -34.22
N SCN O . 2.73 7.16 -35.15
S SCN P . -4.43 15.24 -25.23
C SCN P . -4.81 14.60 -26.82
N SCN P . -5.07 14.22 -27.90
#